data_1UKT
#
_entry.id   1UKT
#
_cell.length_a   65.68
_cell.length_b   74.47
_cell.length_c   80.10
_cell.angle_alpha   85.29
_cell.angle_beta   105.59
_cell.angle_gamma   100.81
#
_symmetry.space_group_name_H-M   'P 1'
#
loop_
_entity.id
_entity.type
_entity.pdbx_description
1 polymer 'Cyclomaltodextrin glucanotransferase'
2 branched 4,6-dideoxy-alpha-D-xylo-hexopyranose-(1-4)-alpha-D-glucopyranose-(1-4)-beta-D-galactopyranose
3 non-polymer 6-AMINO-4-HYDROXYMETHYL-CYCLOHEX-4-ENE-1,2,3-TRIOL
4 non-polymer 'CALCIUM ION'
5 water water
#
_entity_poly.entity_id   1
_entity_poly.type   'polypeptide(L)'
_entity_poly.pdbx_seq_one_letter_code
;APDTSVSNKQNFSTDVIYQIFTDRFSDGNPANNPTGAAFDGSCTNLRLYCGGDWQGIINKINDGYLTGMGITAIWISQPV
ENIYSVINYSGVNNTAYHGLWARDFKKTNPAYGTMQDFKNLIDTAHAHNIKVIIDFAPNHTSPASSDDPSFAENGRLYDN
GNLLGGYTNDTQNLFHHYGGTDFSTIENGIYKNLYDLADLNHNNSSVDVYLKDAIKMWLDLGVDGIRVDAVKHMPFGWQK
SFMATINNYKPVFTFGEWFLGVNEISPEYHQFANESGMSLLDFRFAQKARQVFRDNTDNMYGLKAMLEGSEVDYAQVNDQ
VTFIDNHDMERFHTSNGDRRKLEQALAFTLTSRGVPAIYYGSEQYMSGGNDPDNRARLPSFSTTTTAYQVIQKLAPLRKS
NPAIAYGSTHERWINNDVIIYERKFGNNVAVVAINRNMNTPASITGLVTSLPRGSYNDVLGGILNGNTLTVGAGGAASNF
TLAPGGTAVWQYTTDATTPIIGNVGPMMAKPGVTITIDGRGFGSGKGTVYFGTTAVTGADIVAWEDTQIQVKIPAVPGGI
YDIRVANAAGAASNIYDNFEVLTGDQVTVRFVINNATTALGQNVFLTGNVSELGNWDPNNAIGPMYNQVVYQYPTWYYDV
SVPAGQTIEFKFLKKQGSTVTWEGGANRTFTTPTSGTATVNVNWQP
;
_entity_poly.pdbx_strand_id   A,B
#
loop_
_chem_comp.id
_chem_comp.type
_chem_comp.name
_chem_comp.formula
ACI non-polymer 6-AMINO-4-HYDROXYMETHYL-CYCLOHEX-4-ENE-1,2,3-TRIOL 'C7 H13 N O4'
CA non-polymer 'CALCIUM ION' 'Ca 2'
GAL D-saccharide, beta linking beta-D-galactopyranose 'C6 H12 O6'
GLC D-saccharide, alpha linking alpha-D-glucopyranose 'C6 H12 O6'
GLD D-saccharide, alpha linking 4,6-dideoxy-alpha-D-xylo-hexopyranose 'C6 H12 O4'
#
# COMPACT_ATOMS: atom_id res chain seq x y z
N ALA A 1 -20.14 1.89 21.04
CA ALA A 1 -19.73 3.29 21.35
C ALA A 1 -18.67 3.68 20.34
N PRO A 2 -18.44 4.98 20.15
CA PRO A 2 -17.42 5.38 19.17
C PRO A 2 -16.00 4.95 19.52
N ASP A 3 -15.11 5.09 18.53
CA ASP A 3 -13.72 4.72 18.69
C ASP A 3 -12.96 5.67 19.64
N THR A 4 -13.48 6.87 19.82
CA THR A 4 -12.89 7.90 20.68
C THR A 4 -13.38 7.82 22.14
N SER A 5 -14.33 6.93 22.40
CA SER A 5 -14.90 6.76 23.73
C SER A 5 -13.85 6.34 24.77
N VAL A 6 -14.02 6.82 26.00
CA VAL A 6 -13.11 6.49 27.10
C VAL A 6 -13.25 5.02 27.50
N SER A 7 -14.34 4.40 27.08
CA SER A 7 -14.58 2.99 27.34
C SER A 7 -13.69 2.09 26.46
N ASN A 8 -13.05 2.70 25.47
CA ASN A 8 -12.20 1.96 24.55
C ASN A 8 -10.82 1.73 25.14
N LYS A 9 -10.70 0.61 25.86
CA LYS A 9 -9.46 0.23 26.50
C LYS A 9 -8.57 -0.61 25.58
N GLN A 10 -9.18 -1.22 24.57
CA GLN A 10 -8.43 -2.03 23.64
C GLN A 10 -7.46 -1.15 22.85
N ASN A 11 -7.96 -0.06 22.26
CA ASN A 11 -7.12 0.83 21.42
C ASN A 11 -6.91 2.23 21.94
N PHE A 12 -5.71 2.75 21.71
CA PHE A 12 -5.28 4.07 22.16
C PHE A 12 -4.72 4.99 21.06
N SER A 13 -4.77 4.59 19.80
CA SER A 13 -4.22 5.46 18.77
C SER A 13 -4.81 6.89 18.74
N THR A 14 -6.07 7.05 19.15
CA THR A 14 -6.71 8.37 19.16
C THR A 14 -6.47 9.14 20.49
N ASP A 15 -5.56 8.64 21.33
CA ASP A 15 -5.27 9.24 22.63
C ASP A 15 -3.87 9.84 22.72
N VAL A 16 -3.70 10.78 23.65
CA VAL A 16 -2.39 11.37 23.91
C VAL A 16 -2.10 10.97 25.34
N ILE A 17 -0.98 10.28 25.54
CA ILE A 17 -0.56 9.80 26.85
C ILE A 17 0.39 10.73 27.60
N TYR A 18 0.07 10.99 28.87
CA TYR A 18 0.89 11.83 29.74
C TYR A 18 1.56 10.90 30.77
N GLN A 19 2.86 10.67 30.61
CA GLN A 19 3.60 9.80 31.51
C GLN A 19 4.01 10.54 32.76
N ILE A 20 3.48 10.09 33.90
CA ILE A 20 3.74 10.71 35.19
C ILE A 20 4.48 9.82 36.17
N PHE A 21 5.36 10.44 36.96
CA PHE A 21 6.08 9.76 38.03
C PHE A 21 5.33 10.27 39.26
N THR A 22 4.31 9.53 39.68
CA THR A 22 3.49 9.89 40.84
C THR A 22 4.20 10.71 41.90
N ASP A 23 5.34 10.22 42.34
CA ASP A 23 6.11 10.88 43.38
C ASP A 23 6.53 12.30 43.02
N ARG A 24 6.96 12.50 41.79
CA ARG A 24 7.43 13.80 41.30
C ARG A 24 6.42 14.71 40.59
N PHE A 25 5.14 14.46 40.79
CA PHE A 25 4.11 15.26 40.16
C PHE A 25 3.47 16.24 41.15
N SER A 26 2.53 15.76 41.97
CA SER A 26 1.89 16.63 42.94
C SER A 26 1.48 15.94 44.23
N ASP A 27 1.98 16.47 45.34
CA ASP A 27 1.69 15.95 46.67
C ASP A 27 0.35 16.49 47.15
N GLY A 28 -0.72 15.82 46.77
CA GLY A 28 -2.05 16.24 47.19
C GLY A 28 -2.41 15.87 48.61
N ASN A 29 -1.56 15.08 49.24
CA ASN A 29 -1.79 14.65 50.63
C ASN A 29 -0.45 14.37 51.33
N PRO A 30 -0.16 15.15 52.39
CA PRO A 30 1.08 15.03 53.20
C PRO A 30 0.97 13.94 54.28
N ALA A 31 -0.24 13.72 54.79
CA ALA A 31 -0.49 12.71 55.81
C ALA A 31 0.02 11.35 55.40
N ASN A 32 0.05 11.10 54.09
CA ASN A 32 0.50 9.81 53.57
C ASN A 32 1.97 9.78 53.17
N ASN A 33 2.65 10.90 53.36
CA ASN A 33 4.06 11.01 53.01
C ASN A 33 4.96 10.17 53.89
N PRO A 34 5.96 9.50 53.30
CA PRO A 34 6.90 8.68 54.06
C PRO A 34 7.65 9.63 54.99
N THR A 35 8.26 9.10 56.05
CA THR A 35 8.96 9.92 57.03
C THR A 35 10.39 9.42 57.26
N GLY A 36 11.19 10.20 57.97
CA GLY A 36 12.57 9.81 58.25
C GLY A 36 13.52 10.07 57.09
N ALA A 37 14.49 9.18 56.92
CA ALA A 37 15.46 9.33 55.83
C ALA A 37 14.96 8.77 54.52
N ALA A 38 13.65 8.60 54.42
CA ALA A 38 13.03 8.08 53.20
C ALA A 38 12.30 9.22 52.51
N PHE A 39 12.16 10.32 53.22
CA PHE A 39 11.45 11.44 52.67
C PHE A 39 12.37 12.62 52.46
N ASP A 40 12.11 13.36 51.39
CA ASP A 40 12.88 14.55 51.06
C ASP A 40 11.93 15.59 50.44
N GLY A 41 11.10 16.19 51.30
CA GLY A 41 10.13 17.18 50.88
C GLY A 41 10.59 18.30 49.96
N SER A 42 11.90 18.48 49.83
CA SER A 42 12.48 19.52 48.98
C SER A 42 12.98 18.94 47.65
N CYS A 43 12.70 17.65 47.43
CA CYS A 43 13.14 16.94 46.25
C CYS A 43 14.53 17.36 45.78
N THR A 44 15.43 17.45 46.76
CA THR A 44 16.81 17.81 46.56
C THR A 44 17.61 16.54 46.24
N ASN A 45 17.37 15.51 47.03
CA ASN A 45 18.00 14.21 46.80
C ASN A 45 16.95 13.45 45.98
N LEU A 46 17.22 13.34 44.70
CA LEU A 46 16.30 12.70 43.75
C LEU A 46 16.10 11.19 43.84
N ARG A 47 16.68 10.55 44.83
CA ARG A 47 16.52 9.11 44.97
C ARG A 47 15.63 8.81 46.16
N LEU A 48 15.00 9.86 46.70
CA LEU A 48 14.12 9.78 47.85
C LEU A 48 12.69 10.10 47.46
N TYR A 49 11.76 9.81 48.35
CA TYR A 49 10.38 10.13 48.10
C TYR A 49 10.29 11.65 48.22
N CYS A 50 9.55 12.29 47.32
CA CYS A 50 9.37 13.73 47.39
C CYS A 50 7.96 14.02 47.91
N GLY A 51 7.10 13.01 47.88
CA GLY A 51 5.76 13.18 48.41
C GLY A 51 4.56 13.07 47.48
N GLY A 52 4.79 13.14 46.17
CA GLY A 52 3.70 13.06 45.22
C GLY A 52 2.80 11.87 45.48
N ASP A 53 1.51 12.02 45.21
CA ASP A 53 0.53 10.95 45.41
C ASP A 53 -0.59 11.00 44.38
N TRP A 54 -1.52 10.06 44.49
CA TRP A 54 -2.66 9.98 43.59
C TRP A 54 -3.60 11.14 43.77
N GLN A 55 -3.81 11.55 45.01
CA GLN A 55 -4.66 12.70 45.27
C GLN A 55 -4.09 13.93 44.59
N GLY A 56 -2.79 13.89 44.30
CA GLY A 56 -2.12 15.00 43.67
C GLY A 56 -2.47 15.13 42.20
N ILE A 57 -2.80 14.01 41.56
CA ILE A 57 -3.17 14.03 40.13
C ILE A 57 -4.67 14.33 40.02
N ILE A 58 -5.47 13.84 40.96
CA ILE A 58 -6.89 14.11 40.96
C ILE A 58 -7.05 15.64 40.97
N ASN A 59 -6.18 16.33 41.69
CA ASN A 59 -6.19 17.79 41.78
C ASN A 59 -5.85 18.46 40.46
N LYS A 60 -4.87 17.90 39.76
CA LYS A 60 -4.43 18.44 38.48
C LYS A 60 -5.38 18.10 37.33
N ILE A 61 -6.30 17.16 37.57
CA ILE A 61 -7.30 16.77 36.58
C ILE A 61 -8.51 17.65 36.80
N ASN A 62 -8.77 17.95 38.07
CA ASN A 62 -9.89 18.76 38.49
C ASN A 62 -9.74 20.24 38.21
N ASP A 63 -8.57 20.80 38.46
CA ASP A 63 -8.39 22.22 38.20
C ASP A 63 -8.04 22.49 36.76
N GLY A 64 -8.36 21.53 35.90
CA GLY A 64 -8.10 21.65 34.46
C GLY A 64 -6.70 21.74 33.89
N TYR A 65 -5.66 21.52 34.71
CA TYR A 65 -4.30 21.57 34.17
C TYR A 65 -3.99 20.51 33.10
N LEU A 66 -4.31 19.26 33.40
CA LEU A 66 -4.07 18.14 32.48
C LEU A 66 -5.04 18.16 31.31
N THR A 67 -6.33 18.25 31.62
CA THR A 67 -7.40 18.30 30.62
C THR A 67 -7.21 19.51 29.67
N GLY A 68 -6.96 20.68 30.24
CA GLY A 68 -6.75 21.87 29.44
C GLY A 68 -5.58 21.73 28.48
N MET A 69 -4.74 20.73 28.72
CA MET A 69 -3.58 20.49 27.87
C MET A 69 -3.89 19.59 26.67
N GLY A 70 -5.04 18.91 26.73
CA GLY A 70 -5.46 18.02 25.66
C GLY A 70 -5.28 16.55 25.97
N ILE A 71 -4.65 16.23 27.10
CA ILE A 71 -4.39 14.85 27.48
C ILE A 71 -5.63 13.96 27.68
N THR A 72 -5.55 12.74 27.15
CA THR A 72 -6.66 11.78 27.25
C THR A 72 -6.20 10.43 27.82
N ALA A 73 -5.09 10.41 28.55
CA ALA A 73 -4.61 9.17 29.15
C ALA A 73 -3.37 9.46 29.93
N ILE A 74 -3.40 9.10 31.21
CA ILE A 74 -2.25 9.27 32.08
C ILE A 74 -1.68 7.88 32.31
N TRP A 75 -0.36 7.80 32.32
CA TRP A 75 0.35 6.55 32.51
C TRP A 75 1.11 6.80 33.80
N ILE A 76 0.73 6.09 34.87
CA ILE A 76 1.34 6.28 36.19
C ILE A 76 2.34 5.21 36.66
N SER A 77 2.89 5.42 37.86
CA SER A 77 3.84 4.50 38.48
C SER A 77 3.12 3.25 39.02
N GLN A 78 3.89 2.18 39.22
CA GLN A 78 3.36 0.90 39.72
C GLN A 78 2.59 1.17 40.99
N PRO A 79 1.28 0.85 41.01
CA PRO A 79 0.46 1.09 42.20
C PRO A 79 0.67 0.09 43.32
N VAL A 80 1.46 -0.94 43.04
CA VAL A 80 1.71 -2.03 43.98
C VAL A 80 2.59 -1.70 45.19
N GLU A 81 2.22 -2.26 46.34
CA GLU A 81 2.97 -2.03 47.59
C GLU A 81 4.42 -2.35 47.43
N ASN A 82 5.28 -1.42 47.80
CA ASN A 82 6.72 -1.63 47.68
C ASN A 82 7.38 -1.91 49.02
N ILE A 83 8.67 -2.24 48.97
CA ILE A 83 9.48 -2.51 50.15
C ILE A 83 9.67 -1.14 50.80
N TYR A 84 9.77 -1.08 52.12
CA TYR A 84 9.94 0.21 52.78
C TYR A 84 11.38 0.60 53.06
N SER A 85 12.31 -0.24 52.65
CA SER A 85 13.72 -0.04 52.88
C SER A 85 14.38 1.19 52.26
N VAL A 86 15.30 1.79 53.02
CA VAL A 86 16.08 2.94 52.58
C VAL A 86 17.44 2.31 52.40
N ILE A 87 17.73 1.97 51.14
CA ILE A 87 18.96 1.31 50.77
C ILE A 87 20.10 2.29 50.54
N ASN A 88 21.23 2.04 51.19
CA ASN A 88 22.34 2.94 51.05
C ASN A 88 23.36 2.43 50.04
N TYR A 89 23.03 2.45 48.76
CA TYR A 89 23.97 1.98 47.75
C TYR A 89 25.18 2.88 47.76
N SER A 90 26.18 2.41 48.51
CA SER A 90 27.46 3.08 48.66
C SER A 90 27.36 4.58 48.91
N GLY A 91 27.16 4.94 50.18
CA GLY A 91 27.03 6.35 50.52
C GLY A 91 25.66 6.94 50.28
N VAL A 92 25.08 6.66 49.11
CA VAL A 92 23.78 7.22 48.76
C VAL A 92 22.57 6.39 49.15
N ASN A 93 21.66 7.00 49.90
CA ASN A 93 20.44 6.33 50.30
C ASN A 93 19.57 6.30 49.05
N ASN A 94 18.76 5.26 48.94
CA ASN A 94 17.87 5.05 47.80
C ASN A 94 16.57 4.45 48.29
N THR A 95 15.47 4.84 47.66
CA THR A 95 14.17 4.34 48.07
C THR A 95 13.39 3.90 46.84
N ALA A 96 12.25 3.26 47.09
CA ALA A 96 11.36 2.76 46.05
C ALA A 96 10.39 3.83 45.53
N TYR A 97 10.84 5.07 45.37
CA TYR A 97 9.95 6.14 44.89
C TYR A 97 9.41 5.82 43.50
N HIS A 98 10.16 5.01 42.76
CA HIS A 98 9.83 4.62 41.38
C HIS A 98 8.80 3.49 41.20
N GLY A 99 8.36 2.88 42.30
CA GLY A 99 7.37 1.82 42.22
C GLY A 99 7.82 0.47 41.68
N LEU A 100 9.06 0.38 41.19
CA LEU A 100 9.60 -0.89 40.64
C LEU A 100 10.20 -1.95 41.59
N TRP A 101 9.90 -1.89 42.89
CA TRP A 101 10.43 -2.88 43.85
C TRP A 101 9.24 -3.49 44.58
N ALA A 102 8.46 -4.27 43.86
CA ALA A 102 7.25 -4.85 44.39
C ALA A 102 7.40 -5.64 45.69
N ARG A 103 6.38 -5.59 46.52
CA ARG A 103 6.39 -6.31 47.77
C ARG A 103 5.15 -7.14 47.91
N ASP A 104 4.06 -6.66 47.31
CA ASP A 104 2.78 -7.35 47.38
C ASP A 104 1.96 -6.78 46.24
N PHE A 105 1.86 -7.54 45.16
CA PHE A 105 1.09 -7.14 43.98
C PHE A 105 -0.39 -7.04 44.18
N LYS A 106 -0.86 -7.26 45.40
CA LYS A 106 -2.29 -7.22 45.68
C LYS A 106 -2.70 -6.07 46.58
N LYS A 107 -1.74 -5.24 46.94
CA LYS A 107 -2.02 -4.11 47.80
C LYS A 107 -1.35 -2.89 47.21
N THR A 108 -1.89 -1.71 47.52
CA THR A 108 -1.33 -0.45 47.02
C THR A 108 -0.15 0.05 47.84
N ASN A 109 0.63 0.94 47.25
CA ASN A 109 1.77 1.52 47.92
C ASN A 109 1.15 2.66 48.71
N PRO A 110 1.16 2.56 50.05
CA PRO A 110 0.59 3.58 50.93
C PRO A 110 0.92 5.03 50.57
N ALA A 111 2.19 5.30 50.23
CA ALA A 111 2.64 6.65 49.88
C ALA A 111 1.88 7.28 48.71
N TYR A 112 1.48 6.45 47.74
CA TYR A 112 0.75 6.91 46.57
C TYR A 112 -0.74 7.12 46.89
N GLY A 113 -1.25 6.37 47.85
CA GLY A 113 -2.65 6.49 48.20
C GLY A 113 -3.18 5.14 48.60
N THR A 114 -4.45 5.10 48.98
CA THR A 114 -5.05 3.84 49.40
C THR A 114 -5.91 3.21 48.29
N MET A 115 -6.50 2.08 48.60
CA MET A 115 -7.36 1.38 47.65
C MET A 115 -8.52 2.31 47.26
N GLN A 116 -8.98 3.12 48.20
CA GLN A 116 -10.08 4.06 47.95
C GLN A 116 -9.57 5.22 47.11
N ASP A 117 -8.34 5.62 47.39
CA ASP A 117 -7.69 6.69 46.67
C ASP A 117 -7.55 6.25 45.22
N PHE A 118 -7.38 4.95 44.99
CA PHE A 118 -7.23 4.44 43.63
C PHE A 118 -8.57 4.50 42.83
N LYS A 119 -9.69 4.17 43.46
CA LYS A 119 -11.00 4.22 42.80
C LYS A 119 -11.30 5.66 42.44
N ASN A 120 -11.05 6.56 43.39
CA ASN A 120 -11.24 8.00 43.21
C ASN A 120 -10.52 8.44 41.97
N LEU A 121 -9.30 7.96 41.82
CA LEU A 121 -8.47 8.29 40.67
C LEU A 121 -9.07 7.75 39.36
N ILE A 122 -9.47 6.49 39.37
CA ILE A 122 -10.02 5.89 38.18
C ILE A 122 -11.30 6.62 37.80
N ASP A 123 -12.07 7.02 38.81
CA ASP A 123 -13.33 7.70 38.57
C ASP A 123 -13.24 9.18 38.18
N THR A 124 -12.24 9.87 38.70
CA THR A 124 -12.04 11.27 38.36
C THR A 124 -11.48 11.33 36.94
N ALA A 125 -10.64 10.35 36.61
CA ALA A 125 -10.05 10.24 35.28
C ALA A 125 -11.15 9.96 34.25
N HIS A 126 -11.91 8.89 34.46
CA HIS A 126 -12.97 8.53 33.55
C HIS A 126 -14.03 9.62 33.39
N ALA A 127 -14.47 10.22 34.50
CA ALA A 127 -15.49 11.28 34.49
C ALA A 127 -15.02 12.50 33.67
N HIS A 128 -13.70 12.57 33.45
CA HIS A 128 -13.10 13.64 32.66
C HIS A 128 -12.58 13.03 31.35
N ASN A 129 -13.02 11.81 31.09
CA ASN A 129 -12.68 11.03 29.90
C ASN A 129 -11.20 10.86 29.66
N ILE A 130 -10.48 10.56 30.73
CA ILE A 130 -9.04 10.33 30.70
C ILE A 130 -8.87 8.86 31.10
N LYS A 131 -8.03 8.14 30.38
CA LYS A 131 -7.79 6.72 30.66
C LYS A 131 -6.55 6.53 31.54
N VAL A 132 -6.58 5.50 32.38
CA VAL A 132 -5.46 5.20 33.26
C VAL A 132 -4.70 3.93 32.88
N ILE A 133 -3.39 4.06 32.70
CA ILE A 133 -2.51 2.95 32.39
C ILE A 133 -1.62 2.83 33.63
N ILE A 134 -1.31 1.61 34.04
CA ILE A 134 -0.42 1.39 35.18
C ILE A 134 0.85 0.62 34.76
N ASP A 135 1.86 0.60 35.61
CA ASP A 135 3.08 -0.14 35.35
C ASP A 135 2.92 -1.45 36.06
N PHE A 136 3.54 -2.49 35.53
CA PHE A 136 3.47 -3.82 36.12
C PHE A 136 4.83 -4.40 35.83
N ALA A 137 5.52 -4.80 36.89
CA ALA A 137 6.85 -5.35 36.76
C ALA A 137 6.91 -6.79 37.32
N PRO A 138 6.38 -7.78 36.56
CA PRO A 138 6.38 -9.19 36.99
C PRO A 138 7.72 -9.92 36.88
N ASN A 139 8.78 -9.21 36.51
CA ASN A 139 10.08 -9.83 36.37
C ASN A 139 10.88 -9.94 37.66
N HIS A 140 10.39 -9.36 38.75
CA HIS A 140 11.16 -9.41 39.98
C HIS A 140 10.44 -8.76 41.13
N THR A 141 11.08 -8.75 42.30
CA THR A 141 10.48 -8.09 43.43
C THR A 141 11.31 -6.85 43.77
N SER A 142 12.33 -7.02 44.61
CA SER A 142 13.16 -5.92 45.09
C SER A 142 14.58 -6.37 45.37
N PRO A 143 15.47 -5.42 45.70
CA PRO A 143 16.86 -5.75 46.00
C PRO A 143 16.91 -6.83 47.07
N ALA A 144 17.71 -7.86 46.80
CA ALA A 144 17.87 -8.98 47.72
C ALA A 144 19.29 -9.51 47.67
N SER A 145 19.71 -10.08 48.78
CA SER A 145 21.03 -10.68 48.92
C SER A 145 20.68 -11.95 49.69
N SER A 146 21.09 -13.11 49.18
CA SER A 146 20.78 -14.34 49.89
C SER A 146 21.87 -14.61 50.91
N ASP A 147 23.07 -14.13 50.61
CA ASP A 147 24.19 -14.29 51.50
C ASP A 147 23.93 -13.49 52.77
N ASP A 148 23.40 -12.29 52.61
CA ASP A 148 23.08 -11.46 53.76
C ASP A 148 21.58 -11.17 53.82
N PRO A 149 20.81 -12.04 54.50
CA PRO A 149 19.37 -11.84 54.62
C PRO A 149 18.97 -10.56 55.34
N SER A 150 19.94 -9.78 55.79
CA SER A 150 19.68 -8.51 56.49
C SER A 150 19.56 -7.32 55.52
N PHE A 151 19.85 -7.57 54.25
CA PHE A 151 19.79 -6.55 53.20
C PHE A 151 18.37 -6.30 52.70
N ALA A 152 17.99 -5.02 52.63
CA ALA A 152 16.67 -4.60 52.17
C ALA A 152 15.61 -5.39 52.91
N GLU A 153 14.64 -5.92 52.18
CA GLU A 153 13.58 -6.73 52.75
C GLU A 153 13.83 -8.19 52.28
N ASN A 154 15.06 -8.45 51.82
CA ASN A 154 15.44 -9.78 51.34
C ASN A 154 14.55 -10.26 50.17
N GLY A 155 14.15 -9.32 49.31
CA GLY A 155 13.33 -9.65 48.15
C GLY A 155 12.05 -10.43 48.43
N ARG A 156 11.55 -10.35 49.66
CA ARG A 156 10.33 -11.06 50.07
C ARG A 156 9.12 -10.75 49.21
N LEU A 157 8.12 -11.63 49.27
CA LEU A 157 6.92 -11.48 48.47
C LEU A 157 5.74 -11.90 49.30
N TYR A 158 4.72 -11.05 49.42
CA TYR A 158 3.55 -11.42 50.21
C TYR A 158 2.33 -11.53 49.29
N ASP A 159 1.35 -12.33 49.68
CA ASP A 159 0.15 -12.46 48.91
C ASP A 159 -0.94 -11.83 49.75
N ASN A 160 -1.22 -10.55 49.47
CA ASN A 160 -2.26 -9.79 50.17
C ASN A 160 -2.06 -9.79 51.69
N GLY A 161 -0.81 -9.96 52.13
CA GLY A 161 -0.54 -9.99 53.55
C GLY A 161 0.25 -11.21 53.98
N ASN A 162 -0.01 -12.34 53.33
CA ASN A 162 0.68 -13.59 53.64
C ASN A 162 2.06 -13.60 53.02
N LEU A 163 3.05 -14.08 53.76
CA LEU A 163 4.39 -14.13 53.22
C LEU A 163 4.49 -15.41 52.43
N LEU A 164 5.05 -15.31 51.24
CA LEU A 164 5.22 -16.48 50.39
C LEU A 164 6.65 -16.98 50.58
N GLY A 165 7.61 -16.07 50.69
CA GLY A 165 8.99 -16.46 50.90
C GLY A 165 9.94 -15.36 50.51
N GLY A 166 11.23 -15.54 50.79
CA GLY A 166 12.22 -14.53 50.46
C GLY A 166 13.36 -15.10 49.65
N TYR A 167 14.35 -14.26 49.35
CA TYR A 167 15.49 -14.67 48.55
C TYR A 167 16.45 -15.62 49.26
N THR A 168 16.46 -15.58 50.58
CA THR A 168 17.29 -16.48 51.37
C THR A 168 16.36 -17.60 51.83
N ASN A 169 16.85 -18.84 51.83
CA ASN A 169 16.06 -19.99 52.20
C ASN A 169 14.85 -20.16 51.29
N ASP A 170 15.13 -20.27 50.00
CA ASP A 170 14.13 -20.43 48.95
C ASP A 170 13.97 -21.94 48.61
N THR A 171 13.28 -22.67 49.48
CA THR A 171 13.05 -24.10 49.27
C THR A 171 11.97 -24.36 48.20
N GLN A 172 10.99 -23.44 48.14
CA GLN A 172 9.88 -23.49 47.18
C GLN A 172 10.30 -22.97 45.78
N ASN A 173 11.55 -22.53 45.66
CA ASN A 173 12.13 -22.00 44.40
C ASN A 173 11.29 -20.95 43.67
N LEU A 174 10.97 -19.88 44.39
CA LEU A 174 10.19 -18.78 43.86
C LEU A 174 11.04 -17.84 43.02
N PHE A 175 12.35 -17.88 43.24
CA PHE A 175 13.29 -17.00 42.55
C PHE A 175 14.38 -17.79 41.81
N HIS A 176 15.22 -17.05 41.07
CA HIS A 176 16.35 -17.60 40.32
C HIS A 176 17.63 -17.35 41.12
N HIS A 177 18.55 -18.33 41.10
CA HIS A 177 19.80 -18.24 41.82
C HIS A 177 20.88 -18.69 40.85
N TYR A 178 21.27 -17.81 39.95
CA TYR A 178 22.28 -18.08 38.95
C TYR A 178 23.29 -16.95 38.91
N GLY A 179 23.20 -16.06 39.89
CA GLY A 179 24.10 -14.93 39.92
C GLY A 179 23.39 -13.84 39.18
N GLY A 180 24.12 -12.80 38.79
CA GLY A 180 23.55 -11.68 38.07
C GLY A 180 23.99 -11.75 36.62
N THR A 181 23.29 -11.03 35.75
CA THR A 181 23.59 -11.01 34.33
C THR A 181 24.67 -10.01 33.94
N ASP A 182 25.33 -10.31 32.84
CA ASP A 182 26.36 -9.48 32.26
C ASP A 182 25.84 -9.10 30.87
N PHE A 183 24.54 -9.29 30.68
CA PHE A 183 23.84 -8.98 29.43
C PHE A 183 24.46 -9.55 28.15
N SER A 184 25.40 -10.49 28.29
CA SER A 184 26.08 -11.11 27.14
C SER A 184 25.10 -11.61 26.08
N THR A 185 24.07 -12.32 26.52
CA THR A 185 23.05 -12.86 25.61
C THR A 185 21.67 -12.60 26.19
N ILE A 186 20.67 -12.86 25.36
CA ILE A 186 19.27 -12.70 25.72
C ILE A 186 18.95 -13.76 26.76
N GLU A 187 19.48 -14.96 26.57
CA GLU A 187 19.24 -16.05 27.51
C GLU A 187 19.81 -15.61 28.83
N ASN A 188 21.06 -15.17 28.79
CA ASN A 188 21.75 -14.72 29.99
C ASN A 188 20.99 -13.64 30.77
N GLY A 189 20.47 -12.64 30.05
CA GLY A 189 19.74 -11.56 30.68
C GLY A 189 18.34 -11.88 31.16
N ILE A 190 17.85 -13.08 30.85
CA ILE A 190 16.50 -13.48 31.24
C ILE A 190 16.41 -14.23 32.56
N TYR A 191 17.28 -15.23 32.72
CA TYR A 191 17.30 -16.09 33.91
C TYR A 191 18.26 -15.64 35.00
N LYS A 192 19.20 -14.76 34.64
CA LYS A 192 20.15 -14.22 35.60
C LYS A 192 19.52 -12.96 36.19
N ASN A 193 20.02 -12.52 37.34
CA ASN A 193 19.46 -11.34 37.98
C ASN A 193 19.83 -10.01 37.34
N LEU A 194 18.85 -9.11 37.25
CA LEU A 194 19.10 -7.78 36.71
C LEU A 194 19.73 -7.01 37.86
N TYR A 195 21.04 -6.80 37.79
CA TYR A 195 21.75 -6.09 38.84
C TYR A 195 21.57 -6.89 40.14
N ASP A 196 20.70 -6.43 41.03
CA ASP A 196 20.50 -7.14 42.28
C ASP A 196 19.05 -7.47 42.66
N LEU A 197 18.16 -7.26 41.71
CA LEU A 197 16.73 -7.51 41.90
C LEU A 197 16.41 -9.00 41.95
N ALA A 198 15.77 -9.45 43.02
CA ALA A 198 15.39 -10.85 43.20
C ALA A 198 14.52 -11.32 42.03
N ASP A 199 15.13 -12.04 41.11
CA ASP A 199 14.45 -12.52 39.93
C ASP A 199 13.42 -13.60 40.13
N LEU A 200 12.20 -13.32 39.71
CA LEU A 200 11.12 -14.26 39.83
C LEU A 200 11.25 -15.45 38.85
N ASN A 201 10.77 -16.60 39.33
CA ASN A 201 10.76 -17.86 38.59
C ASN A 201 9.30 -18.14 38.23
N HIS A 202 8.96 -17.92 36.97
CA HIS A 202 7.60 -18.13 36.49
C HIS A 202 7.27 -19.58 36.08
N ASN A 203 8.25 -20.46 36.16
CA ASN A 203 8.00 -21.87 35.86
C ASN A 203 7.32 -22.42 37.11
N ASN A 204 7.48 -21.73 38.24
CA ASN A 204 6.87 -22.13 39.50
C ASN A 204 5.39 -21.74 39.47
N SER A 205 4.51 -22.74 39.52
CA SER A 205 3.06 -22.53 39.51
C SER A 205 2.56 -21.48 40.49
N SER A 206 3.12 -21.48 41.71
CA SER A 206 2.71 -20.50 42.70
C SER A 206 2.98 -19.07 42.22
N VAL A 207 4.12 -18.87 41.57
CA VAL A 207 4.49 -17.56 41.05
C VAL A 207 3.58 -17.21 39.87
N ASP A 208 3.53 -18.10 38.88
CA ASP A 208 2.72 -17.97 37.68
C ASP A 208 1.27 -17.59 38.05
N VAL A 209 0.65 -18.41 38.88
CA VAL A 209 -0.72 -18.19 39.32
C VAL A 209 -0.91 -16.90 40.10
N TYR A 210 0.01 -16.58 40.99
CA TYR A 210 -0.10 -15.36 41.79
C TYR A 210 -0.05 -14.10 40.92
N LEU A 211 0.87 -14.04 39.96
CA LEU A 211 0.97 -12.88 39.08
C LEU A 211 -0.23 -12.70 38.18
N LYS A 212 -0.88 -13.81 37.82
CA LYS A 212 -2.03 -13.74 36.95
C LYS A 212 -3.24 -13.30 37.74
N ASP A 213 -3.43 -13.82 38.94
CA ASP A 213 -4.56 -13.38 39.76
C ASP A 213 -4.38 -11.87 40.09
N ALA A 214 -3.13 -11.46 40.31
CA ALA A 214 -2.83 -10.05 40.63
C ALA A 214 -3.25 -9.06 39.53
N ILE A 215 -2.89 -9.36 38.29
CA ILE A 215 -3.26 -8.48 37.18
C ILE A 215 -4.79 -8.39 37.00
N LYS A 216 -5.50 -9.49 37.22
CA LYS A 216 -6.95 -9.49 37.06
C LYS A 216 -7.54 -8.56 38.08
N MET A 217 -7.07 -8.64 39.33
CA MET A 217 -7.55 -7.75 40.39
C MET A 217 -7.47 -6.28 39.90
N TRP A 218 -6.31 -5.92 39.36
CA TRP A 218 -6.09 -4.59 38.83
C TRP A 218 -7.00 -4.28 37.64
N LEU A 219 -7.40 -5.30 36.89
CA LEU A 219 -8.31 -5.11 35.75
C LEU A 219 -9.68 -4.83 36.32
N ASP A 220 -10.02 -5.55 37.38
CA ASP A 220 -11.31 -5.39 38.05
C ASP A 220 -11.51 -4.03 38.70
N LEU A 221 -10.41 -3.33 38.98
CA LEU A 221 -10.46 -2.01 39.59
C LEU A 221 -10.67 -0.87 38.59
N GLY A 222 -10.54 -1.16 37.29
CA GLY A 222 -10.77 -0.15 36.27
C GLY A 222 -9.66 0.39 35.39
N VAL A 223 -8.44 -0.15 35.50
CA VAL A 223 -7.34 0.34 34.67
C VAL A 223 -7.72 0.07 33.21
N ASP A 224 -7.16 0.85 32.30
CA ASP A 224 -7.46 0.73 30.87
C ASP A 224 -6.26 0.34 30.04
N GLY A 225 -5.11 0.18 30.67
CA GLY A 225 -3.90 -0.18 29.94
C GLY A 225 -2.79 -0.62 30.86
N ILE A 226 -1.82 -1.36 30.31
CA ILE A 226 -0.71 -1.85 31.11
C ILE A 226 0.59 -1.65 30.38
N ARG A 227 1.60 -1.19 31.11
CA ARG A 227 2.92 -1.04 30.53
C ARG A 227 3.71 -2.06 31.35
N VAL A 228 4.21 -3.10 30.70
CA VAL A 228 4.97 -4.14 31.37
C VAL A 228 6.47 -3.81 31.32
N ASP A 229 7.11 -3.77 32.49
CA ASP A 229 8.53 -3.48 32.57
C ASP A 229 9.42 -4.69 32.27
N ALA A 230 10.59 -4.43 31.70
CA ALA A 230 11.60 -5.45 31.35
C ALA A 230 11.13 -6.67 30.54
N VAL A 231 10.47 -6.43 29.41
CA VAL A 231 9.96 -7.52 28.56
C VAL A 231 11.10 -8.35 28.00
N LYS A 232 12.27 -7.73 27.90
CA LYS A 232 13.45 -8.40 27.36
C LYS A 232 14.08 -9.35 28.38
N HIS A 233 13.70 -9.22 29.65
CA HIS A 233 14.33 -10.03 30.67
C HIS A 233 13.49 -11.12 31.29
N MET A 234 12.40 -11.46 30.63
CA MET A 234 11.50 -12.51 31.08
C MET A 234 11.35 -13.43 29.89
N PRO A 235 10.89 -14.67 30.11
CA PRO A 235 10.75 -15.54 28.94
C PRO A 235 9.53 -15.25 28.06
N PHE A 236 9.81 -15.09 26.77
CA PHE A 236 8.81 -14.80 25.73
C PHE A 236 7.62 -15.71 25.86
N GLY A 237 7.88 -17.00 26.00
CA GLY A 237 6.82 -17.97 26.12
C GLY A 237 5.88 -17.74 27.27
N TRP A 238 6.38 -17.17 28.37
CA TRP A 238 5.54 -16.91 29.55
C TRP A 238 4.74 -15.65 29.33
N GLN A 239 5.35 -14.65 28.69
CA GLN A 239 4.67 -13.40 28.43
C GLN A 239 3.44 -13.63 27.58
N LYS A 240 3.55 -14.47 26.57
CA LYS A 240 2.42 -14.77 25.72
C LYS A 240 1.25 -15.35 26.52
N SER A 241 1.55 -16.18 27.52
CA SER A 241 0.52 -16.80 28.34
C SER A 241 -0.06 -15.77 29.29
N PHE A 242 0.76 -14.80 29.68
CA PHE A 242 0.35 -13.72 30.57
C PHE A 242 -0.61 -12.81 29.77
N MET A 243 -0.28 -12.57 28.51
CA MET A 243 -1.12 -11.76 27.63
C MET A 243 -2.43 -12.48 27.35
N ALA A 244 -2.33 -13.73 26.91
CA ALA A 244 -3.52 -14.52 26.62
C ALA A 244 -4.48 -14.54 27.79
N THR A 245 -3.94 -14.37 29.00
CA THR A 245 -4.76 -14.37 30.21
C THR A 245 -5.49 -13.04 30.39
N ILE A 246 -4.84 -11.95 30.02
CA ILE A 246 -5.43 -10.61 30.13
C ILE A 246 -6.52 -10.50 29.06
N ASN A 247 -6.14 -10.76 27.82
CA ASN A 247 -7.02 -10.67 26.67
C ASN A 247 -8.23 -11.57 26.75
N ASN A 248 -8.07 -12.73 27.37
CA ASN A 248 -9.17 -13.70 27.50
C ASN A 248 -10.07 -13.41 28.69
N TYR A 249 -9.72 -12.38 29.44
CA TYR A 249 -10.49 -11.98 30.60
C TYR A 249 -11.17 -10.62 30.39
N LYS A 250 -10.36 -9.58 30.20
CA LYS A 250 -10.81 -8.20 29.97
C LYS A 250 -9.60 -7.58 29.26
N PRO A 251 -9.58 -7.59 27.92
CA PRO A 251 -8.42 -7.01 27.19
C PRO A 251 -8.20 -5.50 27.34
N VAL A 252 -6.95 -5.12 27.56
CA VAL A 252 -6.63 -3.71 27.68
C VAL A 252 -5.35 -3.47 26.91
N PHE A 253 -5.18 -2.25 26.43
CA PHE A 253 -3.98 -1.91 25.66
C PHE A 253 -2.76 -2.17 26.54
N THR A 254 -1.93 -3.12 26.13
CA THR A 254 -0.76 -3.47 26.88
C THR A 254 0.42 -3.20 25.98
N PHE A 255 1.48 -2.66 26.53
CA PHE A 255 2.71 -2.43 25.78
C PHE A 255 3.87 -2.66 26.71
N GLY A 256 5.07 -2.83 26.15
CA GLY A 256 6.23 -3.06 27.00
C GLY A 256 7.47 -2.32 26.57
N GLU A 257 8.48 -2.29 27.42
CA GLU A 257 9.71 -1.60 27.10
C GLU A 257 10.87 -2.52 26.74
N TRP A 258 11.47 -2.28 25.59
CA TRP A 258 12.61 -3.04 25.10
C TRP A 258 13.50 -1.91 24.51
N PHE A 259 14.55 -1.56 25.25
CA PHE A 259 15.46 -0.48 24.88
C PHE A 259 16.40 -0.76 23.70
N LEU A 260 16.33 0.13 22.71
CA LEU A 260 17.18 0.09 21.53
C LEU A 260 18.03 1.34 21.63
N GLY A 261 19.20 1.32 21.05
CA GLY A 261 20.06 2.48 21.08
C GLY A 261 20.04 3.22 19.75
N VAL A 262 21.18 3.82 19.40
CA VAL A 262 21.33 4.59 18.16
C VAL A 262 21.68 3.74 16.94
N ASN A 263 20.81 3.76 15.95
CA ASN A 263 21.01 2.99 14.72
C ASN A 263 21.19 1.50 15.01
N GLU A 264 20.64 1.09 16.15
CA GLU A 264 20.67 -0.30 16.56
C GLU A 264 19.30 -0.79 16.21
N ILE A 265 19.25 -1.85 15.43
CA ILE A 265 17.97 -2.42 15.07
C ILE A 265 18.09 -3.92 15.08
N SER A 266 17.35 -4.53 16.01
CA SER A 266 17.36 -5.97 16.18
C SER A 266 16.04 -6.59 15.71
N PRO A 267 16.12 -7.81 15.15
CA PRO A 267 14.93 -8.51 14.67
C PRO A 267 14.10 -9.12 15.79
N GLU A 268 14.76 -9.45 16.90
CA GLU A 268 14.06 -10.02 18.07
C GLU A 268 13.13 -8.97 18.64
N TYR A 269 13.53 -7.71 18.48
CA TYR A 269 12.77 -6.55 18.93
C TYR A 269 11.45 -6.49 18.19
N HIS A 270 11.51 -6.71 16.87
CA HIS A 270 10.33 -6.69 16.02
C HIS A 270 9.49 -7.95 16.22
N GLN A 271 10.15 -9.09 16.31
CA GLN A 271 9.46 -10.37 16.52
C GLN A 271 8.61 -10.28 17.76
N PHE A 272 9.14 -9.62 18.79
CA PHE A 272 8.41 -9.45 20.05
C PHE A 272 7.13 -8.65 19.82
N ALA A 273 7.27 -7.48 19.19
CA ALA A 273 6.13 -6.61 18.90
C ALA A 273 5.11 -7.29 17.99
N ASN A 274 5.59 -8.11 17.07
CA ASN A 274 4.71 -8.81 16.15
C ASN A 274 4.05 -10.08 16.69
N GLU A 275 4.74 -10.79 17.59
CA GLU A 275 4.21 -12.07 18.10
C GLU A 275 3.93 -12.28 19.58
N SER A 276 4.22 -11.30 20.43
CA SER A 276 3.98 -11.47 21.86
C SER A 276 2.55 -11.33 22.28
N GLY A 277 1.84 -10.43 21.61
CA GLY A 277 0.46 -10.18 21.96
C GLY A 277 0.44 -8.78 22.55
N MET A 278 1.61 -8.15 22.57
CA MET A 278 1.74 -6.80 23.08
C MET A 278 2.71 -6.00 22.21
N SER A 279 2.53 -4.69 22.20
CA SER A 279 3.39 -3.80 21.43
C SER A 279 4.53 -3.32 22.33
N LEU A 280 5.38 -2.46 21.77
CA LEU A 280 6.52 -1.92 22.49
C LEU A 280 6.54 -0.40 22.44
N LEU A 281 7.51 0.18 23.12
CA LEU A 281 7.71 1.63 23.13
C LEU A 281 8.59 1.79 21.90
N ASP A 282 8.18 2.65 20.98
CA ASP A 282 8.90 2.87 19.72
C ASP A 282 10.24 3.59 19.85
N PHE A 283 11.25 2.86 20.32
CA PHE A 283 12.60 3.40 20.48
C PHE A 283 13.26 3.68 19.16
N ARG A 284 12.73 3.10 18.10
CA ARG A 284 13.29 3.32 16.78
C ARG A 284 12.90 4.74 16.33
N PHE A 285 11.74 5.19 16.80
CA PHE A 285 11.20 6.52 16.50
C PHE A 285 11.97 7.55 17.33
N ALA A 286 11.96 7.33 18.63
CA ALA A 286 12.61 8.19 19.60
C ALA A 286 14.05 8.55 19.30
N GLN A 287 14.89 7.56 19.07
CA GLN A 287 16.30 7.79 18.79
C GLN A 287 16.54 8.48 17.45
N LYS A 288 15.70 8.18 16.46
CA LYS A 288 15.84 8.79 15.13
C LYS A 288 15.38 10.25 15.17
N ALA A 289 14.28 10.50 15.88
CA ALA A 289 13.75 11.84 16.04
C ALA A 289 14.76 12.74 16.77
N ARG A 290 15.45 12.18 17.76
CA ARG A 290 16.43 12.94 18.52
C ARG A 290 17.69 13.18 17.71
N GLN A 291 17.96 12.32 16.75
CA GLN A 291 19.15 12.50 15.92
C GLN A 291 18.95 13.64 14.93
N VAL A 292 17.73 13.78 14.45
CA VAL A 292 17.39 14.81 13.47
C VAL A 292 17.00 16.15 14.11
N PHE A 293 16.12 16.11 15.10
CA PHE A 293 15.65 17.29 15.77
C PHE A 293 16.48 17.76 16.97
N ARG A 294 17.35 16.90 17.50
CA ARG A 294 18.13 17.30 18.68
C ARG A 294 19.64 17.30 18.50
N ASP A 295 20.23 16.12 18.47
CA ASP A 295 21.69 15.99 18.35
C ASP A 295 22.21 16.32 16.97
N ASN A 296 21.31 16.36 16.00
CA ASN A 296 21.66 16.66 14.63
C ASN A 296 22.77 15.74 14.10
N THR A 297 22.62 14.44 14.38
CA THR A 297 23.60 13.46 13.90
C THR A 297 23.11 12.74 12.65
N ASP A 298 21.96 13.19 12.14
CA ASP A 298 21.35 12.66 10.92
C ASP A 298 20.40 13.71 10.35
N ASN A 299 20.20 13.65 9.02
CA ASN A 299 19.33 14.58 8.31
C ASN A 299 17.93 14.01 8.05
N MET A 300 17.11 14.80 7.37
CA MET A 300 15.73 14.42 7.07
C MET A 300 15.48 13.16 6.24
N TYR A 301 16.47 12.72 5.48
CA TYR A 301 16.32 11.50 4.66
C TYR A 301 16.35 10.26 5.54
N GLY A 302 16.90 10.43 6.75
CA GLY A 302 16.98 9.37 7.74
C GLY A 302 15.64 9.28 8.47
N LEU A 303 15.01 10.44 8.58
CA LEU A 303 13.70 10.55 9.21
C LEU A 303 12.70 9.87 8.27
N LYS A 304 12.77 10.25 6.99
CA LYS A 304 11.92 9.68 5.93
C LYS A 304 12.02 8.15 5.97
N ALA A 305 13.26 7.67 5.94
CA ALA A 305 13.55 6.22 5.97
C ALA A 305 12.83 5.58 7.15
N MET A 306 13.19 5.98 8.36
CA MET A 306 12.57 5.46 9.58
C MET A 306 11.03 5.37 9.51
N LEU A 307 10.39 6.44 9.08
CA LEU A 307 8.94 6.47 8.98
C LEU A 307 8.46 5.39 8.01
N GLU A 308 9.23 5.18 6.94
CA GLU A 308 8.90 4.19 5.93
C GLU A 308 9.25 2.77 6.32
N GLY A 309 10.42 2.60 6.92
CA GLY A 309 10.84 1.29 7.35
C GLY A 309 9.91 0.75 8.41
N SER A 310 9.34 1.63 9.22
CA SER A 310 8.44 1.22 10.29
C SER A 310 7.08 0.78 9.77
N GLU A 311 6.62 1.45 8.73
CA GLU A 311 5.33 1.13 8.15
C GLU A 311 5.27 -0.31 7.60
N VAL A 312 6.38 -1.03 7.67
CA VAL A 312 6.43 -2.40 7.20
C VAL A 312 6.95 -3.38 8.25
N ASP A 313 8.06 -3.03 8.89
CA ASP A 313 8.65 -3.88 9.91
C ASP A 313 7.67 -4.26 11.03
N TYR A 314 6.89 -3.30 11.52
CA TYR A 314 5.91 -3.60 12.58
C TYR A 314 4.65 -4.11 11.88
N ALA A 315 3.97 -5.10 12.47
CA ALA A 315 2.73 -5.62 11.90
C ALA A 315 1.54 -4.69 12.16
N GLN A 316 1.56 -4.06 13.33
CA GLN A 316 0.51 -3.13 13.71
C GLN A 316 1.28 -1.91 14.20
N VAL A 317 1.69 -1.04 13.28
CA VAL A 317 2.46 0.16 13.62
C VAL A 317 1.62 1.19 14.39
N ASN A 318 0.31 1.15 14.21
CA ASN A 318 -0.58 2.07 14.89
C ASN A 318 -0.66 1.80 16.39
N ASP A 319 -0.07 0.70 16.85
CA ASP A 319 -0.11 0.33 18.26
C ASP A 319 1.19 0.59 19.02
N GLN A 320 2.20 1.14 18.37
CA GLN A 320 3.49 1.37 19.02
C GLN A 320 3.50 2.75 19.69
N VAL A 321 3.96 2.81 20.93
CA VAL A 321 3.97 4.08 21.67
C VAL A 321 5.21 4.88 21.33
N THR A 322 4.98 6.07 20.78
CA THR A 322 6.06 6.94 20.37
C THR A 322 6.38 7.97 21.44
N PHE A 323 7.55 8.59 21.34
CA PHE A 323 7.99 9.56 22.34
C PHE A 323 9.32 10.18 21.96
N ILE A 324 9.67 11.28 22.63
CA ILE A 324 10.95 11.95 22.35
C ILE A 324 12.00 11.79 23.45
N ASP A 325 11.53 11.48 24.65
CA ASP A 325 12.38 11.21 25.82
C ASP A 325 11.51 10.60 26.91
N ASN A 326 12.16 10.07 27.95
CA ASN A 326 11.43 9.47 29.05
C ASN A 326 12.38 9.18 30.19
N HIS A 327 11.92 8.32 31.10
CA HIS A 327 12.68 7.89 32.27
C HIS A 327 13.96 7.12 31.97
N ASP A 328 14.10 6.60 30.75
CA ASP A 328 15.29 5.83 30.38
C ASP A 328 16.26 6.48 29.45
N MET A 329 16.25 7.81 29.44
CA MET A 329 17.14 8.58 28.59
C MET A 329 17.10 10.05 28.98
N GLU A 330 18.18 10.77 28.65
CA GLU A 330 18.32 12.19 28.95
C GLU A 330 17.15 13.03 28.43
N ARG A 331 16.82 14.08 29.17
CA ARG A 331 15.73 14.99 28.79
C ARG A 331 16.11 15.62 27.44
N PHE A 332 15.13 15.69 26.56
CA PHE A 332 15.28 16.22 25.21
C PHE A 332 15.76 17.67 25.20
N HIS A 333 15.25 18.45 26.14
CA HIS A 333 15.63 19.85 26.21
C HIS A 333 16.97 20.04 26.94
N THR A 334 17.86 20.82 26.36
CA THR A 334 19.16 21.08 26.97
C THR A 334 19.26 22.51 27.46
N SER A 335 20.46 22.87 27.91
CA SER A 335 20.77 24.20 28.41
C SER A 335 21.26 25.10 27.27
N ASN A 336 22.14 24.55 26.43
CA ASN A 336 22.70 25.29 25.30
C ASN A 336 21.85 25.16 24.03
N GLY A 337 20.58 24.78 24.20
CA GLY A 337 19.70 24.61 23.06
C GLY A 337 18.38 25.31 23.20
N ASP A 338 17.83 25.76 22.07
CA ASP A 338 16.56 26.46 22.13
C ASP A 338 15.33 25.58 22.13
N ARG A 339 14.32 26.09 22.82
CA ARG A 339 13.04 25.44 23.01
C ARG A 339 12.37 25.06 21.70
N ARG A 340 12.85 25.61 20.60
CA ARG A 340 12.26 25.32 19.30
C ARG A 340 12.43 23.85 18.93
N LYS A 341 13.62 23.30 19.16
CA LYS A 341 13.87 21.90 18.84
C LYS A 341 12.80 21.03 19.53
N LEU A 342 12.56 21.33 20.80
CA LEU A 342 11.58 20.59 21.58
C LEU A 342 10.18 20.82 21.04
N GLU A 343 9.87 22.08 20.76
CA GLU A 343 8.55 22.46 20.26
C GLU A 343 8.21 21.73 18.96
N GLN A 344 9.18 21.60 18.07
CA GLN A 344 8.99 20.89 16.81
C GLN A 344 8.88 19.39 17.04
N ALA A 345 9.85 18.83 17.78
CA ALA A 345 9.87 17.40 18.06
C ALA A 345 8.53 16.93 18.61
N LEU A 346 7.91 17.78 19.43
CA LEU A 346 6.61 17.44 20.00
C LEU A 346 5.53 17.43 18.92
N ALA A 347 5.58 18.40 18.02
CA ALA A 347 4.61 18.49 16.93
C ALA A 347 4.76 17.27 16.02
N PHE A 348 6.01 16.89 15.72
CA PHE A 348 6.26 15.74 14.87
C PHE A 348 5.72 14.45 15.51
N THR A 349 5.91 14.31 16.82
CA THR A 349 5.42 13.13 17.52
C THR A 349 3.89 13.11 17.59
N LEU A 350 3.30 14.29 17.78
CA LEU A 350 1.86 14.41 17.90
C LEU A 350 1.08 14.14 16.60
N THR A 351 1.66 14.50 15.47
CA THR A 351 0.99 14.28 14.20
C THR A 351 1.42 12.96 13.52
N SER A 352 2.47 12.32 14.04
CA SER A 352 2.95 11.06 13.48
C SER A 352 2.15 9.86 13.93
N ARG A 353 2.44 8.69 13.37
CA ARG A 353 1.68 7.49 13.73
C ARG A 353 2.10 6.83 15.04
N GLY A 354 1.14 6.16 15.69
CA GLY A 354 1.38 5.48 16.94
C GLY A 354 0.53 6.05 18.08
N VAL A 355 0.95 5.81 19.31
CA VAL A 355 0.25 6.35 20.46
C VAL A 355 1.32 7.31 21.00
N PRO A 356 1.08 8.63 20.88
CA PRO A 356 2.09 9.59 21.36
C PRO A 356 2.14 9.63 22.87
N ALA A 357 3.35 9.72 23.43
CA ALA A 357 3.52 9.78 24.86
C ALA A 357 4.40 10.97 25.23
N ILE A 358 3.88 11.82 26.10
CA ILE A 358 4.60 13.00 26.57
C ILE A 358 5.07 12.72 27.99
N TYR A 359 6.38 12.81 28.22
CA TYR A 359 6.94 12.59 29.54
C TYR A 359 6.66 13.86 30.33
N TYR A 360 5.99 13.74 31.46
CA TYR A 360 5.62 14.91 32.29
C TYR A 360 6.73 15.93 32.39
N GLY A 361 6.36 17.21 32.47
CA GLY A 361 7.36 18.26 32.58
C GLY A 361 7.97 18.72 31.26
N SER A 362 7.64 18.05 30.15
CA SER A 362 8.15 18.42 28.84
C SER A 362 7.57 19.76 28.40
N GLU A 363 6.40 20.07 28.96
CA GLU A 363 5.71 21.31 28.63
C GLU A 363 6.18 22.47 29.49
N GLN A 364 7.21 22.24 30.31
CA GLN A 364 7.76 23.26 31.17
C GLN A 364 9.27 23.24 30.96
N TYR A 365 9.64 22.88 29.74
CA TYR A 365 11.03 22.82 29.30
C TYR A 365 12.07 22.26 30.26
N MET A 366 11.65 21.28 31.05
CA MET A 366 12.52 20.65 32.03
C MET A 366 13.75 20.08 31.36
N SER A 367 14.90 20.34 31.97
CA SER A 367 16.19 19.88 31.47
C SER A 367 16.72 18.88 32.49
N GLY A 368 17.67 18.06 32.10
CA GLY A 368 18.21 17.07 33.03
C GLY A 368 18.85 15.89 32.35
N GLY A 369 19.93 15.38 32.94
CA GLY A 369 20.62 14.24 32.39
C GLY A 369 19.94 12.92 32.70
N ASN A 370 20.73 11.86 32.83
CA ASN A 370 20.21 10.53 33.12
C ASN A 370 19.75 10.34 34.56
N ASP A 371 19.05 9.24 34.82
CA ASP A 371 18.53 8.87 36.15
C ASP A 371 19.60 9.11 37.23
N PRO A 372 19.21 9.76 38.33
CA PRO A 372 17.88 10.29 38.66
C PRO A 372 17.57 11.69 38.14
N ASP A 373 18.51 12.30 37.44
CA ASP A 373 18.36 13.65 36.92
C ASP A 373 17.09 13.89 36.12
N ASN A 374 16.74 12.93 35.26
CA ASN A 374 15.55 13.04 34.43
C ASN A 374 14.27 12.74 35.21
N ARG A 375 14.35 12.69 36.54
CA ARG A 375 13.18 12.42 37.36
C ARG A 375 13.00 13.45 38.47
N ALA A 376 13.21 14.72 38.15
CA ALA A 376 13.03 15.77 39.13
C ALA A 376 11.55 16.15 39.20
N ARG A 377 11.22 16.99 40.17
CA ARG A 377 9.85 17.43 40.36
C ARG A 377 9.48 18.51 39.37
N LEU A 378 8.23 18.50 38.93
CA LEU A 378 7.71 19.49 37.99
C LEU A 378 7.81 20.82 38.72
N PRO A 379 8.70 21.72 38.23
CA PRO A 379 8.96 23.04 38.82
C PRO A 379 7.79 24.02 38.84
N SER A 380 6.88 23.90 37.87
CA SER A 380 5.74 24.81 37.77
C SER A 380 4.51 24.18 37.12
N PHE A 381 3.43 24.95 37.03
CA PHE A 381 2.21 24.49 36.40
C PHE A 381 1.61 25.60 35.55
N SER A 382 2.47 26.42 34.97
CA SER A 382 2.02 27.55 34.17
C SER A 382 1.46 27.10 32.83
N THR A 383 0.14 27.19 32.69
CA THR A 383 -0.55 26.79 31.48
C THR A 383 -0.41 27.80 30.32
N THR A 384 0.72 28.50 30.23
CA THR A 384 0.88 29.47 29.16
C THR A 384 2.19 29.35 28.37
N THR A 385 2.93 28.28 28.59
CA THR A 385 4.17 28.11 27.86
C THR A 385 3.78 27.74 26.43
N THR A 386 4.65 27.99 25.47
CA THR A 386 4.37 27.66 24.08
C THR A 386 4.20 26.16 23.92
N ALA A 387 5.06 25.39 24.57
CA ALA A 387 4.98 23.94 24.49
C ALA A 387 3.61 23.44 24.98
N TYR A 388 3.04 24.15 25.96
CA TYR A 388 1.72 23.79 26.49
C TYR A 388 0.68 24.04 25.42
N GLN A 389 0.91 25.10 24.66
CA GLN A 389 0.03 25.53 23.58
C GLN A 389 0.08 24.58 22.41
N VAL A 390 1.30 24.19 22.05
CA VAL A 390 1.50 23.28 20.94
C VAL A 390 0.75 21.98 21.21
N ILE A 391 1.01 21.35 22.37
CA ILE A 391 0.32 20.12 22.73
C ILE A 391 -1.18 20.38 22.77
N GLN A 392 -1.53 21.53 23.34
CA GLN A 392 -2.93 21.96 23.48
C GLN A 392 -3.71 22.06 22.18
N LYS A 393 -3.06 22.56 21.14
CA LYS A 393 -3.69 22.71 19.83
C LYS A 393 -3.66 21.42 19.00
N LEU A 394 -2.60 20.64 19.17
CA LEU A 394 -2.46 19.42 18.39
C LEU A 394 -3.10 18.16 18.93
N ALA A 395 -3.01 17.96 20.24
CA ALA A 395 -3.55 16.78 20.92
C ALA A 395 -4.99 16.39 20.56
N PRO A 396 -5.95 17.34 20.57
CA PRO A 396 -7.30 16.88 20.22
C PRO A 396 -7.51 16.45 18.75
N LEU A 397 -6.53 16.69 17.89
CA LEU A 397 -6.68 16.31 16.50
C LEU A 397 -6.72 14.80 16.33
N ARG A 398 -6.09 14.09 17.26
CA ARG A 398 -6.07 12.64 17.23
C ARG A 398 -7.48 12.04 17.34
N LYS A 399 -8.37 12.74 18.05
CA LYS A 399 -9.71 12.23 18.22
C LYS A 399 -10.69 12.77 17.21
N SER A 400 -10.36 13.88 16.58
CA SER A 400 -11.25 14.48 15.59
C SER A 400 -10.90 14.09 14.16
N ASN A 401 -9.62 13.96 13.88
CA ASN A 401 -9.17 13.63 12.54
C ASN A 401 -8.64 12.20 12.45
N PRO A 402 -9.43 11.29 11.87
CA PRO A 402 -9.06 9.87 11.71
C PRO A 402 -7.75 9.64 10.96
N ALA A 403 -7.31 10.62 10.19
CA ALA A 403 -6.06 10.48 9.44
C ALA A 403 -4.84 10.56 10.37
N ILE A 404 -4.92 11.33 11.46
CA ILE A 404 -3.81 11.49 12.41
C ILE A 404 -3.64 10.21 13.23
N ALA A 405 -4.77 9.64 13.61
CA ALA A 405 -4.84 8.41 14.39
C ALA A 405 -4.56 7.13 13.60
N TYR A 406 -5.24 6.93 12.46
CA TYR A 406 -5.07 5.69 11.69
C TYR A 406 -4.36 5.77 10.33
N GLY A 407 -4.27 6.97 9.78
CA GLY A 407 -3.69 7.15 8.46
C GLY A 407 -2.28 6.70 8.20
N SER A 408 -2.01 6.48 6.92
CA SER A 408 -0.70 6.07 6.47
C SER A 408 0.14 7.36 6.44
N THR A 409 1.42 7.23 6.19
CA THR A 409 2.32 8.38 6.15
C THR A 409 2.93 8.42 4.74
N HIS A 410 3.03 9.61 4.17
CA HIS A 410 3.60 9.79 2.83
C HIS A 410 4.39 11.07 2.77
N GLU A 411 5.67 10.99 2.44
CA GLU A 411 6.42 12.23 2.36
C GLU A 411 6.08 12.85 0.99
N ARG A 412 5.52 14.07 1.03
CA ARG A 412 5.14 14.82 -0.18
C ARG A 412 6.23 15.77 -0.67
N TRP A 413 7.12 16.20 0.22
CA TRP A 413 8.22 17.09 -0.12
C TRP A 413 9.32 16.85 0.89
N ILE A 414 10.57 16.79 0.45
CA ILE A 414 11.69 16.54 1.36
C ILE A 414 12.94 17.27 0.95
N ASN A 415 13.79 17.50 1.93
CA ASN A 415 15.01 18.25 1.76
C ASN A 415 15.91 17.80 2.90
N ASN A 416 17.11 18.32 2.92
CA ASN A 416 18.07 18.02 3.96
C ASN A 416 17.57 18.45 5.33
N ASP A 417 16.93 19.62 5.41
CA ASP A 417 16.44 20.16 6.68
C ASP A 417 14.94 20.31 6.81
N VAL A 418 14.20 19.98 5.75
CA VAL A 418 12.75 20.12 5.81
C VAL A 418 12.02 18.88 5.29
N ILE A 419 10.87 18.61 5.90
CA ILE A 419 10.03 17.49 5.47
C ILE A 419 8.55 17.89 5.51
N ILE A 420 7.79 17.42 4.52
CA ILE A 420 6.36 17.67 4.47
C ILE A 420 5.78 16.28 4.28
N TYR A 421 4.93 15.86 5.20
CA TYR A 421 4.36 14.54 5.11
C TYR A 421 2.86 14.58 5.21
N GLU A 422 2.23 13.55 4.69
CA GLU A 422 0.80 13.49 4.67
C GLU A 422 0.35 12.25 5.39
N ARG A 423 -0.76 12.41 6.11
CA ARG A 423 -1.39 11.36 6.86
C ARG A 423 -2.79 11.35 6.27
N LYS A 424 -3.23 10.21 5.75
CA LYS A 424 -4.56 10.16 5.18
C LYS A 424 -5.30 8.87 5.49
N PHE A 425 -6.56 9.01 5.85
CA PHE A 425 -7.39 7.89 6.18
C PHE A 425 -8.71 8.11 5.43
N GLY A 426 -8.76 7.61 4.21
CA GLY A 426 -9.95 7.77 3.40
C GLY A 426 -9.93 9.13 2.77
N ASN A 427 -10.87 9.99 3.17
CA ASN A 427 -10.94 11.36 2.67
C ASN A 427 -10.27 12.34 3.62
N ASN A 428 -10.02 11.90 4.85
CA ASN A 428 -9.41 12.74 5.87
C ASN A 428 -7.94 12.90 5.57
N VAL A 429 -7.43 14.14 5.69
CA VAL A 429 -6.03 14.47 5.41
C VAL A 429 -5.41 15.41 6.46
N ALA A 430 -4.09 15.32 6.61
CA ALA A 430 -3.34 16.17 7.51
C ALA A 430 -1.95 16.28 6.91
N VAL A 431 -1.54 17.49 6.56
CA VAL A 431 -0.23 17.72 5.98
C VAL A 431 0.56 18.44 7.05
N VAL A 432 1.80 18.02 7.28
CA VAL A 432 2.62 18.64 8.31
C VAL A 432 3.96 19.01 7.73
N ALA A 433 4.29 20.30 7.82
CA ALA A 433 5.56 20.78 7.29
C ALA A 433 6.44 21.25 8.43
N ILE A 434 7.72 20.91 8.34
CA ILE A 434 8.68 21.26 9.36
C ILE A 434 9.99 21.66 8.71
N ASN A 435 10.53 22.82 9.08
CA ASN A 435 11.83 23.26 8.59
C ASN A 435 12.63 23.24 9.87
N ARG A 436 13.59 22.33 10.00
CA ARG A 436 14.32 22.28 11.24
C ARG A 436 15.40 23.34 11.28
N ASN A 437 15.75 23.90 10.12
CA ASN A 437 16.79 24.91 10.07
C ASN A 437 16.30 26.20 10.71
N MET A 438 17.16 26.82 11.50
CA MET A 438 16.83 28.06 12.21
C MET A 438 17.44 29.30 11.57
N ASN A 439 18.38 29.07 10.65
CA ASN A 439 19.07 30.15 9.96
C ASN A 439 18.50 30.51 8.59
N THR A 440 18.22 29.51 7.77
CA THR A 440 17.73 29.76 6.42
C THR A 440 16.34 29.27 6.11
N PRO A 441 15.54 30.10 5.41
CA PRO A 441 14.16 29.86 4.98
C PRO A 441 14.17 28.74 3.93
N ALA A 442 13.00 28.18 3.65
CA ALA A 442 12.91 27.09 2.67
C ALA A 442 11.86 27.36 1.62
N SER A 443 12.26 27.60 0.37
CA SER A 443 11.28 27.82 -0.68
C SER A 443 10.72 26.48 -1.20
N ILE A 444 9.42 26.25 -1.00
CA ILE A 444 8.80 25.03 -1.46
C ILE A 444 8.15 25.24 -2.83
N THR A 445 8.62 24.50 -3.82
CA THR A 445 8.09 24.56 -5.15
C THR A 445 7.42 23.26 -5.57
N GLY A 446 6.19 23.40 -6.06
CA GLY A 446 5.44 22.26 -6.54
C GLY A 446 5.16 21.21 -5.50
N LEU A 447 4.29 21.53 -4.56
CA LEU A 447 3.93 20.61 -3.52
C LEU A 447 2.55 20.11 -3.84
N VAL A 448 2.42 18.81 -4.04
CA VAL A 448 1.11 18.23 -4.31
C VAL A 448 0.67 17.48 -3.06
N THR A 449 -0.60 17.60 -2.74
CA THR A 449 -1.17 16.97 -1.56
C THR A 449 -2.55 16.36 -1.90
N SER A 450 -3.25 15.82 -0.92
CA SER A 450 -4.58 15.24 -1.14
C SER A 450 -5.66 16.19 -0.67
N LEU A 451 -5.24 17.38 -0.27
CA LEU A 451 -6.19 18.37 0.18
C LEU A 451 -6.93 18.90 -1.03
N PRO A 452 -8.25 19.07 -0.92
CA PRO A 452 -9.05 19.60 -2.03
C PRO A 452 -8.94 21.13 -2.03
N ARG A 453 -9.26 21.74 -3.16
CA ARG A 453 -9.20 23.20 -3.33
C ARG A 453 -9.61 23.98 -2.10
N GLY A 454 -8.77 24.95 -1.72
CA GLY A 454 -9.03 25.80 -0.57
C GLY A 454 -7.78 26.49 -0.07
N SER A 455 -7.89 27.14 1.09
CA SER A 455 -6.76 27.82 1.72
C SER A 455 -6.91 27.48 3.20
N TYR A 456 -6.08 26.54 3.64
CA TYR A 456 -6.14 26.06 5.00
C TYR A 456 -5.30 26.85 5.98
N ASN A 457 -5.91 27.18 7.12
CA ASN A 457 -5.23 27.92 8.16
C ASN A 457 -4.43 26.94 9.01
N ASP A 458 -3.27 27.40 9.48
CA ASP A 458 -2.38 26.62 10.33
C ASP A 458 -3.17 26.24 11.58
N VAL A 459 -3.16 24.95 11.95
CA VAL A 459 -3.88 24.53 13.16
C VAL A 459 -3.09 25.06 14.37
N LEU A 460 -1.78 25.18 14.22
CA LEU A 460 -0.92 25.70 15.28
C LEU A 460 -1.10 27.22 15.51
N GLY A 461 -1.83 27.87 14.61
CA GLY A 461 -2.06 29.30 14.73
C GLY A 461 -0.85 30.22 14.68
N GLY A 462 0.16 29.81 13.93
CA GLY A 462 1.34 30.64 13.79
C GLY A 462 2.34 30.75 14.92
N ILE A 463 2.07 30.16 16.09
CA ILE A 463 3.02 30.25 17.21
C ILE A 463 4.33 29.56 16.86
N LEU A 464 4.26 28.63 15.91
CA LEU A 464 5.45 27.92 15.47
C LEU A 464 5.92 28.49 14.14
N ASN A 465 5.38 29.66 13.82
CA ASN A 465 5.70 30.40 12.57
C ASN A 465 5.09 29.73 11.33
N GLY A 466 3.91 29.16 11.50
CA GLY A 466 3.26 28.48 10.40
C GLY A 466 2.28 29.34 9.62
N ASN A 467 2.36 29.22 8.30
CA ASN A 467 1.52 29.95 7.38
C ASN A 467 0.24 29.18 7.02
N THR A 468 -0.56 29.79 6.15
CA THR A 468 -1.79 29.17 5.69
C THR A 468 -1.46 28.58 4.32
N LEU A 469 -2.15 27.52 3.92
CA LEU A 469 -1.85 26.87 2.65
C LEU A 469 -2.95 27.00 1.62
N THR A 470 -2.63 27.61 0.49
CA THR A 470 -3.59 27.76 -0.58
C THR A 470 -3.40 26.60 -1.54
N VAL A 471 -4.35 25.68 -1.47
CA VAL A 471 -4.37 24.48 -2.30
C VAL A 471 -5.32 24.72 -3.46
N GLY A 472 -4.73 24.78 -4.65
CA GLY A 472 -5.52 25.00 -5.84
C GLY A 472 -6.11 23.73 -6.39
N ALA A 473 -6.05 23.64 -7.71
CA ALA A 473 -6.58 22.50 -8.45
C ALA A 473 -5.59 21.37 -8.56
N GLY A 474 -6.06 20.18 -8.19
CA GLY A 474 -5.24 18.98 -8.23
C GLY A 474 -4.40 18.80 -6.98
N GLY A 475 -4.92 19.32 -5.86
CA GLY A 475 -4.22 19.21 -4.59
C GLY A 475 -2.91 19.97 -4.58
N ALA A 476 -2.57 20.62 -5.69
CA ALA A 476 -1.34 21.40 -5.81
C ALA A 476 -1.45 22.73 -5.07
N ALA A 477 -0.40 23.11 -4.37
CA ALA A 477 -0.40 24.35 -3.60
C ALA A 477 0.51 25.39 -4.22
N SER A 478 0.20 26.67 -4.00
CA SER A 478 1.02 27.76 -4.52
C SER A 478 2.34 27.73 -3.76
N ASN A 479 3.43 28.14 -4.39
CA ASN A 479 4.72 28.15 -3.72
C ASN A 479 4.67 28.99 -2.45
N PHE A 480 5.58 28.72 -1.53
CA PHE A 480 5.70 29.46 -0.29
C PHE A 480 7.07 29.21 0.30
N THR A 481 7.45 30.08 1.22
CA THR A 481 8.73 30.00 1.91
C THR A 481 8.41 29.58 3.33
N LEU A 482 8.98 28.47 3.75
CA LEU A 482 8.77 27.98 5.09
C LEU A 482 9.88 28.66 5.91
N ALA A 483 9.48 29.56 6.78
CA ALA A 483 10.40 30.32 7.65
C ALA A 483 11.29 29.41 8.49
N PRO A 484 12.47 29.90 8.88
CA PRO A 484 13.34 29.04 9.69
C PRO A 484 12.64 28.53 10.95
N GLY A 485 12.81 27.25 11.24
CA GLY A 485 12.19 26.65 12.41
C GLY A 485 10.68 26.68 12.28
N GLY A 486 10.18 26.88 11.06
CA GLY A 486 8.75 26.94 10.86
C GLY A 486 8.11 25.59 11.01
N THR A 487 6.83 25.57 11.36
CA THR A 487 6.09 24.33 11.51
C THR A 487 4.64 24.66 11.30
N ALA A 488 3.97 23.86 10.47
CA ALA A 488 2.57 24.08 10.18
C ALA A 488 1.84 22.75 10.05
N VAL A 489 0.54 22.77 10.34
CA VAL A 489 -0.28 21.57 10.28
C VAL A 489 -1.57 22.03 9.59
N TRP A 490 -1.92 21.38 8.48
CA TRP A 490 -3.11 21.72 7.70
C TRP A 490 -3.95 20.45 7.60
N GLN A 491 -5.28 20.55 7.63
CA GLN A 491 -6.09 19.34 7.58
C GLN A 491 -7.44 19.44 6.89
N TYR A 492 -8.12 18.30 6.79
CA TYR A 492 -9.45 18.22 6.19
C TYR A 492 -10.16 16.93 6.64
N THR A 493 -11.39 17.07 7.14
CA THR A 493 -12.18 15.95 7.62
C THR A 493 -13.58 15.87 7.00
N THR A 494 -13.98 14.66 6.61
CA THR A 494 -15.30 14.40 6.04
C THR A 494 -15.72 12.94 6.23
N ASP A 495 -17.01 12.66 6.07
CA ASP A 495 -17.58 11.32 6.24
C ASP A 495 -16.89 10.25 5.37
N ALA A 496 -17.06 9.00 5.77
CA ALA A 496 -16.47 7.90 5.04
C ALA A 496 -17.61 7.13 4.40
N THR A 497 -17.54 6.97 3.08
CA THR A 497 -18.57 6.25 2.36
C THR A 497 -18.18 4.76 2.19
N THR A 498 -16.89 4.49 2.31
CA THR A 498 -16.31 3.15 2.20
C THR A 498 -15.79 2.66 3.57
N PRO A 499 -16.22 1.47 4.04
CA PRO A 499 -15.75 0.97 5.34
C PRO A 499 -14.23 0.88 5.30
N ILE A 500 -13.59 1.36 6.37
CA ILE A 500 -12.14 1.33 6.44
C ILE A 500 -11.73 1.05 7.91
N ILE A 501 -10.80 0.12 8.10
CA ILE A 501 -10.31 -0.28 9.42
C ILE A 501 -9.03 0.44 9.80
N GLY A 502 -9.06 1.12 10.94
CA GLY A 502 -7.89 1.83 11.42
C GLY A 502 -7.09 1.00 12.41
N ASN A 503 -7.76 0.13 13.16
CA ASN A 503 -7.09 -0.68 14.16
C ASN A 503 -8.00 -1.76 14.74
N VAL A 504 -7.37 -2.78 15.34
CA VAL A 504 -8.07 -3.89 15.98
C VAL A 504 -7.32 -4.24 17.27
N GLY A 505 -8.08 -4.56 18.32
CA GLY A 505 -7.52 -4.91 19.61
C GLY A 505 -8.49 -5.76 20.41
N PRO A 506 -8.03 -6.85 21.03
CA PRO A 506 -6.65 -7.38 21.05
C PRO A 506 -6.23 -8.05 19.72
N MET A 507 -4.96 -8.40 19.59
CA MET A 507 -4.47 -9.03 18.36
C MET A 507 -4.37 -10.56 18.50
N MET A 508 -4.82 -11.08 19.64
CA MET A 508 -4.84 -12.51 19.91
C MET A 508 -5.77 -12.84 21.06
N ALA A 509 -6.64 -13.82 20.84
CA ALA A 509 -7.59 -14.27 21.86
C ALA A 509 -8.19 -15.57 21.38
N LYS A 510 -8.88 -16.27 22.28
CA LYS A 510 -9.50 -17.54 21.95
C LYS A 510 -10.92 -17.28 21.48
N PRO A 511 -11.54 -18.25 20.78
CA PRO A 511 -12.93 -18.05 20.31
C PRO A 511 -13.90 -17.68 21.45
N GLY A 512 -14.90 -16.87 21.14
CA GLY A 512 -15.88 -16.46 22.13
C GLY A 512 -15.54 -15.14 22.81
N VAL A 513 -14.35 -14.62 22.52
CA VAL A 513 -13.86 -13.35 23.07
C VAL A 513 -14.26 -12.21 22.14
N THR A 514 -14.65 -11.08 22.73
CA THR A 514 -15.07 -9.91 21.97
C THR A 514 -13.91 -8.97 21.59
N ILE A 515 -13.66 -8.82 20.30
CA ILE A 515 -12.61 -7.94 19.85
C ILE A 515 -13.23 -6.61 19.41
N THR A 516 -12.40 -5.59 19.27
CA THR A 516 -12.86 -4.26 18.92
C THR A 516 -12.26 -3.77 17.61
N ILE A 517 -13.11 -3.48 16.62
CA ILE A 517 -12.62 -2.97 15.34
C ILE A 517 -12.94 -1.50 15.29
N ASP A 518 -11.95 -0.69 14.95
CA ASP A 518 -12.13 0.75 14.88
C ASP A 518 -11.82 1.33 13.51
N GLY A 519 -12.60 2.34 13.11
CA GLY A 519 -12.41 2.98 11.81
C GLY A 519 -13.48 4.01 11.49
N ARG A 520 -13.89 4.05 10.23
CA ARG A 520 -14.92 4.97 9.74
C ARG A 520 -15.61 4.27 8.57
N GLY A 521 -16.87 4.61 8.31
CA GLY A 521 -17.56 4.01 7.17
C GLY A 521 -18.31 2.71 7.43
N PHE A 522 -18.25 2.20 8.65
CA PHE A 522 -18.93 0.96 8.99
C PHE A 522 -20.43 1.01 8.81
N GLY A 523 -20.99 2.21 8.95
CA GLY A 523 -22.43 2.34 8.78
C GLY A 523 -23.22 2.09 10.05
N SER A 524 -24.44 2.60 10.06
CA SER A 524 -25.34 2.49 11.20
C SER A 524 -25.86 1.09 11.53
N GLY A 525 -26.37 0.39 10.51
CA GLY A 525 -26.91 -0.94 10.71
C GLY A 525 -25.88 -2.05 10.59
N LYS A 526 -26.10 -3.12 11.35
CA LYS A 526 -25.19 -4.28 11.36
C LYS A 526 -24.79 -4.72 9.96
N GLY A 527 -23.53 -5.11 9.81
CA GLY A 527 -23.02 -5.55 8.53
C GLY A 527 -22.49 -6.98 8.58
N THR A 528 -21.20 -7.14 8.29
CA THR A 528 -20.55 -8.44 8.25
C THR A 528 -19.05 -8.35 8.51
N VAL A 529 -18.58 -9.20 9.43
CA VAL A 529 -17.16 -9.28 9.78
C VAL A 529 -16.62 -10.61 9.28
N TYR A 530 -15.48 -10.58 8.63
CA TYR A 530 -14.87 -11.79 8.11
C TYR A 530 -13.56 -12.11 8.83
N PHE A 531 -13.52 -13.27 9.49
CA PHE A 531 -12.30 -13.74 10.14
C PHE A 531 -11.89 -14.76 9.10
N GLY A 532 -10.97 -14.37 8.23
CA GLY A 532 -10.57 -15.27 7.17
C GLY A 532 -11.67 -15.27 6.12
N THR A 533 -12.27 -16.43 5.89
CA THR A 533 -13.35 -16.58 4.92
C THR A 533 -14.63 -16.76 5.70
N THR A 534 -14.47 -16.99 7.00
CA THR A 534 -15.58 -17.21 7.92
C THR A 534 -16.22 -15.87 8.25
N ALA A 535 -17.48 -15.74 7.86
CA ALA A 535 -18.23 -14.51 8.07
C ALA A 535 -19.00 -14.60 9.36
N VAL A 536 -19.05 -13.48 10.09
CA VAL A 536 -19.76 -13.42 11.36
C VAL A 536 -20.82 -12.34 11.30
N THR A 537 -22.02 -12.70 11.76
CA THR A 537 -23.17 -11.81 11.78
C THR A 537 -24.15 -12.15 12.89
N GLY A 538 -25.25 -11.41 12.95
CA GLY A 538 -26.27 -11.66 13.96
C GLY A 538 -25.88 -11.31 15.38
N ALA A 539 -26.37 -12.10 16.33
CA ALA A 539 -26.10 -11.89 17.74
C ALA A 539 -24.60 -11.95 18.08
N ASP A 540 -23.80 -12.54 17.19
CA ASP A 540 -22.36 -12.66 17.39
C ASP A 540 -21.63 -11.31 17.29
N ILE A 541 -22.29 -10.31 16.69
CA ILE A 541 -21.75 -8.96 16.61
C ILE A 541 -22.41 -8.26 17.80
N VAL A 542 -21.61 -8.01 18.83
CA VAL A 542 -22.09 -7.39 20.06
C VAL A 542 -22.54 -5.97 19.83
N ALA A 543 -21.78 -5.23 19.02
CA ALA A 543 -22.11 -3.85 18.73
C ALA A 543 -21.64 -3.43 17.36
N TRP A 544 -22.44 -2.59 16.70
CA TRP A 544 -22.10 -2.06 15.40
C TRP A 544 -22.46 -0.60 15.40
N GLU A 545 -21.58 0.21 14.80
CA GLU A 545 -21.74 1.64 14.71
C GLU A 545 -20.78 2.06 13.63
N ASP A 546 -20.90 3.31 13.20
CA ASP A 546 -20.04 3.79 12.13
C ASP A 546 -18.55 3.77 12.44
N THR A 547 -18.17 3.99 13.71
CA THR A 547 -16.75 4.03 14.08
C THR A 547 -16.21 2.81 14.81
N GLN A 548 -17.10 2.01 15.38
CA GLN A 548 -16.62 0.88 16.12
C GLN A 548 -17.58 -0.28 16.14
N ILE A 549 -17.04 -1.46 15.79
CA ILE A 549 -17.76 -2.73 15.79
C ILE A 549 -17.14 -3.63 16.87
N GLN A 550 -17.98 -4.35 17.58
CA GLN A 550 -17.51 -5.27 18.59
C GLN A 550 -18.13 -6.60 18.25
N VAL A 551 -17.28 -7.57 18.00
CA VAL A 551 -17.75 -8.88 17.59
C VAL A 551 -16.94 -10.02 18.20
N LYS A 552 -17.64 -11.11 18.54
CA LYS A 552 -17.01 -12.29 19.12
C LYS A 552 -16.23 -13.04 18.08
N ILE A 553 -15.12 -13.63 18.51
CA ILE A 553 -14.27 -14.42 17.64
C ILE A 553 -14.97 -15.76 17.44
N PRO A 554 -15.19 -16.17 16.19
CA PRO A 554 -15.85 -17.44 15.91
C PRO A 554 -14.94 -18.63 16.21
N ALA A 555 -15.54 -19.81 16.24
CA ALA A 555 -14.82 -21.04 16.51
C ALA A 555 -14.03 -21.50 15.30
N VAL A 556 -12.82 -20.99 15.15
CA VAL A 556 -11.96 -21.41 14.05
C VAL A 556 -10.69 -22.06 14.57
N PRO A 557 -10.00 -22.85 13.73
CA PRO A 557 -8.78 -23.48 14.21
C PRO A 557 -7.77 -22.38 14.50
N GLY A 558 -7.00 -22.53 15.57
CA GLY A 558 -6.03 -21.51 15.90
C GLY A 558 -5.11 -21.25 14.75
N GLY A 559 -4.63 -20.01 14.66
CA GLY A 559 -3.73 -19.60 13.59
C GLY A 559 -3.89 -18.13 13.25
N ILE A 560 -3.17 -17.68 12.23
CA ILE A 560 -3.20 -16.28 11.79
C ILE A 560 -4.27 -16.00 10.74
N TYR A 561 -5.15 -15.05 11.04
CA TYR A 561 -6.23 -14.65 10.13
C TYR A 561 -6.18 -13.18 9.70
N ASP A 562 -6.89 -12.89 8.61
CA ASP A 562 -7.00 -11.54 8.06
C ASP A 562 -8.39 -11.09 8.40
N ILE A 563 -8.48 -9.90 8.98
CA ILE A 563 -9.77 -9.33 9.36
C ILE A 563 -10.25 -8.47 8.21
N ARG A 564 -11.57 -8.41 8.07
CA ARG A 564 -12.20 -7.63 7.01
C ARG A 564 -13.63 -7.34 7.42
N VAL A 565 -14.15 -6.18 6.99
CA VAL A 565 -15.52 -5.77 7.32
C VAL A 565 -16.32 -5.49 6.06
N ALA A 566 -17.63 -5.62 6.16
CA ALA A 566 -18.52 -5.35 5.04
C ALA A 566 -19.76 -4.74 5.65
N ASN A 567 -20.12 -3.55 5.19
CA ASN A 567 -21.32 -2.90 5.71
C ASN A 567 -22.54 -3.60 5.13
N ALA A 568 -23.73 -3.21 5.61
CA ALA A 568 -24.98 -3.79 5.15
C ALA A 568 -25.21 -3.73 3.63
N ALA A 569 -24.43 -2.91 2.93
CA ALA A 569 -24.57 -2.76 1.49
C ALA A 569 -23.45 -3.45 0.71
N GLY A 570 -22.84 -4.44 1.33
CA GLY A 570 -21.79 -5.20 0.68
C GLY A 570 -20.51 -4.48 0.36
N ALA A 571 -20.33 -3.28 0.89
CA ALA A 571 -19.09 -2.55 0.65
C ALA A 571 -18.09 -3.12 1.66
N ALA A 572 -17.05 -3.78 1.15
CA ALA A 572 -16.00 -4.40 1.97
C ALA A 572 -14.79 -3.50 2.23
N SER A 573 -14.26 -3.60 3.45
CA SER A 573 -13.11 -2.80 3.89
C SER A 573 -11.79 -3.34 3.39
N ASN A 574 -10.72 -2.71 3.88
CA ASN A 574 -9.36 -3.13 3.58
C ASN A 574 -9.05 -4.32 4.52
N ILE A 575 -7.98 -5.04 4.21
CA ILE A 575 -7.61 -6.18 5.02
C ILE A 575 -6.70 -5.79 6.20
N TYR A 576 -7.05 -6.29 7.38
CA TYR A 576 -6.26 -6.05 8.57
C TYR A 576 -5.70 -7.43 8.94
N ASP A 577 -4.47 -7.69 8.50
CA ASP A 577 -3.83 -8.97 8.74
C ASP A 577 -3.16 -9.18 10.10
N ASN A 578 -2.74 -10.43 10.32
CA ASN A 578 -2.05 -10.83 11.52
C ASN A 578 -2.83 -10.94 12.81
N PHE A 579 -4.00 -11.58 12.74
CA PHE A 579 -4.77 -11.76 13.95
C PHE A 579 -4.61 -13.20 14.41
N GLU A 580 -4.14 -13.38 15.64
CA GLU A 580 -3.94 -14.71 16.16
C GLU A 580 -5.07 -15.21 17.03
N VAL A 581 -5.83 -16.19 16.54
CA VAL A 581 -6.85 -16.77 17.41
C VAL A 581 -6.07 -17.95 17.99
N LEU A 582 -6.14 -18.09 19.30
CA LEU A 582 -5.41 -19.14 19.99
C LEU A 582 -6.26 -20.39 20.01
N THR A 583 -5.63 -21.53 20.29
CA THR A 583 -6.34 -22.80 20.35
C THR A 583 -7.28 -22.80 21.54
N GLY A 584 -6.94 -21.99 22.54
CA GLY A 584 -7.75 -21.87 23.76
C GLY A 584 -6.95 -21.19 24.84
N ASP A 585 -7.30 -21.44 26.10
CA ASP A 585 -6.53 -20.83 27.17
C ASP A 585 -5.13 -21.41 27.15
N GLN A 586 -4.17 -20.61 27.60
CA GLN A 586 -2.79 -21.02 27.56
C GLN A 586 -2.16 -21.27 28.94
N VAL A 587 -1.10 -22.07 28.94
CA VAL A 587 -0.29 -22.40 30.10
C VAL A 587 1.13 -22.46 29.55
N THR A 588 2.13 -22.18 30.37
CA THR A 588 3.51 -22.22 29.91
C THR A 588 4.15 -23.56 30.25
N VAL A 589 4.77 -24.19 29.25
CA VAL A 589 5.43 -25.47 29.44
C VAL A 589 6.89 -25.40 29.04
N ARG A 590 7.75 -25.79 29.96
CA ARG A 590 9.17 -25.82 29.73
C ARG A 590 9.44 -27.17 29.08
N PHE A 591 10.13 -27.16 27.95
CA PHE A 591 10.49 -28.40 27.27
C PHE A 591 11.98 -28.51 27.40
N VAL A 592 12.45 -29.66 27.88
CA VAL A 592 13.87 -29.92 28.08
C VAL A 592 14.25 -31.15 27.26
N ILE A 593 15.21 -31.04 26.37
CA ILE A 593 15.61 -32.19 25.58
C ILE A 593 17.05 -32.51 25.89
N ASN A 594 17.31 -33.77 26.19
CA ASN A 594 18.66 -34.20 26.52
C ASN A 594 19.31 -34.90 25.34
N ASN A 595 20.61 -34.71 25.19
CA ASN A 595 21.39 -35.33 24.13
C ASN A 595 21.19 -34.86 22.70
N ALA A 596 20.86 -33.60 22.50
CA ALA A 596 20.72 -33.10 21.15
C ALA A 596 22.11 -32.56 20.82
N THR A 597 22.88 -33.39 20.12
CA THR A 597 24.23 -33.04 19.68
C THR A 597 24.05 -32.18 18.44
N THR A 598 24.74 -31.04 18.36
CA THR A 598 24.60 -30.17 17.20
C THR A 598 25.92 -29.66 16.68
N ALA A 599 25.94 -29.26 15.42
CA ALA A 599 27.14 -28.75 14.78
C ALA A 599 27.27 -27.26 14.99
N LEU A 600 28.37 -26.70 14.51
CA LEU A 600 28.59 -25.27 14.64
C LEU A 600 27.63 -24.67 13.63
N GLY A 601 26.59 -24.01 14.15
CA GLY A 601 25.59 -23.40 13.28
C GLY A 601 24.29 -24.19 13.33
N GLN A 602 24.26 -25.28 14.11
CA GLN A 602 23.06 -26.08 14.22
C GLN A 602 22.42 -25.79 15.56
N ASN A 603 21.11 -25.60 15.55
CA ASN A 603 20.34 -25.28 16.75
C ASN A 603 19.16 -26.23 16.82
N VAL A 604 18.65 -26.45 18.03
CA VAL A 604 17.50 -27.32 18.22
C VAL A 604 16.23 -26.46 18.32
N PHE A 605 15.16 -26.96 17.69
CA PHE A 605 13.86 -26.30 17.65
C PHE A 605 12.82 -27.33 18.02
N LEU A 606 11.59 -26.86 18.17
CA LEU A 606 10.47 -27.70 18.55
C LEU A 606 9.27 -27.39 17.64
N THR A 607 8.39 -28.35 17.43
CA THR A 607 7.20 -28.12 16.63
C THR A 607 6.17 -29.14 17.06
N GLY A 608 4.91 -28.87 16.78
CA GLY A 608 3.87 -29.77 17.18
C GLY A 608 2.65 -29.54 16.34
N ASN A 609 1.55 -30.21 16.67
CA ASN A 609 0.33 -30.07 15.88
C ASN A 609 -0.63 -28.92 16.18
N VAL A 610 -0.41 -28.13 17.21
CA VAL A 610 -1.31 -27.01 17.45
C VAL A 610 -0.63 -25.78 16.86
N SER A 611 -1.40 -24.74 16.54
CA SER A 611 -0.81 -23.54 15.95
C SER A 611 0.23 -22.85 16.80
N GLU A 612 0.11 -22.96 18.13
CA GLU A 612 1.10 -22.31 18.98
C GLU A 612 2.42 -23.02 18.86
N LEU A 613 2.41 -24.22 18.29
CA LEU A 613 3.63 -25.01 18.09
C LEU A 613 4.04 -25.09 16.63
N GLY A 614 3.59 -24.12 15.84
CA GLY A 614 3.91 -24.05 14.42
C GLY A 614 3.14 -24.94 13.47
N ASN A 615 2.30 -25.83 13.98
CA ASN A 615 1.53 -26.73 13.10
C ASN A 615 2.37 -27.58 12.15
N TRP A 616 3.43 -28.21 12.68
CA TRP A 616 4.33 -29.07 11.91
C TRP A 616 5.25 -28.45 10.85
N ASP A 617 5.07 -27.17 10.57
CA ASP A 617 5.88 -26.45 9.59
C ASP A 617 7.20 -26.06 10.24
N PRO A 618 8.31 -26.63 9.76
CA PRO A 618 9.65 -26.34 10.29
C PRO A 618 10.15 -24.89 10.13
N ASN A 619 9.34 -24.06 9.48
CA ASN A 619 9.67 -22.64 9.27
C ASN A 619 9.01 -21.85 10.38
N ASN A 620 8.17 -22.52 11.16
CA ASN A 620 7.45 -21.90 12.27
C ASN A 620 7.71 -22.68 13.54
N ALA A 621 8.86 -23.34 13.61
CA ALA A 621 9.24 -24.13 14.78
C ALA A 621 9.74 -23.21 15.90
N ILE A 622 9.38 -23.54 17.14
CA ILE A 622 9.79 -22.75 18.30
C ILE A 622 11.29 -22.92 18.49
N GLY A 623 12.01 -21.81 18.62
CA GLY A 623 13.44 -21.88 18.80
C GLY A 623 14.16 -20.71 18.17
N PRO A 624 15.50 -20.70 18.19
CA PRO A 624 16.40 -21.70 18.76
C PRO A 624 16.28 -21.88 20.28
N MET A 625 16.25 -23.13 20.75
CA MET A 625 16.11 -23.40 22.16
C MET A 625 17.32 -22.87 22.94
N TYR A 626 17.21 -22.86 24.27
CA TYR A 626 18.31 -22.36 25.10
C TYR A 626 19.21 -23.49 25.56
N ASN A 627 20.48 -23.20 25.83
CA ASN A 627 21.40 -24.25 26.25
C ASN A 627 22.58 -23.83 27.14
N GLN A 628 22.41 -22.89 28.05
CA GLN A 628 23.56 -22.52 28.88
C GLN A 628 23.33 -22.20 30.36
N VAL A 629 22.17 -21.62 30.69
CA VAL A 629 21.90 -21.24 32.08
C VAL A 629 21.09 -22.25 32.92
N VAL A 630 19.82 -22.43 32.61
CA VAL A 630 19.02 -23.38 33.39
C VAL A 630 19.50 -24.82 33.12
N TYR A 631 19.95 -25.06 31.89
CA TYR A 631 20.47 -26.36 31.47
C TYR A 631 21.59 -26.05 30.49
N GLN A 632 22.60 -26.88 30.43
CA GLN A 632 23.69 -26.65 29.49
C GLN A 632 23.78 -27.71 28.42
N TYR A 633 24.35 -27.29 27.30
CA TYR A 633 24.56 -28.15 26.14
C TYR A 633 25.26 -29.42 26.64
N PRO A 634 24.89 -30.60 26.09
CA PRO A 634 23.90 -30.96 25.07
C PRO A 634 22.43 -30.92 25.42
N THR A 635 22.06 -30.36 26.56
CA THR A 635 20.65 -30.25 26.92
C THR A 635 20.20 -28.86 26.48
N TRP A 636 19.05 -28.81 25.83
CA TRP A 636 18.52 -27.54 25.37
C TRP A 636 17.20 -27.39 26.10
N TYR A 637 16.69 -26.17 26.23
CA TYR A 637 15.43 -25.93 26.92
C TYR A 637 14.72 -24.67 26.46
N TYR A 638 13.41 -24.65 26.62
CA TYR A 638 12.61 -23.50 26.25
C TYR A 638 11.28 -23.45 26.96
N ASP A 639 10.81 -22.23 27.20
CA ASP A 639 9.53 -22.00 27.85
C ASP A 639 8.58 -21.62 26.72
N VAL A 640 7.58 -22.47 26.48
CA VAL A 640 6.64 -22.27 25.40
C VAL A 640 5.21 -22.19 25.89
N SER A 641 4.42 -21.36 25.21
CA SER A 641 3.02 -21.16 25.55
C SER A 641 2.19 -22.10 24.67
N VAL A 642 1.45 -23.00 25.32
CA VAL A 642 0.62 -24.00 24.62
C VAL A 642 -0.80 -24.01 25.20
N PRO A 643 -1.76 -24.67 24.52
CA PRO A 643 -3.15 -24.73 24.99
C PRO A 643 -3.26 -25.53 26.30
N ALA A 644 -4.20 -25.14 27.15
CA ALA A 644 -4.40 -25.78 28.45
C ALA A 644 -5.34 -26.98 28.42
N GLY A 645 -4.90 -28.11 28.97
CA GLY A 645 -5.73 -29.30 29.03
C GLY A 645 -5.92 -30.09 27.75
N GLN A 646 -4.92 -30.05 26.87
CA GLN A 646 -5.00 -30.76 25.61
C GLN A 646 -3.81 -31.66 25.40
N THR A 647 -4.03 -32.73 24.64
CA THR A 647 -2.96 -33.67 24.31
C THR A 647 -2.40 -33.23 22.96
N ILE A 648 -1.24 -32.59 23.02
CA ILE A 648 -0.58 -32.09 21.83
C ILE A 648 0.47 -33.10 21.36
N GLU A 649 0.90 -32.98 20.11
CA GLU A 649 1.91 -33.88 19.58
C GLU A 649 3.07 -33.03 19.14
N PHE A 650 4.27 -33.55 19.31
CA PHE A 650 5.43 -32.75 18.96
C PHE A 650 6.69 -33.57 18.77
N LYS A 651 7.63 -32.99 18.03
CA LYS A 651 8.92 -33.60 17.79
C LYS A 651 9.90 -32.45 17.70
N PHE A 652 11.11 -32.68 18.19
CA PHE A 652 12.16 -31.67 18.13
C PHE A 652 12.87 -31.85 16.80
N LEU A 653 13.72 -30.90 16.46
CA LEU A 653 14.47 -30.96 15.22
C LEU A 653 15.69 -30.08 15.31
N LYS A 654 16.65 -30.34 14.44
CA LYS A 654 17.85 -29.55 14.37
C LYS A 654 17.68 -28.81 13.06
N LYS A 655 18.23 -27.62 12.98
CA LYS A 655 18.10 -26.82 11.78
C LYS A 655 19.46 -26.17 11.57
N GLN A 656 19.95 -26.25 10.34
CA GLN A 656 21.25 -25.71 9.96
C GLN A 656 21.14 -25.25 8.52
N GLY A 657 21.09 -23.93 8.31
CA GLY A 657 20.95 -23.40 6.95
C GLY A 657 19.59 -23.82 6.41
N SER A 658 19.57 -24.52 5.28
CA SER A 658 18.31 -24.99 4.70
C SER A 658 18.05 -26.45 5.11
N THR A 659 18.98 -27.04 5.85
CA THR A 659 18.87 -28.44 6.27
C THR A 659 18.21 -28.61 7.65
N VAL A 660 17.16 -29.43 7.65
CA VAL A 660 16.38 -29.72 8.84
C VAL A 660 16.49 -31.22 9.15
N THR A 661 16.79 -31.53 10.41
CA THR A 661 16.92 -32.91 10.85
C THR A 661 15.87 -33.21 11.93
N TRP A 662 14.94 -34.12 11.63
CA TRP A 662 13.91 -34.49 12.58
C TRP A 662 14.38 -35.63 13.46
N GLU A 663 13.81 -35.71 14.67
CA GLU A 663 14.09 -36.78 15.60
C GLU A 663 13.51 -38.03 14.95
N GLY A 664 14.04 -39.20 15.27
CA GLY A 664 13.49 -40.42 14.69
C GLY A 664 12.38 -40.87 15.63
N GLY A 665 11.81 -42.04 15.35
CA GLY A 665 10.78 -42.55 16.21
C GLY A 665 9.41 -42.00 15.97
N ALA A 666 8.55 -42.19 16.96
CA ALA A 666 7.17 -41.73 16.87
C ALA A 666 6.97 -40.34 17.52
N ASN A 667 5.84 -39.72 17.16
CA ASN A 667 5.48 -38.40 17.66
C ASN A 667 5.31 -38.52 19.16
N ARG A 668 5.76 -37.49 19.88
CA ARG A 668 5.63 -37.47 21.32
C ARG A 668 4.27 -36.84 21.60
N THR A 669 3.57 -37.33 22.62
CA THR A 669 2.30 -36.76 23.00
C THR A 669 2.48 -36.20 24.41
N PHE A 670 1.61 -35.27 24.81
CA PHE A 670 1.68 -34.65 26.13
C PHE A 670 0.37 -33.98 26.54
N THR A 671 -0.14 -34.34 27.71
CA THR A 671 -1.38 -33.73 28.18
C THR A 671 -1.11 -32.54 29.08
N THR A 672 -1.35 -31.34 28.57
CA THR A 672 -1.12 -30.10 29.30
C THR A 672 -2.05 -29.81 30.48
N PRO A 673 -1.54 -29.18 31.56
CA PRO A 673 -2.35 -28.86 32.74
C PRO A 673 -3.34 -27.73 32.38
N THR A 674 -4.39 -27.56 33.18
CA THR A 674 -5.40 -26.51 32.94
C THR A 674 -4.92 -25.15 33.46
N SER A 675 -4.03 -25.18 34.45
CA SER A 675 -3.44 -23.99 35.03
C SER A 675 -2.07 -24.32 35.53
N GLY A 676 -1.30 -23.30 35.88
CA GLY A 676 0.04 -23.51 36.39
C GLY A 676 1.03 -23.77 35.29
N THR A 677 2.06 -24.52 35.61
CA THR A 677 3.07 -24.82 34.63
C THR A 677 3.33 -26.30 34.60
N ALA A 678 4.18 -26.70 33.65
CA ALA A 678 4.56 -28.10 33.48
C ALA A 678 5.94 -28.15 32.82
N THR A 679 6.69 -29.21 33.08
CA THR A 679 8.01 -29.36 32.51
C THR A 679 8.19 -30.73 31.88
N VAL A 680 8.52 -30.73 30.59
CA VAL A 680 8.72 -31.94 29.82
C VAL A 680 10.22 -32.23 29.67
N ASN A 681 10.62 -33.40 30.13
CA ASN A 681 12.01 -33.83 30.07
C ASN A 681 12.09 -35.04 29.13
N VAL A 682 12.93 -34.96 28.10
CA VAL A 682 13.04 -36.04 27.13
C VAL A 682 14.46 -36.18 26.61
N ASN A 683 14.68 -37.25 25.83
CA ASN A 683 16.00 -37.57 25.27
C ASN A 683 15.92 -37.69 23.75
N TRP A 684 16.89 -37.09 23.06
CA TRP A 684 16.91 -37.09 21.60
C TRP A 684 16.85 -38.51 21.04
N GLN A 685 15.88 -38.76 20.15
CA GLN A 685 15.69 -40.05 19.49
C GLN A 685 16.26 -39.92 18.09
N PRO A 686 17.25 -40.76 17.73
CA PRO A 686 17.86 -40.69 16.40
C PRO A 686 16.91 -41.20 15.32
N ALA B 1 2.95 -22.10 -19.56
CA ALA B 1 4.16 -21.41 -20.08
C ALA B 1 4.57 -20.33 -19.08
N PRO B 2 5.76 -19.75 -19.23
CA PRO B 2 6.19 -18.71 -18.30
C PRO B 2 5.55 -17.38 -18.69
N ASP B 3 5.32 -16.51 -17.72
CA ASP B 3 4.73 -15.19 -17.99
C ASP B 3 5.50 -14.41 -19.06
N THR B 4 6.78 -14.75 -19.19
CA THR B 4 7.70 -14.12 -20.13
C THR B 4 7.62 -14.63 -21.57
N SER B 5 6.74 -15.59 -21.84
CA SER B 5 6.64 -16.13 -23.18
C SER B 5 5.87 -15.26 -24.17
N VAL B 6 6.28 -15.37 -25.44
CA VAL B 6 5.66 -14.64 -26.54
C VAL B 6 4.19 -15.10 -26.67
N SER B 7 3.88 -16.25 -26.05
CA SER B 7 2.54 -16.83 -26.06
C SER B 7 1.60 -16.17 -25.07
N ASN B 8 2.14 -15.27 -24.26
CA ASN B 8 1.35 -14.53 -23.27
C ASN B 8 0.83 -13.33 -24.07
N LYS B 9 -0.42 -13.41 -24.49
CA LYS B 9 -0.99 -12.34 -25.27
C LYS B 9 -1.86 -11.44 -24.41
N GLN B 10 -2.10 -11.87 -23.16
CA GLN B 10 -2.91 -11.09 -22.23
C GLN B 10 -2.21 -9.94 -21.51
N ASN B 11 -0.99 -10.17 -21.00
CA ASN B 11 -0.23 -9.15 -20.25
C ASN B 11 1.03 -8.77 -21.01
N PHE B 12 1.34 -7.48 -21.11
CA PHE B 12 2.51 -7.02 -21.84
C PHE B 12 3.55 -6.24 -21.04
N SER B 13 3.36 -6.12 -19.72
CA SER B 13 4.28 -5.38 -18.84
C SER B 13 5.72 -5.83 -19.00
N THR B 14 5.88 -7.10 -19.40
CA THR B 14 7.17 -7.75 -19.60
C THR B 14 7.82 -7.47 -20.97
N ASP B 15 7.11 -6.75 -21.85
CA ASP B 15 7.64 -6.47 -23.18
C ASP B 15 8.07 -5.03 -23.38
N VAL B 16 8.80 -4.77 -24.46
CA VAL B 16 9.20 -3.43 -24.82
C VAL B 16 8.86 -3.25 -26.30
N ILE B 17 7.62 -2.85 -26.54
CA ILE B 17 7.06 -2.67 -27.88
C ILE B 17 7.82 -1.65 -28.72
N TYR B 18 7.75 -1.83 -30.04
CA TYR B 18 8.40 -0.95 -30.99
C TYR B 18 7.33 -0.57 -32.01
N GLN B 19 6.96 0.72 -32.02
CA GLN B 19 5.96 1.25 -32.94
C GLN B 19 6.58 1.55 -34.28
N ILE B 20 6.12 0.79 -35.27
CA ILE B 20 6.61 0.90 -36.64
C ILE B 20 5.50 1.42 -37.55
N PHE B 21 5.81 2.45 -38.33
CA PHE B 21 4.87 2.97 -39.31
C PHE B 21 5.36 2.18 -40.51
N THR B 22 4.61 1.13 -40.86
CA THR B 22 4.94 0.20 -41.95
C THR B 22 5.54 0.82 -43.20
N ASP B 23 4.94 1.92 -43.66
CA ASP B 23 5.41 2.59 -44.85
C ASP B 23 6.71 3.38 -44.69
N ARG B 24 7.11 3.64 -43.44
CA ARG B 24 8.32 4.42 -43.18
C ARG B 24 9.48 3.62 -42.63
N PHE B 25 9.33 2.30 -42.58
CA PHE B 25 10.38 1.42 -42.08
C PHE B 25 11.30 0.89 -43.18
N SER B 26 10.86 -0.14 -43.89
CA SER B 26 11.70 -0.72 -44.95
C SER B 26 10.88 -1.26 -46.14
N ASP B 27 11.28 -0.85 -47.35
CA ASP B 27 10.58 -1.23 -48.58
C ASP B 27 10.46 -2.74 -48.84
N GLY B 28 11.55 -3.48 -48.68
CA GLY B 28 11.48 -4.91 -48.90
C GLY B 28 11.07 -5.24 -50.31
N ASN B 29 9.78 -5.53 -50.47
CA ASN B 29 9.24 -5.87 -51.78
C ASN B 29 8.83 -4.60 -52.52
N PRO B 30 9.57 -4.21 -53.56
CA PRO B 30 9.19 -3.00 -54.29
C PRO B 30 8.01 -3.25 -55.26
N ALA B 31 7.83 -4.49 -55.68
CA ALA B 31 6.78 -4.86 -56.62
C ALA B 31 5.36 -4.56 -56.17
N ASN B 32 5.16 -4.36 -54.87
CA ASN B 32 3.83 -4.05 -54.32
C ASN B 32 3.66 -2.55 -54.04
N ASN B 33 4.69 -1.79 -54.37
CA ASN B 33 4.70 -0.34 -54.17
C ASN B 33 3.65 0.37 -55.02
N PRO B 34 2.93 1.34 -54.44
CA PRO B 34 1.93 2.07 -55.22
C PRO B 34 2.69 2.88 -56.29
N THR B 35 1.97 3.44 -57.25
CA THR B 35 2.60 4.23 -58.30
C THR B 35 1.80 5.49 -58.64
N GLY B 36 2.33 6.28 -59.56
CA GLY B 36 1.65 7.50 -59.96
C GLY B 36 1.89 8.61 -58.97
N ALA B 37 0.82 9.27 -58.56
CA ALA B 37 0.93 10.37 -57.60
C ALA B 37 0.75 9.84 -56.19
N ALA B 38 0.47 8.55 -56.06
CA ALA B 38 0.30 7.92 -54.76
C ALA B 38 1.61 7.31 -54.28
N PHE B 39 2.72 7.75 -54.85
CA PHE B 39 4.01 7.18 -54.49
C PHE B 39 5.18 8.11 -54.71
N ASP B 40 6.12 8.05 -53.76
CA ASP B 40 7.34 8.82 -53.79
C ASP B 40 8.36 7.91 -53.14
N GLY B 41 9.23 7.32 -53.96
CA GLY B 41 10.26 6.44 -53.45
C GLY B 41 11.37 7.18 -52.75
N SER B 42 11.49 8.48 -53.04
CA SER B 42 12.52 9.31 -52.43
C SER B 42 12.05 9.70 -51.02
N CYS B 43 10.78 9.40 -50.75
CA CYS B 43 10.13 9.69 -49.49
C CYS B 43 10.43 11.10 -48.98
N THR B 44 10.61 12.03 -49.90
CA THR B 44 10.86 13.43 -49.55
C THR B 44 9.51 14.12 -49.30
N ASN B 45 8.43 13.53 -49.81
CA ASN B 45 7.08 14.05 -49.61
C ASN B 45 6.44 13.14 -48.57
N LEU B 46 6.38 13.62 -47.34
CA LEU B 46 5.84 12.85 -46.23
C LEU B 46 4.34 12.60 -46.18
N ARG B 47 3.63 12.99 -47.24
CA ARG B 47 2.17 12.80 -47.30
C ARG B 47 1.79 11.62 -48.22
N LEU B 48 2.78 11.11 -48.95
CA LEU B 48 2.59 10.01 -49.89
C LEU B 48 3.07 8.65 -49.35
N TYR B 49 3.19 7.69 -50.26
CA TYR B 49 3.65 6.34 -49.93
C TYR B 49 5.10 6.31 -50.31
N CYS B 50 5.92 5.69 -49.47
CA CYS B 50 7.36 5.60 -49.70
C CYS B 50 7.80 4.18 -50.05
N GLY B 51 6.93 3.20 -49.82
CA GLY B 51 7.25 1.83 -50.14
C GLY B 51 7.22 0.82 -49.02
N GLY B 52 7.60 1.25 -47.81
CA GLY B 52 7.64 0.37 -46.66
C GLY B 52 6.55 -0.69 -46.58
N ASP B 53 6.93 -1.90 -46.19
CA ASP B 53 5.97 -2.99 -46.08
C ASP B 53 6.31 -4.10 -45.09
N TRP B 54 5.49 -5.13 -45.06
CA TRP B 54 5.71 -6.23 -44.15
C TRP B 54 7.01 -6.98 -44.41
N GLN B 55 7.37 -7.10 -45.69
CA GLN B 55 8.61 -7.78 -46.08
C GLN B 55 9.81 -7.23 -45.36
N GLY B 56 10.00 -5.91 -45.48
CA GLY B 56 11.10 -5.24 -44.82
C GLY B 56 11.06 -5.42 -43.32
N ILE B 57 9.88 -5.53 -42.71
CA ILE B 57 9.82 -5.75 -41.26
C ILE B 57 10.51 -7.11 -41.05
N ILE B 58 10.04 -8.12 -41.79
CA ILE B 58 10.57 -9.48 -41.79
C ILE B 58 12.09 -9.48 -42.02
N ASN B 59 12.56 -8.83 -43.08
CA ASN B 59 13.99 -8.79 -43.35
C ASN B 59 14.77 -8.20 -42.18
N LYS B 60 14.14 -7.25 -41.48
CA LYS B 60 14.77 -6.59 -40.34
C LYS B 60 14.76 -7.39 -39.07
N ILE B 61 13.90 -8.41 -39.02
CA ILE B 61 13.85 -9.30 -37.86
C ILE B 61 14.94 -10.34 -38.14
N ASN B 62 15.01 -10.79 -39.40
CA ASN B 62 15.99 -11.79 -39.83
C ASN B 62 17.45 -11.37 -39.80
N ASP B 63 17.77 -10.18 -40.27
CA ASP B 63 19.15 -9.73 -40.29
C ASP B 63 19.63 -9.20 -38.94
N GLY B 64 18.75 -9.22 -37.95
CA GLY B 64 19.11 -8.81 -36.60
C GLY B 64 18.98 -7.38 -36.09
N TYR B 65 18.32 -6.49 -36.82
CA TYR B 65 18.21 -5.13 -36.32
C TYR B 65 17.28 -5.02 -35.11
N LEU B 66 16.11 -5.63 -35.20
CA LEU B 66 15.16 -5.52 -34.11
C LEU B 66 15.49 -6.36 -32.88
N THR B 67 15.93 -7.59 -33.11
CA THR B 67 16.26 -8.50 -32.02
C THR B 67 17.51 -8.03 -31.29
N GLY B 68 18.50 -7.53 -32.04
CA GLY B 68 19.71 -7.03 -31.43
C GLY B 68 19.48 -5.80 -30.54
N MET B 69 18.24 -5.37 -30.43
CA MET B 69 17.91 -4.22 -29.61
C MET B 69 17.10 -4.57 -28.34
N GLY B 70 16.67 -5.82 -28.22
CA GLY B 70 15.92 -6.23 -27.05
C GLY B 70 14.42 -6.07 -27.23
N ILE B 71 14.02 -5.51 -28.37
CA ILE B 71 12.62 -5.29 -28.70
C ILE B 71 11.93 -6.66 -28.63
N THR B 72 10.73 -6.72 -28.05
CA THR B 72 10.02 -7.99 -27.95
C THR B 72 8.56 -7.97 -28.39
N ALA B 73 8.15 -6.89 -29.07
CA ALA B 73 6.77 -6.76 -29.56
C ALA B 73 6.80 -5.64 -30.58
N ILE B 74 6.02 -5.78 -31.67
CA ILE B 74 5.94 -4.76 -32.71
C ILE B 74 4.50 -4.29 -32.91
N TRP B 75 4.33 -2.99 -32.98
CA TRP B 75 3.03 -2.36 -33.16
C TRP B 75 3.10 -1.76 -34.55
N ILE B 76 2.25 -2.22 -35.44
CA ILE B 76 2.25 -1.73 -36.83
C ILE B 76 0.94 -1.08 -37.27
N SER B 77 1.00 -0.34 -38.38
CA SER B 77 -0.17 0.33 -38.94
C SER B 77 -1.25 -0.70 -39.30
N GLN B 78 -2.51 -0.31 -39.17
CA GLN B 78 -3.66 -1.16 -39.50
C GLN B 78 -3.37 -1.94 -40.79
N PRO B 79 -3.59 -3.27 -40.77
CA PRO B 79 -3.34 -4.13 -41.94
C PRO B 79 -4.46 -4.18 -42.99
N VAL B 80 -5.64 -3.71 -42.61
CA VAL B 80 -6.84 -3.72 -43.46
C VAL B 80 -6.72 -2.84 -44.72
N GLU B 81 -7.54 -3.16 -45.73
CA GLU B 81 -7.51 -2.44 -47.01
C GLU B 81 -8.02 -1.00 -46.89
N ASN B 82 -7.23 -0.09 -47.44
CA ASN B 82 -7.54 1.34 -47.44
C ASN B 82 -8.04 1.79 -48.81
N ILE B 83 -8.57 3.01 -48.89
CA ILE B 83 -9.02 3.55 -50.17
C ILE B 83 -7.78 3.77 -51.03
N TYR B 84 -7.92 3.65 -52.34
CA TYR B 84 -6.78 3.84 -53.24
C TYR B 84 -6.62 5.27 -53.80
N SER B 85 -7.56 6.16 -53.48
CA SER B 85 -7.53 7.54 -53.97
C SER B 85 -6.45 8.45 -53.39
N VAL B 86 -6.02 9.42 -54.20
CA VAL B 86 -5.02 10.40 -53.79
C VAL B 86 -5.78 11.70 -53.70
N ILE B 87 -6.09 12.07 -52.47
CA ILE B 87 -6.85 13.25 -52.14
C ILE B 87 -5.98 14.51 -52.15
N ASN B 88 -6.54 15.62 -52.61
CA ASN B 88 -5.79 16.87 -52.64
C ASN B 88 -6.40 17.86 -51.67
N TYR B 89 -5.70 18.09 -50.56
CA TYR B 89 -6.16 19.04 -49.57
C TYR B 89 -5.31 20.28 -49.73
N SER B 90 -5.96 21.38 -50.10
CA SER B 90 -5.31 22.69 -50.25
C SER B 90 -3.96 22.70 -50.98
N GLY B 91 -3.96 22.23 -52.23
CA GLY B 91 -2.74 22.20 -53.01
C GLY B 91 -1.68 21.25 -52.52
N VAL B 92 -2.12 20.12 -51.95
CA VAL B 92 -1.23 19.08 -51.43
C VAL B 92 -1.91 17.72 -51.63
N ASN B 93 -1.20 16.76 -52.21
CA ASN B 93 -1.77 15.42 -52.41
C ASN B 93 -1.63 14.55 -51.16
N ASN B 94 -2.62 13.69 -50.94
CA ASN B 94 -2.69 12.84 -49.75
C ASN B 94 -3.14 11.42 -50.09
N THR B 95 -2.41 10.42 -49.60
CA THR B 95 -2.76 9.01 -49.80
C THR B 95 -2.99 8.37 -48.40
N ALA B 96 -3.34 7.09 -48.33
CA ALA B 96 -3.60 6.44 -47.04
C ALA B 96 -2.41 5.66 -46.47
N TYR B 97 -1.20 6.20 -46.63
CA TYR B 97 0.02 5.55 -46.16
C TYR B 97 -0.01 5.07 -44.70
N HIS B 98 -0.84 5.72 -43.88
CA HIS B 98 -0.95 5.40 -42.44
C HIS B 98 -1.91 4.26 -42.08
N GLY B 99 -2.61 3.73 -43.07
CA GLY B 99 -3.53 2.63 -42.83
C GLY B 99 -4.82 2.97 -42.13
N LEU B 100 -5.08 4.25 -41.91
CA LEU B 100 -6.31 4.65 -41.21
C LEU B 100 -7.58 4.94 -42.05
N TRP B 101 -7.47 4.83 -43.38
CA TRP B 101 -8.63 5.09 -44.22
C TRP B 101 -9.25 3.78 -44.66
N ALA B 102 -9.80 3.05 -43.71
CA ALA B 102 -10.38 1.75 -43.98
C ALA B 102 -11.47 1.74 -45.02
N ARG B 103 -11.38 0.74 -45.90
CA ARG B 103 -12.33 0.52 -46.98
C ARG B 103 -12.96 -0.85 -46.72
N ASP B 104 -12.12 -1.82 -46.41
CA ASP B 104 -12.54 -3.20 -46.13
C ASP B 104 -11.71 -3.70 -44.94
N PHE B 105 -12.37 -4.09 -43.86
CA PHE B 105 -11.68 -4.57 -42.67
C PHE B 105 -11.34 -6.06 -42.71
N LYS B 106 -11.67 -6.72 -43.81
CA LYS B 106 -11.39 -8.14 -43.97
C LYS B 106 -10.33 -8.48 -45.00
N LYS B 107 -9.74 -7.46 -45.62
CA LYS B 107 -8.72 -7.69 -46.64
C LYS B 107 -7.48 -6.94 -46.21
N THR B 108 -6.38 -7.20 -46.89
CA THR B 108 -5.13 -6.55 -46.54
C THR B 108 -4.92 -5.31 -47.39
N ASN B 109 -3.91 -4.56 -47.02
CA ASN B 109 -3.53 -3.36 -47.74
C ASN B 109 -2.37 -3.86 -48.58
N PRO B 110 -2.56 -3.94 -49.91
CA PRO B 110 -1.56 -4.40 -50.88
C PRO B 110 -0.21 -3.74 -50.79
N ALA B 111 -0.19 -2.44 -50.50
CA ALA B 111 1.08 -1.72 -50.40
C ALA B 111 1.92 -2.38 -49.28
N TYR B 112 1.24 -2.88 -48.25
CA TYR B 112 1.91 -3.56 -47.15
C TYR B 112 2.14 -5.01 -47.58
N GLY B 113 1.07 -5.66 -48.01
CA GLY B 113 1.19 -7.04 -48.46
C GLY B 113 -0.06 -7.89 -48.60
N THR B 114 0.21 -9.14 -48.93
CA THR B 114 -0.79 -10.17 -49.16
C THR B 114 -1.14 -10.87 -47.86
N MET B 115 -2.11 -11.77 -47.92
CA MET B 115 -2.49 -12.56 -46.75
C MET B 115 -1.29 -13.47 -46.48
N GLN B 116 -0.55 -13.80 -47.53
CA GLN B 116 0.65 -14.64 -47.42
C GLN B 116 1.75 -13.91 -46.65
N ASP B 117 1.97 -12.65 -46.98
CA ASP B 117 3.00 -11.85 -46.32
C ASP B 117 2.65 -11.56 -44.86
N PHE B 118 1.36 -11.42 -44.57
CA PHE B 118 0.92 -11.14 -43.21
C PHE B 118 1.21 -12.28 -42.26
N LYS B 119 0.72 -13.47 -42.61
CA LYS B 119 0.95 -14.67 -41.79
C LYS B 119 2.45 -14.94 -41.73
N ASN B 120 3.15 -14.59 -42.81
CA ASN B 120 4.61 -14.74 -42.91
C ASN B 120 5.27 -13.84 -41.84
N LEU B 121 4.69 -12.66 -41.61
CA LEU B 121 5.18 -11.72 -40.62
C LEU B 121 4.91 -12.27 -39.21
N ILE B 122 3.68 -12.70 -38.96
CA ILE B 122 3.32 -13.24 -37.65
C ILE B 122 4.26 -14.38 -37.29
N ASP B 123 4.23 -15.42 -38.13
CA ASP B 123 5.04 -16.61 -37.96
C ASP B 123 6.51 -16.33 -37.74
N THR B 124 7.08 -15.45 -38.57
CA THR B 124 8.50 -15.08 -38.45
C THR B 124 8.81 -14.32 -37.16
N ALA B 125 7.85 -13.51 -36.69
CA ALA B 125 8.01 -12.70 -35.48
C ALA B 125 8.03 -13.61 -34.27
N HIS B 126 6.97 -14.39 -34.15
CA HIS B 126 6.81 -15.35 -33.06
C HIS B 126 8.06 -16.26 -32.94
N ALA B 127 8.61 -16.69 -34.09
CA ALA B 127 9.80 -17.54 -34.13
C ALA B 127 11.01 -16.88 -33.49
N HIS B 128 10.96 -15.57 -33.34
CA HIS B 128 12.04 -14.82 -32.72
C HIS B 128 11.55 -14.20 -31.42
N ASN B 129 10.46 -14.77 -30.90
CA ASN B 129 9.83 -14.33 -29.65
C ASN B 129 9.42 -12.85 -29.58
N ILE B 130 8.80 -12.38 -30.66
CA ILE B 130 8.34 -11.01 -30.77
C ILE B 130 6.84 -11.05 -30.97
N LYS B 131 6.09 -10.37 -30.11
CA LYS B 131 4.63 -10.34 -30.21
C LYS B 131 4.26 -9.30 -31.26
N VAL B 132 3.07 -9.45 -31.86
CA VAL B 132 2.62 -8.52 -32.89
C VAL B 132 1.28 -7.91 -32.55
N ILE B 133 1.26 -6.59 -32.47
CA ILE B 133 0.05 -5.87 -32.19
C ILE B 133 -0.24 -4.99 -33.41
N ILE B 134 -1.52 -4.76 -33.69
CA ILE B 134 -1.91 -3.96 -34.85
C ILE B 134 -2.95 -2.90 -34.49
N ASP B 135 -3.01 -1.84 -35.29
CA ASP B 135 -3.98 -0.78 -35.08
C ASP B 135 -5.31 -1.26 -35.60
N PHE B 136 -6.37 -0.78 -34.98
CA PHE B 136 -7.71 -1.13 -35.42
C PHE B 136 -8.52 0.15 -35.27
N ALA B 137 -9.10 0.64 -36.36
CA ALA B 137 -9.91 1.88 -36.33
C ALA B 137 -11.35 1.63 -36.75
N PRO B 138 -12.21 1.21 -35.79
CA PRO B 138 -13.62 0.93 -36.06
C PRO B 138 -14.57 2.13 -35.91
N ASN B 139 -14.02 3.33 -35.81
CA ASN B 139 -14.83 4.54 -35.63
C ASN B 139 -15.34 5.10 -36.94
N HIS B 140 -14.51 4.98 -37.98
CA HIS B 140 -14.83 5.56 -39.27
C HIS B 140 -14.31 4.71 -40.42
N THR B 141 -14.66 5.10 -41.66
CA THR B 141 -14.16 4.43 -42.85
C THR B 141 -13.11 5.35 -43.48
N SER B 142 -13.54 6.23 -44.40
CA SER B 142 -12.63 7.16 -45.08
C SER B 142 -13.24 8.55 -45.33
N PRO B 143 -12.44 9.53 -45.77
CA PRO B 143 -12.90 10.90 -46.06
C PRO B 143 -14.07 10.86 -47.06
N ALA B 144 -15.23 11.33 -46.63
CA ALA B 144 -16.41 11.31 -47.48
C ALA B 144 -17.24 12.59 -47.39
N SER B 145 -17.98 12.85 -48.46
CA SER B 145 -18.86 14.02 -48.55
C SER B 145 -20.22 13.54 -49.00
N SER B 146 -21.26 13.93 -48.28
CA SER B 146 -22.62 13.55 -48.66
C SER B 146 -23.02 14.21 -49.98
N ASP B 147 -22.61 15.47 -50.15
CA ASP B 147 -22.90 16.30 -51.32
C ASP B 147 -22.14 16.00 -52.61
N ASP B 148 -20.88 15.62 -52.50
CA ASP B 148 -20.06 15.31 -53.67
C ASP B 148 -19.61 13.85 -53.61
N PRO B 149 -20.43 12.93 -54.13
CA PRO B 149 -20.12 11.48 -54.13
C PRO B 149 -18.91 11.08 -54.98
N SER B 150 -18.23 12.08 -55.53
CA SER B 150 -17.05 11.86 -56.37
C SER B 150 -15.79 12.20 -55.62
N PHE B 151 -15.96 12.65 -54.37
CA PHE B 151 -14.84 12.99 -53.51
C PHE B 151 -14.34 11.68 -52.88
N ALA B 152 -13.02 11.44 -52.94
CA ALA B 152 -12.40 10.23 -52.40
C ALA B 152 -13.18 9.02 -52.90
N GLU B 153 -13.53 8.07 -52.03
CA GLU B 153 -14.31 6.90 -52.47
C GLU B 153 -15.67 6.92 -51.80
N ASN B 154 -16.14 8.12 -51.47
CA ASN B 154 -17.41 8.29 -50.81
C ASN B 154 -17.48 7.38 -49.58
N GLY B 155 -16.37 7.25 -48.89
CA GLY B 155 -16.30 6.43 -47.69
C GLY B 155 -17.09 5.14 -47.74
N ARG B 156 -16.96 4.42 -48.86
CA ARG B 156 -17.67 3.16 -49.04
C ARG B 156 -17.13 2.03 -48.18
N LEU B 157 -18.04 1.28 -47.55
CA LEU B 157 -17.63 0.15 -46.73
C LEU B 157 -17.96 -1.15 -47.46
N TYR B 158 -16.95 -1.97 -47.63
CA TYR B 158 -17.10 -3.25 -48.30
C TYR B 158 -17.04 -4.34 -47.25
N ASP B 159 -17.48 -5.53 -47.63
CA ASP B 159 -17.48 -6.69 -46.74
C ASP B 159 -16.88 -7.82 -47.57
N ASN B 160 -15.57 -8.00 -47.44
CA ASN B 160 -14.87 -9.05 -48.19
C ASN B 160 -15.10 -8.89 -49.69
N GLY B 161 -15.29 -7.66 -50.16
CA GLY B 161 -15.52 -7.42 -51.58
C GLY B 161 -16.90 -6.84 -51.91
N ASN B 162 -17.95 -7.34 -51.26
CA ASN B 162 -19.32 -6.87 -51.48
C ASN B 162 -19.48 -5.49 -50.87
N LEU B 163 -19.89 -4.54 -51.70
CA LEU B 163 -20.11 -3.18 -51.25
C LEU B 163 -21.32 -3.16 -50.32
N LEU B 164 -21.22 -2.42 -49.21
CA LEU B 164 -22.33 -2.33 -48.26
C LEU B 164 -23.10 -1.00 -48.37
N GLY B 165 -22.36 0.07 -48.60
CA GLY B 165 -22.97 1.37 -48.70
C GLY B 165 -21.90 2.44 -48.77
N GLY B 166 -22.33 3.66 -49.02
CA GLY B 166 -21.40 4.78 -49.10
C GLY B 166 -22.01 5.84 -48.22
N TYR B 167 -21.35 6.99 -48.14
CA TYR B 167 -21.84 8.08 -47.33
C TYR B 167 -23.05 8.73 -47.99
N THR B 168 -22.97 8.95 -49.30
CA THR B 168 -24.08 9.55 -50.04
C THR B 168 -25.20 8.54 -50.29
N ASN B 169 -26.45 9.00 -50.18
CA ASN B 169 -27.60 8.14 -50.37
C ASN B 169 -27.51 6.91 -49.45
N ASP B 170 -27.04 7.15 -48.23
CA ASP B 170 -26.89 6.13 -47.20
C ASP B 170 -28.27 5.87 -46.65
N THR B 171 -29.04 5.08 -47.39
CA THR B 171 -30.40 4.76 -47.03
C THR B 171 -30.58 3.87 -45.80
N GLN B 172 -29.59 3.03 -45.52
CA GLN B 172 -29.68 2.16 -44.35
C GLN B 172 -28.86 2.66 -43.16
N ASN B 173 -28.77 3.99 -43.05
CA ASN B 173 -28.03 4.70 -42.02
C ASN B 173 -26.81 3.98 -41.44
N LEU B 174 -25.89 3.63 -42.32
CA LEU B 174 -24.67 2.97 -41.90
C LEU B 174 -23.76 3.98 -41.22
N PHE B 175 -23.98 5.26 -41.50
CA PHE B 175 -23.17 6.31 -40.90
C PHE B 175 -24.03 7.36 -40.23
N HIS B 176 -23.37 8.34 -39.60
CA HIS B 176 -24.01 9.45 -38.93
C HIS B 176 -24.10 10.62 -39.89
N HIS B 177 -25.22 11.32 -39.85
CA HIS B 177 -25.43 12.46 -40.72
C HIS B 177 -25.91 13.63 -39.87
N TYR B 178 -24.99 14.12 -39.03
CA TYR B 178 -25.24 15.24 -38.11
C TYR B 178 -24.20 16.33 -38.27
N GLY B 179 -23.32 16.19 -39.26
CA GLY B 179 -22.27 17.17 -39.48
C GLY B 179 -20.96 16.83 -38.79
N GLY B 180 -20.00 17.75 -38.86
CA GLY B 180 -18.69 17.56 -38.23
C GLY B 180 -18.66 18.09 -36.81
N THR B 181 -17.80 17.49 -35.99
CA THR B 181 -17.66 17.86 -34.58
C THR B 181 -16.82 19.09 -34.33
N ASP B 182 -17.22 19.84 -33.31
CA ASP B 182 -16.50 21.05 -32.90
C ASP B 182 -15.69 20.72 -31.66
N PHE B 183 -15.77 19.47 -31.19
CA PHE B 183 -15.04 18.99 -30.02
C PHE B 183 -15.50 19.69 -28.73
N SER B 184 -16.68 20.30 -28.77
CA SER B 184 -17.23 21.02 -27.62
C SER B 184 -17.62 20.12 -26.47
N THR B 185 -17.98 18.88 -26.77
CA THR B 185 -18.38 17.96 -25.73
C THR B 185 -18.01 16.52 -26.08
N ILE B 186 -18.17 15.62 -25.11
CA ILE B 186 -17.86 14.22 -25.35
C ILE B 186 -18.94 13.71 -26.31
N GLU B 187 -20.20 13.86 -25.91
CA GLU B 187 -21.33 13.42 -26.72
C GLU B 187 -21.24 13.96 -28.16
N ASN B 188 -20.73 15.18 -28.30
CA ASN B 188 -20.57 15.81 -29.61
C ASN B 188 -19.53 15.06 -30.46
N GLY B 189 -18.29 15.02 -29.98
CA GLY B 189 -17.21 14.34 -30.67
C GLY B 189 -17.44 12.85 -30.89
N ILE B 190 -18.40 12.27 -30.17
CA ILE B 190 -18.74 10.87 -30.31
C ILE B 190 -19.66 10.66 -31.52
N TYR B 191 -20.73 11.44 -31.55
CA TYR B 191 -21.73 11.34 -32.60
C TYR B 191 -21.57 12.13 -33.89
N LYS B 192 -20.79 13.20 -33.88
CA LYS B 192 -20.61 13.95 -35.11
C LYS B 192 -19.30 13.50 -35.75
N ASN B 193 -19.22 13.62 -37.07
CA ASN B 193 -18.03 13.20 -37.79
C ASN B 193 -16.77 13.89 -37.28
N LEU B 194 -15.62 13.23 -37.44
CA LEU B 194 -14.32 13.78 -37.05
C LEU B 194 -13.71 14.34 -38.32
N TYR B 195 -13.81 15.65 -38.51
CA TYR B 195 -13.30 16.30 -39.73
C TYR B 195 -14.17 15.68 -40.83
N ASP B 196 -13.53 15.23 -41.91
CA ASP B 196 -14.22 14.61 -43.02
C ASP B 196 -13.91 13.13 -42.99
N LEU B 197 -14.63 12.39 -42.17
CA LEU B 197 -14.41 10.97 -42.06
C LEU B 197 -15.76 10.38 -41.79
N ALA B 198 -16.28 9.65 -42.78
CA ALA B 198 -17.59 9.01 -42.65
C ALA B 198 -17.60 8.31 -41.29
N ASP B 199 -18.50 8.75 -40.42
CA ASP B 199 -18.60 8.20 -39.10
C ASP B 199 -19.56 7.02 -39.07
N LEU B 200 -19.00 5.83 -38.84
CA LEU B 200 -19.78 4.60 -38.81
C LEU B 200 -20.77 4.63 -37.67
N ASN B 201 -21.95 4.07 -37.94
CA ASN B 201 -23.02 4.05 -36.98
C ASN B 201 -23.09 2.70 -36.31
N HIS B 202 -22.64 2.65 -35.05
CA HIS B 202 -22.63 1.41 -34.29
C HIS B 202 -23.97 0.93 -33.76
N ASN B 203 -25.02 1.73 -33.95
CA ASN B 203 -26.37 1.36 -33.51
C ASN B 203 -27.02 0.51 -34.59
N ASN B 204 -26.36 0.45 -35.74
CA ASN B 204 -26.85 -0.33 -36.85
C ASN B 204 -26.23 -1.72 -36.75
N SER B 205 -27.07 -2.73 -36.60
CA SER B 205 -26.63 -4.10 -36.46
C SER B 205 -25.61 -4.56 -37.52
N SER B 206 -25.71 -4.04 -38.74
CA SER B 206 -24.77 -4.39 -39.78
C SER B 206 -23.37 -3.99 -39.33
N VAL B 207 -23.17 -2.69 -39.11
CA VAL B 207 -21.87 -2.20 -38.69
C VAL B 207 -21.43 -2.93 -37.40
N ASP B 208 -22.39 -3.22 -36.52
CA ASP B 208 -22.11 -3.92 -35.26
C ASP B 208 -21.51 -5.31 -35.46
N VAL B 209 -22.32 -6.29 -35.89
CA VAL B 209 -21.79 -7.64 -36.06
C VAL B 209 -20.67 -7.73 -37.09
N TYR B 210 -20.66 -6.82 -38.06
CA TYR B 210 -19.63 -6.80 -39.09
C TYR B 210 -18.30 -6.40 -38.45
N LEU B 211 -18.34 -5.36 -37.61
CA LEU B 211 -17.11 -4.91 -36.97
C LEU B 211 -16.59 -5.94 -36.00
N LYS B 212 -17.51 -6.71 -35.42
CA LYS B 212 -17.12 -7.75 -34.48
C LYS B 212 -16.61 -9.00 -35.18
N ASP B 213 -17.29 -9.39 -36.25
CA ASP B 213 -16.83 -10.54 -37.03
C ASP B 213 -15.44 -10.20 -37.56
N ALA B 214 -15.26 -8.96 -38.02
CA ALA B 214 -13.97 -8.55 -38.57
C ALA B 214 -12.82 -8.60 -37.55
N ILE B 215 -13.09 -8.31 -36.29
CA ILE B 215 -12.01 -8.36 -35.28
C ILE B 215 -11.67 -9.82 -34.97
N LYS B 216 -12.67 -10.70 -35.03
CA LYS B 216 -12.47 -12.14 -34.83
C LYS B 216 -11.45 -12.62 -35.87
N MET B 217 -11.65 -12.21 -37.12
CA MET B 217 -10.78 -12.62 -38.23
C MET B 217 -9.29 -12.32 -38.05
N TRP B 218 -8.94 -11.22 -37.39
CA TRP B 218 -7.52 -10.91 -37.19
C TRP B 218 -6.94 -11.70 -36.02
N LEU B 219 -7.82 -12.05 -35.07
CA LEU B 219 -7.45 -12.83 -33.89
C LEU B 219 -7.18 -14.26 -34.34
N ASP B 220 -7.95 -14.70 -35.33
CA ASP B 220 -7.77 -16.03 -35.89
C ASP B 220 -6.45 -16.06 -36.69
N LEU B 221 -6.02 -14.90 -37.18
CA LEU B 221 -4.76 -14.81 -37.92
C LEU B 221 -3.53 -14.77 -37.01
N GLY B 222 -3.75 -14.68 -35.70
CA GLY B 222 -2.65 -14.68 -34.75
C GLY B 222 -2.09 -13.39 -34.18
N VAL B 223 -2.92 -12.37 -34.04
CA VAL B 223 -2.44 -11.11 -33.49
C VAL B 223 -2.34 -11.24 -31.98
N ASP B 224 -1.28 -10.68 -31.42
CA ASP B 224 -1.06 -10.74 -29.98
C ASP B 224 -1.62 -9.57 -29.15
N GLY B 225 -1.85 -8.42 -29.80
CA GLY B 225 -2.42 -7.25 -29.12
C GLY B 225 -3.15 -6.30 -30.05
N ILE B 226 -4.13 -5.56 -29.55
CA ILE B 226 -4.92 -4.61 -30.36
C ILE B 226 -4.83 -3.15 -29.88
N ARG B 227 -4.47 -2.25 -30.79
CA ARG B 227 -4.38 -0.83 -30.45
C ARG B 227 -5.55 -0.08 -31.09
N VAL B 228 -6.53 0.31 -30.28
CA VAL B 228 -7.73 0.98 -30.76
C VAL B 228 -7.66 2.50 -30.92
N ASP B 229 -8.10 2.95 -32.10
CA ASP B 229 -8.13 4.36 -32.51
C ASP B 229 -9.35 5.12 -32.03
N ALA B 230 -9.15 6.42 -31.80
CA ALA B 230 -10.20 7.35 -31.35
C ALA B 230 -11.20 6.75 -30.37
N VAL B 231 -10.74 6.29 -29.21
CA VAL B 231 -11.64 5.68 -28.23
C VAL B 231 -12.58 6.72 -27.65
N LYS B 232 -12.14 7.97 -27.67
CA LYS B 232 -12.92 9.08 -27.13
C LYS B 232 -14.07 9.51 -28.07
N HIS B 233 -14.06 9.01 -29.29
CA HIS B 233 -15.07 9.37 -30.30
C HIS B 233 -16.01 8.23 -30.70
N MET B 234 -16.15 7.27 -29.79
CA MET B 234 -17.04 6.13 -29.96
C MET B 234 -17.72 5.96 -28.61
N PRO B 235 -19.02 5.61 -28.60
CA PRO B 235 -19.81 5.42 -27.37
C PRO B 235 -19.24 4.34 -26.42
N PHE B 236 -18.96 4.72 -25.18
CA PHE B 236 -18.39 3.81 -24.16
C PHE B 236 -19.16 2.48 -24.09
N GLY B 237 -20.49 2.55 -24.11
CA GLY B 237 -21.29 1.36 -24.04
C GLY B 237 -21.08 0.37 -25.17
N TRP B 238 -20.61 0.84 -26.32
CA TRP B 238 -20.37 -0.06 -27.45
C TRP B 238 -18.96 -0.59 -27.38
N GLN B 239 -18.03 0.24 -26.89
CA GLN B 239 -16.66 -0.19 -26.79
C GLN B 239 -16.52 -1.31 -25.77
N LYS B 240 -17.40 -1.34 -24.78
CA LYS B 240 -17.37 -2.37 -23.76
C LYS B 240 -17.91 -3.68 -24.32
N SER B 241 -18.97 -3.56 -25.14
CA SER B 241 -19.61 -4.71 -25.78
C SER B 241 -18.62 -5.27 -26.79
N PHE B 242 -17.83 -4.37 -27.36
CA PHE B 242 -16.81 -4.74 -28.31
C PHE B 242 -15.69 -5.48 -27.53
N MET B 243 -15.26 -4.90 -26.41
CA MET B 243 -14.22 -5.51 -25.57
C MET B 243 -14.70 -6.86 -25.05
N ALA B 244 -15.98 -6.92 -24.69
CA ALA B 244 -16.57 -8.14 -24.18
C ALA B 244 -16.42 -9.25 -25.21
N THR B 245 -16.49 -8.88 -26.48
CA THR B 245 -16.39 -9.82 -27.59
C THR B 245 -15.00 -10.39 -27.76
N ILE B 246 -13.99 -9.55 -27.62
CA ILE B 246 -12.65 -10.03 -27.75
C ILE B 246 -12.40 -10.97 -26.57
N ASN B 247 -12.66 -10.46 -25.37
CA ASN B 247 -12.46 -11.20 -24.13
C ASN B 247 -13.20 -12.54 -24.06
N ASN B 248 -14.44 -12.57 -24.50
CA ASN B 248 -15.22 -13.81 -24.45
C ASN B 248 -14.92 -14.73 -25.62
N TYR B 249 -13.86 -14.45 -26.37
CA TYR B 249 -13.49 -15.27 -27.52
C TYR B 249 -12.00 -15.64 -27.46
N LYS B 250 -11.12 -14.66 -27.66
CA LYS B 250 -9.66 -14.87 -27.59
C LYS B 250 -9.03 -13.66 -26.90
N PRO B 251 -9.11 -13.59 -25.57
CA PRO B 251 -8.59 -12.52 -24.72
C PRO B 251 -7.25 -12.01 -25.19
N VAL B 252 -7.22 -10.75 -25.59
CA VAL B 252 -6.01 -10.12 -26.07
C VAL B 252 -5.83 -8.76 -25.40
N PHE B 253 -4.58 -8.34 -25.31
CA PHE B 253 -4.21 -7.06 -24.72
C PHE B 253 -4.62 -5.95 -25.70
N THR B 254 -5.62 -5.17 -25.31
CA THR B 254 -6.13 -4.09 -26.14
C THR B 254 -6.01 -2.74 -25.44
N PHE B 255 -5.62 -1.70 -26.18
CA PHE B 255 -5.49 -0.36 -25.63
C PHE B 255 -5.78 0.73 -26.66
N GLY B 256 -6.56 1.72 -26.26
CA GLY B 256 -6.87 2.80 -27.16
C GLY B 256 -6.11 4.09 -26.87
N GLU B 257 -6.26 5.07 -27.75
CA GLU B 257 -5.63 6.38 -27.58
C GLU B 257 -6.71 7.41 -27.21
N TRP B 258 -6.42 8.23 -26.20
CA TRP B 258 -7.34 9.29 -25.75
C TRP B 258 -6.38 10.44 -25.41
N PHE B 259 -6.11 11.27 -26.41
CA PHE B 259 -5.17 12.39 -26.30
C PHE B 259 -5.35 13.28 -25.05
N LEU B 260 -4.22 13.59 -24.41
CA LEU B 260 -4.17 14.47 -23.23
C LEU B 260 -3.05 15.48 -23.43
N GLY B 261 -3.39 16.77 -23.38
CA GLY B 261 -2.39 17.81 -23.53
C GLY B 261 -1.66 18.03 -22.22
N VAL B 262 -0.60 18.84 -22.24
CA VAL B 262 0.18 19.13 -21.04
C VAL B 262 -0.68 19.62 -19.90
N ASN B 263 -0.40 19.14 -18.70
CA ASN B 263 -1.16 19.52 -17.50
C ASN B 263 -2.69 19.35 -17.62
N GLU B 264 -3.10 18.24 -18.21
CA GLU B 264 -4.53 17.92 -18.36
C GLU B 264 -4.85 16.54 -17.74
N ILE B 265 -5.94 16.45 -16.99
CA ILE B 265 -6.35 15.17 -16.39
C ILE B 265 -7.87 14.94 -16.28
N SER B 266 -8.48 14.66 -17.42
CA SER B 266 -9.91 14.40 -17.48
C SER B 266 -10.27 13.19 -16.63
N PRO B 267 -11.32 13.30 -15.81
CA PRO B 267 -11.69 12.15 -14.99
C PRO B 267 -12.38 11.10 -15.85
N GLU B 268 -12.84 11.51 -17.04
CA GLU B 268 -13.48 10.61 -18.01
C GLU B 268 -12.40 9.69 -18.59
N TYR B 269 -11.23 10.27 -18.79
CA TYR B 269 -10.05 9.57 -19.31
C TYR B 269 -9.71 8.39 -18.39
N HIS B 270 -9.74 8.65 -17.08
CA HIS B 270 -9.44 7.63 -16.10
C HIS B 270 -10.61 6.66 -15.94
N GLN B 271 -11.82 7.20 -15.80
CA GLN B 271 -13.02 6.39 -15.66
C GLN B 271 -13.10 5.36 -16.80
N PHE B 272 -12.56 5.74 -17.94
CA PHE B 272 -12.54 4.87 -19.11
C PHE B 272 -11.50 3.74 -18.95
N ALA B 273 -10.24 4.09 -18.68
CA ALA B 273 -9.17 3.11 -18.53
C ALA B 273 -9.48 2.08 -17.47
N ASN B 274 -10.30 2.47 -16.52
CA ASN B 274 -10.67 1.58 -15.43
C ASN B 274 -11.97 0.81 -15.64
N GLU B 275 -12.92 1.38 -16.38
CA GLU B 275 -14.21 0.72 -16.61
C GLU B 275 -14.47 0.12 -17.98
N SER B 276 -13.66 0.46 -18.98
CA SER B 276 -13.86 -0.03 -20.35
C SER B 276 -13.46 -1.47 -20.67
N GLY B 277 -12.35 -1.92 -20.10
CA GLY B 277 -11.89 -3.27 -20.37
C GLY B 277 -10.56 -3.25 -21.08
N MET B 278 -10.22 -2.10 -21.65
CA MET B 278 -8.94 -1.92 -22.34
C MET B 278 -8.21 -0.82 -21.59
N SER B 279 -6.90 -0.80 -21.72
CA SER B 279 -6.07 0.19 -21.06
C SER B 279 -6.03 1.43 -21.91
N LEU B 280 -4.90 2.12 -21.91
CA LEU B 280 -4.76 3.34 -22.71
C LEU B 280 -3.30 3.74 -22.81
N LEU B 281 -2.98 4.55 -23.80
CA LEU B 281 -1.63 5.06 -23.94
C LEU B 281 -1.54 5.99 -22.72
N ASP B 282 -0.36 6.09 -22.11
CA ASP B 282 -0.21 6.92 -20.92
C ASP B 282 0.24 8.33 -21.29
N PHE B 283 -0.71 9.14 -21.76
CA PHE B 283 -0.38 10.51 -22.13
C PHE B 283 -0.02 11.32 -20.87
N ARG B 284 -0.57 10.88 -19.74
CA ARG B 284 -0.29 11.53 -18.46
C ARG B 284 1.20 11.42 -18.10
N PHE B 285 1.80 10.28 -18.42
CA PHE B 285 3.20 9.99 -18.15
C PHE B 285 4.10 10.68 -19.15
N ALA B 286 3.74 10.58 -20.43
CA ALA B 286 4.53 11.17 -21.50
C ALA B 286 4.67 12.69 -21.44
N GLN B 287 3.60 13.38 -21.10
CA GLN B 287 3.63 14.85 -21.03
C GLN B 287 4.58 15.35 -19.94
N LYS B 288 4.53 14.73 -18.77
CA LYS B 288 5.41 15.12 -17.66
C LYS B 288 6.87 14.73 -17.94
N ALA B 289 7.07 13.52 -18.48
CA ALA B 289 8.40 13.03 -18.81
C ALA B 289 9.02 14.05 -19.71
N ARG B 290 8.26 14.50 -20.70
CA ARG B 290 8.72 15.51 -21.66
C ARG B 290 8.96 16.86 -20.97
N GLN B 291 8.12 17.24 -20.02
CA GLN B 291 8.28 18.50 -19.29
C GLN B 291 9.58 18.55 -18.50
N VAL B 292 9.97 17.39 -17.97
CA VAL B 292 11.17 17.31 -17.16
C VAL B 292 12.43 17.03 -17.97
N PHE B 293 12.36 16.00 -18.81
CA PHE B 293 13.51 15.56 -19.59
C PHE B 293 13.75 16.26 -20.90
N ARG B 294 12.71 16.88 -21.46
CA ARG B 294 12.85 17.54 -22.75
C ARG B 294 12.76 19.07 -22.70
N ASP B 295 11.56 19.56 -22.44
CA ASP B 295 11.25 20.98 -22.42
C ASP B 295 11.77 21.81 -21.24
N ASN B 296 11.85 21.19 -20.07
CA ASN B 296 12.30 21.85 -18.84
C ASN B 296 11.25 22.82 -18.32
N THR B 297 9.99 22.37 -18.38
CA THR B 297 8.89 23.18 -17.90
C THR B 297 8.37 22.61 -16.57
N ASP B 298 9.21 21.79 -15.92
CA ASP B 298 8.89 21.17 -14.63
C ASP B 298 10.14 20.48 -14.13
N ASN B 299 10.19 20.16 -12.83
CA ASN B 299 11.34 19.48 -12.24
C ASN B 299 11.02 18.09 -11.68
N MET B 300 11.94 17.52 -10.90
CA MET B 300 11.73 16.17 -10.37
C MET B 300 10.56 15.97 -9.42
N TYR B 301 10.09 17.07 -8.85
CA TYR B 301 8.95 17.03 -7.92
C TYR B 301 7.66 16.80 -8.65
N GLY B 302 7.66 17.13 -9.95
CA GLY B 302 6.47 16.95 -10.78
C GLY B 302 6.37 15.48 -11.17
N LEU B 303 7.51 14.88 -11.50
CA LEU B 303 7.58 13.47 -11.86
C LEU B 303 7.06 12.69 -10.68
N LYS B 304 7.64 13.00 -9.52
CA LYS B 304 7.27 12.36 -8.27
C LYS B 304 5.76 12.40 -8.09
N ALA B 305 5.16 13.56 -8.33
CA ALA B 305 3.71 13.74 -8.19
C ALA B 305 2.92 12.93 -9.20
N MET B 306 3.42 12.89 -10.43
CA MET B 306 2.76 12.16 -11.51
C MET B 306 2.87 10.66 -11.27
N LEU B 307 4.06 10.18 -10.95
CA LEU B 307 4.31 8.76 -10.69
C LEU B 307 3.45 8.22 -9.58
N GLU B 308 3.34 8.97 -8.49
CA GLU B 308 2.55 8.56 -7.33
C GLU B 308 1.05 8.74 -7.54
N GLY B 309 0.67 9.81 -8.24
CA GLY B 309 -0.74 10.06 -8.52
C GLY B 309 -1.27 9.04 -9.52
N SER B 310 -0.43 8.63 -10.46
CA SER B 310 -0.80 7.66 -11.47
C SER B 310 -1.30 6.37 -10.84
N GLU B 311 -0.46 5.78 -9.99
CA GLU B 311 -0.73 4.52 -9.30
C GLU B 311 -2.04 4.42 -8.53
N VAL B 312 -2.61 5.56 -8.20
CA VAL B 312 -3.85 5.58 -7.43
C VAL B 312 -5.03 5.82 -8.36
N ASP B 313 -4.80 6.58 -9.42
CA ASP B 313 -5.87 6.89 -10.35
C ASP B 313 -6.11 5.80 -11.39
N TYR B 314 -5.07 5.02 -11.67
CA TYR B 314 -5.16 3.92 -12.62
C TYR B 314 -5.40 2.64 -11.83
N ALA B 315 -6.61 2.07 -11.96
CA ALA B 315 -6.97 0.83 -11.26
C ALA B 315 -5.91 -0.25 -11.48
N GLN B 316 -5.30 -0.24 -12.66
CA GLN B 316 -4.22 -1.16 -13.04
C GLN B 316 -3.15 -0.40 -13.82
N VAL B 317 -2.28 0.31 -13.11
CA VAL B 317 -1.24 1.08 -13.77
C VAL B 317 -0.24 0.24 -14.57
N ASN B 318 -0.21 -1.07 -14.32
CA ASN B 318 0.75 -1.97 -15.00
C ASN B 318 0.30 -2.36 -16.41
N ASP B 319 -0.89 -1.91 -16.78
CA ASP B 319 -1.41 -2.19 -18.09
C ASP B 319 -1.44 -0.94 -18.97
N GLN B 320 -0.67 0.09 -18.59
CA GLN B 320 -0.67 1.34 -19.36
C GLN B 320 0.55 1.42 -20.23
N VAL B 321 0.35 1.76 -21.49
CA VAL B 321 1.45 1.85 -22.44
C VAL B 321 2.12 3.20 -22.33
N THR B 322 3.43 3.22 -22.09
CA THR B 322 4.14 4.47 -21.90
C THR B 322 5.04 4.78 -23.08
N PHE B 323 5.51 6.01 -23.15
CA PHE B 323 6.35 6.48 -24.26
C PHE B 323 6.77 7.95 -23.99
N ILE B 324 7.73 8.45 -24.75
CA ILE B 324 8.21 9.83 -24.59
C ILE B 324 7.80 10.68 -25.79
N ASP B 325 7.45 10.00 -26.87
CA ASP B 325 6.99 10.64 -28.08
C ASP B 325 6.37 9.56 -28.95
N ASN B 326 5.52 9.94 -29.89
CA ASN B 326 4.89 8.99 -30.78
C ASN B 326 4.31 9.70 -32.01
N HIS B 327 3.55 8.98 -32.82
CA HIS B 327 2.96 9.55 -34.03
C HIS B 327 2.08 10.80 -33.83
N ASP B 328 1.56 11.00 -32.62
CA ASP B 328 0.69 12.14 -32.35
C ASP B 328 1.37 13.33 -31.70
N MET B 329 2.70 13.37 -31.77
CA MET B 329 3.47 14.48 -31.20
C MET B 329 4.84 14.58 -31.83
N GLU B 330 5.39 15.79 -31.81
CA GLU B 330 6.70 15.99 -32.39
C GLU B 330 7.76 15.16 -31.69
N ARG B 331 8.81 14.82 -32.43
CA ARG B 331 9.92 14.03 -31.95
C ARG B 331 10.49 14.59 -30.68
N PHE B 332 11.16 13.73 -29.91
CA PHE B 332 11.77 14.11 -28.65
C PHE B 332 13.07 14.84 -28.94
N HIS B 333 13.94 14.22 -29.74
CA HIS B 333 15.22 14.82 -30.08
C HIS B 333 14.99 15.92 -31.11
N THR B 334 15.61 17.08 -30.86
CA THR B 334 15.53 18.24 -31.74
C THR B 334 16.84 18.39 -32.49
N SER B 335 16.79 19.08 -33.63
CA SER B 335 17.97 19.30 -34.45
C SER B 335 19.02 20.02 -33.59
N ASN B 336 20.12 19.33 -33.32
CA ASN B 336 21.21 19.85 -32.50
C ASN B 336 20.87 20.00 -31.01
N GLY B 337 20.00 19.10 -30.56
CA GLY B 337 19.60 19.06 -29.17
C GLY B 337 20.57 18.14 -28.44
N ASP B 338 20.40 18.06 -27.13
CA ASP B 338 21.27 17.24 -26.29
C ASP B 338 20.80 15.79 -26.26
N ARG B 339 21.57 14.93 -26.90
CA ARG B 339 21.27 13.50 -26.99
C ARG B 339 21.02 12.82 -25.65
N ARG B 340 21.75 13.23 -24.62
CA ARG B 340 21.61 12.65 -23.30
C ARG B 340 20.21 12.78 -22.76
N LYS B 341 19.45 13.74 -23.27
CA LYS B 341 18.05 13.93 -22.82
C LYS B 341 17.21 12.75 -23.30
N LEU B 342 17.40 12.39 -24.58
CA LEU B 342 16.69 11.28 -25.21
C LEU B 342 17.09 9.98 -24.51
N GLU B 343 18.40 9.78 -24.39
CA GLU B 343 18.94 8.59 -23.75
C GLU B 343 18.34 8.41 -22.37
N GLN B 344 18.39 9.45 -21.55
CA GLN B 344 17.84 9.44 -20.20
C GLN B 344 16.34 9.16 -20.17
N ALA B 345 15.58 9.88 -20.98
CA ALA B 345 14.14 9.68 -21.04
C ALA B 345 13.85 8.26 -21.50
N LEU B 346 14.70 7.75 -22.39
CA LEU B 346 14.59 6.40 -22.96
C LEU B 346 14.83 5.42 -21.81
N ALA B 347 15.86 5.68 -21.02
CA ALA B 347 16.21 4.85 -19.87
C ALA B 347 15.13 4.89 -18.78
N PHE B 348 14.46 6.03 -18.66
CA PHE B 348 13.41 6.23 -17.67
C PHE B 348 12.10 5.53 -18.07
N THR B 349 11.80 5.45 -19.36
CA THR B 349 10.56 4.78 -19.81
C THR B 349 10.69 3.27 -19.64
N LEU B 350 11.89 2.77 -19.94
CA LEU B 350 12.19 1.34 -19.85
C LEU B 350 12.24 0.82 -18.43
N THR B 351 12.79 1.62 -17.53
CA THR B 351 12.91 1.21 -16.13
C THR B 351 11.69 1.58 -15.32
N SER B 352 10.59 1.93 -15.98
CA SER B 352 9.38 2.31 -15.25
C SER B 352 8.17 1.42 -15.47
N ARG B 353 7.19 1.56 -14.58
CA ARG B 353 5.94 0.79 -14.65
C ARG B 353 5.18 0.96 -15.96
N GLY B 354 4.24 0.04 -16.21
CA GLY B 354 3.45 0.08 -17.43
C GLY B 354 4.16 -0.68 -18.54
N VAL B 355 3.59 -0.67 -19.74
CA VAL B 355 4.17 -1.37 -20.91
C VAL B 355 4.84 -0.34 -21.83
N PRO B 356 6.18 -0.22 -21.79
CA PRO B 356 6.89 0.75 -22.64
C PRO B 356 6.91 0.53 -24.16
N ALA B 357 6.69 1.61 -24.90
CA ALA B 357 6.70 1.60 -26.37
C ALA B 357 7.72 2.62 -26.87
N ILE B 358 8.51 2.22 -27.86
CA ILE B 358 9.54 3.07 -28.48
C ILE B 358 9.13 3.39 -29.92
N TYR B 359 9.04 4.67 -30.26
CA TYR B 359 8.66 5.10 -31.61
C TYR B 359 9.82 4.82 -32.56
N TYR B 360 9.59 4.04 -33.60
CA TYR B 360 10.62 3.67 -34.56
C TYR B 360 11.55 4.84 -34.90
N GLY B 361 12.85 4.60 -34.86
CA GLY B 361 13.79 5.64 -35.17
C GLY B 361 14.31 6.44 -33.99
N SER B 362 13.79 6.17 -32.79
CA SER B 362 14.26 6.86 -31.60
C SER B 362 15.77 6.59 -31.43
N GLU B 363 16.13 5.33 -31.62
CA GLU B 363 17.51 4.86 -31.51
C GLU B 363 18.44 5.44 -32.55
N GLN B 364 17.89 6.17 -33.51
CA GLN B 364 18.70 6.79 -34.56
C GLN B 364 18.66 8.31 -34.42
N TYR B 365 18.14 8.77 -33.27
CA TYR B 365 18.03 10.19 -32.97
C TYR B 365 17.36 10.95 -34.11
N MET B 366 16.19 10.46 -34.49
CA MET B 366 15.39 11.05 -35.56
C MET B 366 14.69 12.28 -35.02
N SER B 367 14.61 13.31 -35.85
CA SER B 367 13.97 14.56 -35.47
C SER B 367 12.83 14.83 -36.44
N GLY B 368 11.82 15.55 -35.97
CA GLY B 368 10.69 15.88 -36.80
C GLY B 368 9.62 16.53 -35.95
N GLY B 369 9.01 17.57 -36.48
CA GLY B 369 7.97 18.27 -35.76
C GLY B 369 6.67 17.50 -35.84
N ASN B 370 5.57 18.21 -35.99
CA ASN B 370 4.28 17.57 -36.06
C ASN B 370 3.85 17.03 -37.43
N ASP B 371 2.87 16.13 -37.38
CA ASP B 371 2.28 15.46 -38.53
C ASP B 371 2.39 16.32 -39.78
N PRO B 372 3.01 15.79 -40.87
CA PRO B 372 3.61 14.46 -40.99
C PRO B 372 5.12 14.50 -40.79
N ASP B 373 5.64 15.58 -40.23
CA ASP B 373 7.08 15.73 -40.03
C ASP B 373 7.75 14.77 -39.10
N ASN B 374 6.96 14.11 -38.26
CA ASN B 374 7.53 13.13 -37.34
C ASN B 374 7.76 11.81 -38.07
N ARG B 375 6.72 11.32 -38.72
CA ARG B 375 6.83 10.05 -39.43
C ARG B 375 7.63 9.99 -40.75
N ALA B 376 8.93 10.31 -40.67
CA ALA B 376 9.84 10.27 -41.83
C ALA B 376 10.40 8.85 -41.89
N ARG B 377 10.90 8.43 -43.05
CA ARG B 377 11.46 7.09 -43.16
C ARG B 377 12.78 6.98 -42.37
N LEU B 378 13.03 5.82 -41.77
CA LEU B 378 14.24 5.58 -40.97
C LEU B 378 15.49 5.84 -41.83
N PRO B 379 16.37 6.74 -41.38
CA PRO B 379 17.57 7.00 -42.18
C PRO B 379 18.63 5.89 -42.13
N SER B 380 19.24 5.69 -40.97
CA SER B 380 20.25 4.66 -40.83
C SER B 380 19.68 3.45 -40.14
N PHE B 381 20.46 2.37 -40.18
CA PHE B 381 20.12 1.11 -39.56
C PHE B 381 21.34 0.63 -38.79
N SER B 382 22.10 1.60 -38.27
CA SER B 382 23.31 1.35 -37.50
C SER B 382 22.92 0.67 -36.20
N THR B 383 23.82 -0.18 -35.71
CA THR B 383 23.61 -0.94 -34.49
C THR B 383 24.48 -0.37 -33.36
N THR B 384 25.25 0.67 -33.67
CA THR B 384 26.16 1.26 -32.70
C THR B 384 25.80 2.64 -32.13
N THR B 385 24.52 3.02 -32.13
CA THR B 385 24.15 4.30 -31.55
C THR B 385 24.05 4.03 -30.04
N THR B 386 24.47 4.99 -29.24
CA THR B 386 24.41 4.84 -27.80
C THR B 386 22.99 4.50 -27.34
N ALA B 387 22.01 5.01 -28.10
CA ALA B 387 20.59 4.77 -27.81
C ALA B 387 20.27 3.30 -28.10
N TYR B 388 20.94 2.74 -29.10
CA TYR B 388 20.74 1.35 -29.45
C TYR B 388 21.23 0.55 -28.25
N GLN B 389 22.34 1.01 -27.66
CA GLN B 389 22.94 0.39 -26.48
C GLN B 389 21.98 0.45 -25.29
N VAL B 390 21.51 1.65 -24.98
CA VAL B 390 20.62 1.88 -23.86
C VAL B 390 19.41 0.94 -23.89
N ILE B 391 18.81 0.78 -25.07
CA ILE B 391 17.66 -0.11 -25.21
C ILE B 391 18.15 -1.55 -25.11
N GLN B 392 19.16 -1.89 -25.91
CA GLN B 392 19.73 -3.23 -25.95
C GLN B 392 20.09 -3.71 -24.55
N LYS B 393 20.62 -2.81 -23.73
CA LYS B 393 21.02 -3.15 -22.35
C LYS B 393 19.92 -3.22 -21.31
N LEU B 394 18.88 -2.41 -21.46
CA LEU B 394 17.80 -2.36 -20.48
C LEU B 394 16.55 -3.12 -20.81
N ALA B 395 16.31 -3.34 -22.09
CA ALA B 395 15.10 -4.04 -22.51
C ALA B 395 14.97 -5.42 -21.86
N PRO B 396 16.03 -6.25 -21.92
CA PRO B 396 15.96 -7.58 -21.31
C PRO B 396 15.51 -7.64 -19.84
N LEU B 397 15.86 -6.62 -19.05
CA LEU B 397 15.53 -6.56 -17.62
C LEU B 397 14.09 -6.74 -17.28
N ARG B 398 13.20 -6.36 -18.19
CA ARG B 398 11.77 -6.48 -17.94
C ARG B 398 11.36 -7.95 -17.93
N LYS B 399 12.17 -8.79 -18.56
CA LYS B 399 11.92 -10.23 -18.59
C LYS B 399 12.69 -10.96 -17.48
N SER B 400 13.90 -10.49 -17.19
CA SER B 400 14.72 -11.09 -16.14
C SER B 400 14.32 -10.67 -14.73
N ASN B 401 14.06 -9.39 -14.53
CA ASN B 401 13.69 -8.84 -13.23
C ASN B 401 12.21 -8.43 -13.13
N PRO B 402 11.40 -9.17 -12.36
CA PRO B 402 9.97 -8.85 -12.20
C PRO B 402 9.68 -7.57 -11.43
N ALA B 403 10.70 -6.95 -10.85
CA ALA B 403 10.51 -5.71 -10.09
C ALA B 403 10.22 -4.58 -11.08
N ILE B 404 10.96 -4.58 -12.19
CA ILE B 404 10.80 -3.60 -13.25
C ILE B 404 9.52 -3.85 -14.04
N ALA B 405 9.15 -5.11 -14.17
CA ALA B 405 7.97 -5.48 -14.91
C ALA B 405 6.68 -5.25 -14.14
N TYR B 406 6.61 -5.76 -12.92
CA TYR B 406 5.40 -5.66 -12.11
C TYR B 406 5.54 -4.86 -10.83
N GLY B 407 6.77 -4.44 -10.54
CA GLY B 407 7.05 -3.73 -9.31
C GLY B 407 6.47 -2.36 -9.10
N SER B 408 6.26 -2.04 -7.83
CA SER B 408 5.74 -0.75 -7.42
C SER B 408 6.85 0.28 -7.60
N THR B 409 6.52 1.57 -7.47
CA THR B 409 7.49 2.63 -7.67
C THR B 409 7.65 3.46 -6.39
N HIS B 410 8.87 3.48 -5.84
CA HIS B 410 9.18 4.20 -4.59
C HIS B 410 10.32 5.21 -4.71
N GLU B 411 10.01 6.47 -4.43
CA GLU B 411 10.98 7.56 -4.49
C GLU B 411 11.84 7.49 -3.23
N ARG B 412 13.13 7.19 -3.41
CA ARG B 412 14.09 7.05 -2.32
C ARG B 412 14.83 8.33 -1.98
N TRP B 413 15.24 9.06 -3.01
CA TRP B 413 15.96 10.31 -2.84
C TRP B 413 15.47 11.25 -3.96
N ILE B 414 15.15 12.48 -3.59
CA ILE B 414 14.65 13.45 -4.58
C ILE B 414 15.44 14.74 -4.51
N ASN B 415 15.31 15.54 -5.57
CA ASN B 415 16.01 16.80 -5.70
C ASN B 415 15.38 17.47 -6.93
N ASN B 416 15.69 18.74 -7.16
CA ASN B 416 15.16 19.48 -8.32
C ASN B 416 15.62 18.95 -9.66
N ASP B 417 16.81 18.37 -9.69
CA ASP B 417 17.36 17.86 -10.93
C ASP B 417 17.76 16.40 -10.82
N VAL B 418 17.37 15.76 -9.73
CA VAL B 418 17.77 14.37 -9.50
C VAL B 418 16.69 13.53 -8.87
N ILE B 419 16.48 12.33 -9.40
CA ILE B 419 15.49 11.41 -8.84
C ILE B 419 16.10 10.01 -8.74
N ILE B 420 15.80 9.35 -7.63
CA ILE B 420 16.27 7.99 -7.39
C ILE B 420 15.06 7.24 -6.89
N TYR B 421 14.66 6.24 -7.65
CA TYR B 421 13.50 5.48 -7.23
C TYR B 421 13.86 4.02 -7.27
N GLU B 422 13.05 3.22 -6.63
CA GLU B 422 13.28 1.79 -6.62
C GLU B 422 11.98 1.10 -6.94
N ARG B 423 12.07 0.07 -7.78
CA ARG B 423 10.93 -0.76 -8.15
C ARG B 423 11.07 -1.94 -7.19
N LYS B 424 9.98 -2.37 -6.59
CA LYS B 424 10.06 -3.47 -5.66
C LYS B 424 8.93 -4.47 -5.83
N PHE B 425 9.31 -5.72 -6.06
CA PHE B 425 8.37 -6.83 -6.22
C PHE B 425 9.01 -7.97 -5.44
N GLY B 426 8.43 -8.30 -4.29
CA GLY B 426 8.97 -9.35 -3.45
C GLY B 426 10.33 -8.90 -2.95
N ASN B 427 11.36 -9.68 -3.21
CA ASN B 427 12.69 -9.29 -2.81
C ASN B 427 13.53 -8.87 -3.99
N ASN B 428 12.86 -8.66 -5.12
CA ASN B 428 13.54 -8.20 -6.34
C ASN B 428 13.56 -6.70 -6.19
N VAL B 429 14.62 -6.07 -6.66
CA VAL B 429 14.72 -4.63 -6.53
C VAL B 429 15.43 -4.07 -7.74
N ALA B 430 14.96 -2.91 -8.18
CA ALA B 430 15.54 -2.19 -9.29
C ALA B 430 15.63 -0.81 -8.67
N VAL B 431 16.75 -0.12 -8.87
CA VAL B 431 16.95 1.21 -8.32
C VAL B 431 17.51 2.07 -9.45
N VAL B 432 16.83 3.16 -9.78
CA VAL B 432 17.31 4.02 -10.86
C VAL B 432 17.58 5.44 -10.39
N ALA B 433 18.77 5.93 -10.76
CA ALA B 433 19.23 7.27 -10.41
C ALA B 433 19.46 8.09 -11.67
N ILE B 434 18.68 9.16 -11.81
CA ILE B 434 18.76 10.06 -12.94
C ILE B 434 19.12 11.45 -12.46
N ASN B 435 20.10 12.06 -13.12
CA ASN B 435 20.51 13.41 -12.82
C ASN B 435 20.34 14.11 -14.16
N ARG B 436 19.31 14.93 -14.28
CA ARG B 436 19.04 15.63 -15.53
C ARG B 436 19.92 16.84 -15.83
N ASN B 437 20.67 17.30 -14.83
CA ASN B 437 21.54 18.47 -15.05
C ASN B 437 22.81 18.05 -15.78
N MET B 438 23.10 18.75 -16.87
CA MET B 438 24.28 18.43 -17.66
C MET B 438 25.50 19.23 -17.22
N ASN B 439 25.37 19.89 -16.09
CA ASN B 439 26.44 20.72 -15.55
C ASN B 439 26.76 20.35 -14.10
N THR B 440 25.81 20.58 -13.21
CA THR B 440 26.00 20.33 -11.79
C THR B 440 26.02 18.86 -11.36
N PRO B 441 27.22 18.36 -11.01
CA PRO B 441 27.40 16.98 -10.56
C PRO B 441 26.84 16.91 -9.15
N ALA B 442 25.88 16.00 -8.94
CA ALA B 442 25.26 15.85 -7.64
C ALA B 442 26.11 15.03 -6.69
N SER B 443 25.71 15.02 -5.43
CA SER B 443 26.40 14.26 -4.42
C SER B 443 25.32 13.66 -3.56
N ILE B 444 25.02 12.39 -3.82
CA ILE B 444 24.00 11.67 -3.09
C ILE B 444 24.55 11.14 -1.78
N THR B 445 23.89 11.53 -0.69
CA THR B 445 24.27 11.09 0.63
C THR B 445 22.98 10.92 1.40
N GLY B 446 22.93 9.89 2.23
CA GLY B 446 21.71 9.61 3.00
C GLY B 446 20.75 8.69 2.27
N LEU B 447 21.15 8.24 1.08
CA LEU B 447 20.34 7.34 0.28
C LEU B 447 20.17 6.00 0.96
N VAL B 448 18.93 5.58 1.16
CA VAL B 448 18.60 4.30 1.78
C VAL B 448 17.85 3.46 0.74
N THR B 449 18.32 2.24 0.47
CA THR B 449 17.65 1.38 -0.52
C THR B 449 17.12 0.06 0.04
N SER B 450 16.74 -0.87 -0.84
CA SER B 450 16.23 -2.16 -0.40
C SER B 450 17.14 -3.26 -0.96
N LEU B 451 18.31 -2.83 -1.43
CA LEU B 451 19.30 -3.73 -2.00
C LEU B 451 20.16 -4.31 -0.88
N PRO B 452 20.55 -5.58 -1.01
CA PRO B 452 21.39 -6.21 0.01
C PRO B 452 22.72 -5.47 0.09
N ARG B 453 23.58 -5.89 0.99
CA ARG B 453 24.85 -5.22 1.13
C ARG B 453 25.79 -5.73 0.04
N GLY B 454 26.68 -4.85 -0.40
CA GLY B 454 27.65 -5.21 -1.41
C GLY B 454 27.73 -4.15 -2.46
N SER B 455 28.53 -4.42 -3.49
CA SER B 455 28.71 -3.54 -4.62
C SER B 455 27.81 -4.02 -5.76
N TYR B 456 27.42 -3.10 -6.64
CA TYR B 456 26.58 -3.40 -7.78
C TYR B 456 27.08 -2.61 -8.98
N ASN B 457 27.31 -3.29 -10.09
CA ASN B 457 27.77 -2.65 -11.33
C ASN B 457 26.60 -1.92 -11.95
N ASP B 458 26.87 -0.89 -12.75
CA ASP B 458 25.80 -0.18 -13.44
C ASP B 458 25.42 -1.07 -14.61
N VAL B 459 24.15 -1.45 -14.66
CA VAL B 459 23.66 -2.31 -15.73
C VAL B 459 23.94 -1.68 -17.09
N LEU B 460 23.96 -0.35 -17.14
CA LEU B 460 24.24 0.37 -18.37
C LEU B 460 25.73 0.34 -18.72
N GLY B 461 26.51 -0.41 -17.95
CA GLY B 461 27.93 -0.49 -18.20
C GLY B 461 28.58 0.87 -18.11
N GLY B 462 27.89 1.81 -17.48
CA GLY B 462 28.40 3.15 -17.33
C GLY B 462 28.46 3.96 -18.61
N ILE B 463 27.71 3.56 -19.64
CA ILE B 463 27.73 4.31 -20.89
C ILE B 463 27.04 5.65 -20.71
N LEU B 464 25.99 5.69 -19.90
CA LEU B 464 25.29 6.95 -19.62
C LEU B 464 25.95 7.57 -18.39
N ASN B 465 27.26 7.36 -18.28
CA ASN B 465 28.08 7.88 -17.19
C ASN B 465 27.67 7.48 -15.77
N GLY B 466 27.23 6.24 -15.61
CA GLY B 466 26.83 5.76 -14.29
C GLY B 466 28.02 5.28 -13.49
N ASN B 467 27.73 4.70 -12.33
CA ASN B 467 28.78 4.20 -11.43
C ASN B 467 28.36 2.99 -10.61
N THR B 468 29.35 2.39 -9.96
CA THR B 468 29.13 1.25 -9.09
C THR B 468 28.42 1.77 -7.84
N LEU B 469 27.59 0.94 -7.21
CA LEU B 469 26.93 1.37 -5.98
C LEU B 469 27.30 0.41 -4.88
N THR B 470 27.81 0.99 -3.79
CA THR B 470 28.21 0.22 -2.61
C THR B 470 27.13 0.41 -1.57
N VAL B 471 26.63 -0.68 -1.03
CA VAL B 471 25.59 -0.65 -0.02
C VAL B 471 26.15 -1.26 1.26
N GLY B 472 25.70 -0.73 2.39
CA GLY B 472 26.13 -1.23 3.68
C GLY B 472 24.87 -1.78 4.30
N ALA B 473 24.97 -2.20 5.56
CA ALA B 473 23.82 -2.74 6.24
C ALA B 473 22.66 -1.75 6.23
N GLY B 474 21.44 -2.28 6.37
CA GLY B 474 20.24 -1.44 6.40
C GLY B 474 19.84 -0.78 5.09
N GLY B 475 20.54 -1.08 4.01
CA GLY B 475 20.20 -0.48 2.73
C GLY B 475 20.90 0.84 2.52
N ALA B 476 21.54 1.31 3.59
CA ALA B 476 22.27 2.57 3.56
C ALA B 476 23.27 2.52 2.40
N ALA B 477 23.07 3.38 1.42
CA ALA B 477 23.95 3.43 0.26
C ALA B 477 25.10 4.40 0.53
N SER B 478 26.31 3.96 0.26
CA SER B 478 27.49 4.75 0.48
C SER B 478 27.58 6.03 -0.35
N ASN B 479 27.63 7.15 0.35
CA ASN B 479 27.75 8.51 -0.20
C ASN B 479 28.49 8.59 -1.54
N PHE B 480 27.83 9.10 -2.59
CA PHE B 480 28.45 9.20 -3.91
C PHE B 480 28.11 10.41 -4.78
N THR B 481 28.96 10.64 -5.78
CA THR B 481 28.79 11.73 -6.72
C THR B 481 28.14 11.19 -8.00
N LEU B 482 26.89 11.58 -8.23
CA LEU B 482 26.22 11.15 -9.45
C LEU B 482 26.55 12.20 -10.50
N ALA B 483 27.48 11.83 -11.38
CA ALA B 483 27.97 12.68 -12.47
C ALA B 483 26.88 13.51 -13.13
N PRO B 484 27.26 14.67 -13.71
CA PRO B 484 26.29 15.51 -14.38
C PRO B 484 25.63 14.75 -15.52
N GLY B 485 24.31 14.60 -15.44
CA GLY B 485 23.58 13.88 -16.46
C GLY B 485 23.88 12.40 -16.50
N GLY B 486 24.35 11.87 -15.38
CA GLY B 486 24.67 10.47 -15.30
C GLY B 486 23.40 9.68 -15.07
N THR B 487 23.36 8.44 -15.54
CA THR B 487 22.18 7.60 -15.35
C THR B 487 22.68 6.24 -14.90
N ALA B 488 22.13 5.73 -13.81
CA ALA B 488 22.55 4.44 -13.30
C ALA B 488 21.41 3.56 -12.81
N VAL B 489 21.41 2.31 -13.28
CA VAL B 489 20.42 1.32 -12.90
C VAL B 489 21.18 0.29 -12.10
N TRP B 490 20.59 -0.18 -11.00
CA TRP B 490 21.20 -1.20 -10.16
C TRP B 490 20.03 -2.11 -9.85
N GLN B 491 20.31 -3.35 -9.43
CA GLN B 491 19.22 -4.30 -9.13
C GLN B 491 19.64 -5.57 -8.41
N TYR B 492 18.65 -6.27 -7.87
CA TYR B 492 18.84 -7.50 -7.14
C TYR B 492 17.61 -8.35 -7.32
N THR B 493 17.83 -9.63 -7.54
CA THR B 493 16.73 -10.54 -7.75
C THR B 493 16.99 -11.74 -6.90
N THR B 494 15.92 -12.47 -6.62
CA THR B 494 16.00 -13.68 -5.85
C THR B 494 14.61 -14.31 -5.88
N ASP B 495 14.57 -15.63 -6.05
CA ASP B 495 13.31 -16.38 -6.15
C ASP B 495 12.28 -16.00 -5.08
N ALA B 496 11.02 -15.92 -5.51
CA ALA B 496 9.93 -15.53 -4.64
C ALA B 496 9.53 -16.58 -3.63
N THR B 497 9.64 -16.19 -2.37
CA THR B 497 9.31 -17.01 -1.22
C THR B 497 7.78 -17.17 -1.13
N THR B 498 7.09 -16.04 -1.03
CA THR B 498 5.62 -16.02 -0.95
C THR B 498 5.08 -15.61 -2.33
N PRO B 499 3.85 -16.03 -2.68
CA PRO B 499 3.25 -15.68 -3.97
C PRO B 499 2.82 -14.20 -4.10
N ILE B 500 3.15 -13.58 -5.22
CA ILE B 500 2.78 -12.18 -5.46
C ILE B 500 2.25 -12.02 -6.88
N ILE B 501 0.95 -11.78 -7.00
CA ILE B 501 0.27 -11.58 -8.29
C ILE B 501 0.71 -10.25 -8.90
N GLY B 502 1.40 -10.31 -10.03
CA GLY B 502 1.87 -9.11 -10.70
C GLY B 502 0.96 -8.49 -11.74
N ASN B 503 0.03 -9.25 -12.32
CA ASN B 503 -0.87 -8.70 -13.35
C ASN B 503 -1.90 -9.74 -13.77
N VAL B 504 -3.13 -9.29 -14.02
CA VAL B 504 -4.20 -10.17 -14.46
C VAL B 504 -4.72 -9.63 -15.80
N GLY B 505 -5.24 -10.53 -16.64
CA GLY B 505 -5.76 -10.16 -17.95
C GLY B 505 -6.45 -11.36 -18.61
N PRO B 506 -7.65 -11.21 -19.16
CA PRO B 506 -8.47 -9.99 -19.23
C PRO B 506 -8.91 -9.56 -17.82
N MET B 507 -9.48 -8.37 -17.71
CA MET B 507 -9.94 -7.84 -16.42
C MET B 507 -11.46 -7.70 -16.43
N MET B 508 -12.07 -8.19 -17.50
CA MET B 508 -13.52 -8.15 -17.70
C MET B 508 -13.91 -9.25 -18.69
N ALA B 509 -14.68 -10.22 -18.22
CA ALA B 509 -15.12 -11.33 -19.05
C ALA B 509 -16.21 -12.11 -18.32
N LYS B 510 -16.75 -13.14 -18.93
CA LYS B 510 -17.80 -13.88 -18.26
C LYS B 510 -17.37 -15.30 -17.87
N PRO B 511 -18.20 -16.03 -17.10
CA PRO B 511 -17.94 -17.39 -16.63
C PRO B 511 -17.46 -18.38 -17.69
N GLY B 512 -16.39 -19.11 -17.38
CA GLY B 512 -15.86 -20.09 -18.31
C GLY B 512 -14.66 -19.64 -19.12
N VAL B 513 -14.38 -18.34 -19.10
CA VAL B 513 -13.24 -17.80 -19.83
C VAL B 513 -11.93 -17.94 -19.04
N THR B 514 -10.89 -18.40 -19.72
CA THR B 514 -9.58 -18.60 -19.14
C THR B 514 -8.75 -17.31 -19.01
N ILE B 515 -8.60 -16.81 -17.79
CA ILE B 515 -7.80 -15.60 -17.57
C ILE B 515 -6.38 -15.98 -17.15
N THR B 516 -5.41 -15.15 -17.51
CA THR B 516 -4.00 -15.33 -17.17
C THR B 516 -3.65 -14.46 -15.97
N ILE B 517 -2.87 -15.02 -15.05
CA ILE B 517 -2.42 -14.34 -13.83
C ILE B 517 -0.89 -14.47 -13.83
N ASP B 518 -0.19 -13.35 -13.96
CA ASP B 518 1.27 -13.32 -13.98
C ASP B 518 1.88 -12.92 -12.65
N GLY B 519 2.99 -13.55 -12.28
CA GLY B 519 3.63 -13.21 -11.02
C GLY B 519 4.80 -14.09 -10.69
N ARG B 520 5.04 -14.26 -9.40
CA ARG B 520 6.11 -15.08 -8.85
C ARG B 520 5.59 -15.76 -7.59
N GLY B 521 6.26 -16.84 -7.19
CA GLY B 521 5.89 -17.59 -6.00
C GLY B 521 4.63 -18.44 -6.06
N PHE B 522 4.13 -18.72 -7.26
CA PHE B 522 2.91 -19.53 -7.39
C PHE B 522 3.20 -20.99 -7.15
N GLY B 523 4.41 -21.38 -7.51
CA GLY B 523 4.87 -22.74 -7.33
C GLY B 523 4.21 -23.70 -8.30
N SER B 524 4.65 -24.96 -8.25
CA SER B 524 4.10 -25.99 -9.11
C SER B 524 3.02 -26.76 -8.37
N GLY B 525 2.26 -27.55 -9.12
CA GLY B 525 1.20 -28.30 -8.50
C GLY B 525 0.08 -27.33 -8.21
N LYS B 526 -1.03 -27.50 -8.91
CA LYS B 526 -2.18 -26.62 -8.76
C LYS B 526 -2.53 -26.32 -7.31
N GLY B 527 -3.14 -25.16 -7.08
CA GLY B 527 -3.51 -24.76 -5.74
C GLY B 527 -4.93 -24.27 -5.74
N THR B 528 -5.13 -23.04 -5.28
CA THR B 528 -6.47 -22.48 -5.25
C THR B 528 -6.45 -21.01 -5.65
N VAL B 529 -7.43 -20.62 -6.47
CA VAL B 529 -7.58 -19.26 -6.94
C VAL B 529 -8.97 -18.82 -6.53
N TYR B 530 -9.04 -17.75 -5.76
CA TYR B 530 -10.33 -17.26 -5.29
C TYR B 530 -10.77 -16.10 -6.15
N PHE B 531 -12.08 -15.91 -6.19
CA PHE B 531 -12.74 -14.81 -6.89
C PHE B 531 -13.74 -14.43 -5.80
N GLY B 532 -13.29 -13.65 -4.82
CA GLY B 532 -14.17 -13.27 -3.72
C GLY B 532 -14.10 -14.37 -2.65
N THR B 533 -15.23 -14.97 -2.30
CA THR B 533 -15.24 -16.07 -1.32
C THR B 533 -15.34 -17.41 -2.03
N THR B 534 -15.16 -17.40 -3.34
CA THR B 534 -15.25 -18.62 -4.13
C THR B 534 -13.90 -19.29 -4.41
N ALA B 535 -13.81 -20.56 -4.01
CA ALA B 535 -12.59 -21.35 -4.21
C ALA B 535 -12.69 -22.14 -5.51
N VAL B 536 -11.75 -21.87 -6.42
CA VAL B 536 -11.69 -22.50 -7.74
C VAL B 536 -10.40 -23.32 -7.83
N THR B 537 -10.53 -24.63 -7.82
CA THR B 537 -9.36 -25.49 -7.84
C THR B 537 -9.41 -26.62 -8.87
N GLY B 538 -8.30 -27.32 -9.01
CA GLY B 538 -8.20 -28.46 -9.90
C GLY B 538 -8.50 -28.29 -11.37
N ALA B 539 -9.57 -28.93 -11.81
CA ALA B 539 -10.00 -28.87 -13.21
C ALA B 539 -10.00 -27.45 -13.76
N ASP B 540 -10.70 -26.56 -13.05
CA ASP B 540 -10.85 -25.16 -13.41
C ASP B 540 -9.54 -24.42 -13.66
N ILE B 541 -8.45 -24.90 -13.08
CA ILE B 541 -7.15 -24.28 -13.29
C ILE B 541 -6.55 -25.08 -14.44
N VAL B 542 -6.47 -24.45 -15.61
CA VAL B 542 -5.95 -25.12 -16.79
C VAL B 542 -4.44 -25.11 -16.88
N ALA B 543 -3.80 -24.20 -16.14
CA ALA B 543 -2.33 -24.12 -16.12
C ALA B 543 -1.83 -23.51 -14.80
N TRP B 544 -0.75 -24.07 -14.27
CA TRP B 544 -0.20 -23.59 -13.00
C TRP B 544 1.30 -23.78 -12.88
N GLU B 545 1.99 -22.69 -12.64
CA GLU B 545 3.42 -22.74 -12.45
C GLU B 545 3.84 -21.44 -11.81
N ASP B 546 5.05 -21.42 -11.25
CA ASP B 546 5.52 -20.24 -10.54
C ASP B 546 5.24 -18.86 -11.15
N THR B 547 5.41 -18.70 -12.46
CA THR B 547 5.19 -17.40 -13.10
C THR B 547 3.94 -17.20 -13.95
N GLN B 548 3.00 -18.14 -13.93
CA GLN B 548 1.78 -18.00 -14.71
C GLN B 548 0.75 -19.03 -14.32
N ILE B 549 -0.49 -18.58 -14.24
CA ILE B 549 -1.59 -19.43 -13.88
C ILE B 549 -2.75 -19.06 -14.78
N GLN B 550 -3.36 -20.07 -15.40
CA GLN B 550 -4.52 -19.87 -16.26
C GLN B 550 -5.70 -20.53 -15.57
N VAL B 551 -6.69 -19.72 -15.21
CA VAL B 551 -7.84 -20.23 -14.50
C VAL B 551 -9.14 -19.75 -15.10
N LYS B 552 -10.11 -20.65 -15.14
CA LYS B 552 -11.43 -20.37 -15.68
C LYS B 552 -12.26 -19.59 -14.67
N ILE B 553 -12.93 -18.56 -15.15
CA ILE B 553 -13.79 -17.73 -14.32
C ILE B 553 -14.97 -18.60 -13.84
N PRO B 554 -15.29 -18.55 -12.54
CA PRO B 554 -16.36 -19.32 -11.90
C PRO B 554 -17.76 -18.93 -12.36
N ALA B 555 -18.75 -19.74 -12.00
CA ALA B 555 -20.15 -19.47 -12.36
C ALA B 555 -20.81 -18.62 -11.29
N VAL B 556 -20.22 -17.46 -11.03
CA VAL B 556 -20.72 -16.55 -10.01
C VAL B 556 -21.56 -15.40 -10.61
N PRO B 557 -22.44 -14.79 -9.79
CA PRO B 557 -23.25 -13.70 -10.34
C PRO B 557 -22.32 -12.57 -10.81
N GLY B 558 -22.85 -11.72 -11.69
CA GLY B 558 -22.06 -10.61 -12.23
C GLY B 558 -21.75 -9.58 -11.17
N GLY B 559 -20.63 -8.88 -11.34
CA GLY B 559 -20.24 -7.86 -10.39
C GLY B 559 -18.74 -7.72 -10.38
N ILE B 560 -18.23 -6.94 -9.43
CA ILE B 560 -16.79 -6.70 -9.28
C ILE B 560 -16.28 -7.71 -8.27
N TYR B 561 -15.08 -8.23 -8.50
CA TYR B 561 -14.49 -9.23 -7.64
C TYR B 561 -13.02 -8.96 -7.42
N ASP B 562 -12.51 -9.50 -6.32
CA ASP B 562 -11.09 -9.40 -5.99
C ASP B 562 -10.63 -10.83 -6.25
N ILE B 563 -9.41 -11.00 -6.74
CA ILE B 563 -8.93 -12.35 -6.97
C ILE B 563 -7.67 -12.51 -6.11
N ARG B 564 -7.48 -13.70 -5.57
CA ARG B 564 -6.32 -13.99 -4.73
C ARG B 564 -5.80 -15.37 -5.07
N VAL B 565 -4.51 -15.59 -4.81
CA VAL B 565 -3.89 -16.88 -5.10
C VAL B 565 -3.26 -17.53 -3.87
N ALA B 566 -3.68 -18.77 -3.59
CA ALA B 566 -3.17 -19.53 -2.47
C ALA B 566 -2.50 -20.78 -3.03
N ASN B 567 -1.17 -20.86 -2.89
CA ASN B 567 -0.38 -21.98 -3.38
C ASN B 567 -0.70 -23.29 -2.66
N ALA B 568 -0.12 -24.39 -3.16
CA ALA B 568 -0.32 -25.73 -2.61
C ALA B 568 -0.24 -25.80 -1.07
N ALA B 569 0.90 -25.35 -0.54
CA ALA B 569 1.12 -25.36 0.90
C ALA B 569 0.09 -24.51 1.66
N GLY B 570 -0.46 -23.48 1.01
CA GLY B 570 -1.47 -22.66 1.66
C GLY B 570 -1.18 -21.19 1.92
N ALA B 571 -0.10 -20.67 1.32
CA ALA B 571 0.26 -19.26 1.49
C ALA B 571 -0.52 -18.38 0.52
N ALA B 572 -1.18 -17.34 1.05
CA ALA B 572 -1.96 -16.41 0.21
C ALA B 572 -1.11 -15.25 -0.31
N SER B 573 -1.44 -14.76 -1.51
CA SER B 573 -0.70 -13.66 -2.13
C SER B 573 -1.35 -12.30 -1.86
N ASN B 574 -0.82 -11.28 -2.56
CA ASN B 574 -1.37 -9.92 -2.48
C ASN B 574 -2.71 -9.91 -3.22
N ILE B 575 -3.54 -8.89 -2.95
CA ILE B 575 -4.87 -8.80 -3.57
C ILE B 575 -4.84 -8.02 -4.89
N TYR B 576 -5.59 -8.49 -5.87
CA TYR B 576 -5.65 -7.81 -7.17
C TYR B 576 -7.13 -7.51 -7.38
N ASP B 577 -7.51 -6.25 -7.24
CA ASP B 577 -8.90 -5.86 -7.39
C ASP B 577 -9.28 -5.29 -8.75
N ASN B 578 -10.59 -5.18 -8.96
CA ASN B 578 -11.25 -4.64 -10.15
C ASN B 578 -11.47 -5.66 -11.27
N PHE B 579 -11.79 -6.89 -10.88
CA PHE B 579 -12.05 -7.89 -11.90
C PHE B 579 -13.55 -7.88 -12.10
N GLU B 580 -13.97 -7.75 -13.35
CA GLU B 580 -15.38 -7.70 -13.66
C GLU B 580 -15.85 -8.95 -14.38
N VAL B 581 -16.91 -9.57 -13.86
CA VAL B 581 -17.47 -10.75 -14.49
C VAL B 581 -18.82 -10.40 -15.10
N LEU B 582 -18.87 -10.42 -16.43
CA LEU B 582 -20.10 -10.09 -17.16
C LEU B 582 -21.15 -11.14 -16.85
N THR B 583 -22.40 -10.70 -16.77
CA THR B 583 -23.52 -11.59 -16.50
C THR B 583 -23.71 -12.57 -17.67
N GLY B 584 -23.12 -12.25 -18.81
CA GLY B 584 -23.24 -13.10 -19.98
C GLY B 584 -22.59 -12.45 -21.18
N ASP B 585 -23.07 -12.77 -22.37
CA ASP B 585 -22.51 -12.16 -23.56
C ASP B 585 -23.14 -10.78 -23.63
N GLN B 586 -22.46 -9.83 -24.25
CA GLN B 586 -22.95 -8.45 -24.30
C GLN B 586 -23.44 -8.01 -25.67
N VAL B 587 -24.44 -7.16 -25.65
CA VAL B 587 -24.99 -6.56 -26.88
C VAL B 587 -25.24 -5.11 -26.48
N THR B 588 -25.15 -4.19 -27.42
CA THR B 588 -25.39 -2.78 -27.08
C THR B 588 -26.85 -2.38 -27.32
N VAL B 589 -27.50 -1.85 -26.29
CA VAL B 589 -28.87 -1.39 -26.40
C VAL B 589 -28.96 0.12 -26.14
N ARG B 590 -29.80 0.79 -26.92
CA ARG B 590 -30.00 2.22 -26.77
C ARG B 590 -31.31 2.49 -26.03
N PHE B 591 -31.19 3.12 -24.86
CA PHE B 591 -32.36 3.45 -24.08
C PHE B 591 -32.69 4.91 -24.36
N VAL B 592 -33.99 5.22 -24.52
CA VAL B 592 -34.47 6.59 -24.80
C VAL B 592 -35.70 6.91 -23.94
N ILE B 593 -35.59 7.95 -23.10
CA ILE B 593 -36.69 8.36 -22.21
C ILE B 593 -37.23 9.75 -22.55
N ASN B 594 -38.51 9.81 -22.90
CA ASN B 594 -39.16 11.07 -23.28
C ASN B 594 -39.69 11.91 -22.13
N ASN B 595 -39.82 13.21 -22.39
CA ASN B 595 -40.28 14.22 -21.44
C ASN B 595 -39.73 14.14 -20.02
N ALA B 596 -38.41 14.17 -19.93
CA ALA B 596 -37.72 14.15 -18.66
C ALA B 596 -37.08 15.52 -18.41
N THR B 597 -37.89 16.47 -17.94
CA THR B 597 -37.40 17.82 -17.65
C THR B 597 -36.59 17.80 -16.35
N THR B 598 -35.58 18.66 -16.23
CA THR B 598 -34.74 18.66 -15.03
C THR B 598 -34.33 20.03 -14.45
N ALA B 599 -34.45 20.16 -13.13
CA ALA B 599 -34.05 21.38 -12.42
C ALA B 599 -32.55 21.41 -12.49
N LEU B 600 -32.00 22.39 -13.22
CA LEU B 600 -30.55 22.56 -13.42
C LEU B 600 -29.68 21.79 -12.43
N GLY B 601 -28.79 20.95 -12.98
CA GLY B 601 -27.94 20.13 -12.14
C GLY B 601 -28.55 18.75 -12.04
N GLN B 602 -29.87 18.70 -12.22
CA GLN B 602 -30.62 17.45 -12.18
C GLN B 602 -30.41 16.75 -13.53
N ASN B 603 -30.10 15.47 -13.49
CA ASN B 603 -29.84 14.71 -14.70
C ASN B 603 -30.58 13.37 -14.66
N VAL B 604 -30.90 12.83 -15.84
CA VAL B 604 -31.60 11.55 -15.94
C VAL B 604 -30.56 10.44 -16.04
N PHE B 605 -30.85 9.34 -15.35
CA PHE B 605 -29.99 8.15 -15.30
C PHE B 605 -30.92 6.94 -15.35
N LEU B 606 -30.37 5.77 -15.65
CA LEU B 606 -31.16 4.55 -15.66
C LEU B 606 -30.41 3.52 -14.83
N THR B 607 -31.14 2.54 -14.32
CA THR B 607 -30.56 1.49 -13.50
C THR B 607 -31.48 0.28 -13.63
N GLY B 608 -30.93 -0.91 -13.41
CA GLY B 608 -31.72 -2.11 -13.53
C GLY B 608 -31.28 -3.24 -12.61
N ASN B 609 -31.89 -4.39 -12.82
CA ASN B 609 -31.64 -5.57 -12.02
C ASN B 609 -30.42 -6.43 -12.35
N VAL B 610 -29.69 -6.10 -13.42
CA VAL B 610 -28.48 -6.86 -13.73
C VAL B 610 -27.24 -6.06 -13.38
N SER B 611 -26.13 -6.76 -13.16
CA SER B 611 -24.86 -6.16 -12.81
C SER B 611 -24.47 -5.00 -13.74
N GLU B 612 -24.86 -5.14 -15.01
CA GLU B 612 -24.55 -4.16 -16.04
C GLU B 612 -25.25 -2.82 -15.84
N LEU B 613 -26.49 -2.87 -15.35
CA LEU B 613 -27.29 -1.67 -15.12
C LEU B 613 -27.16 -1.06 -13.70
N GLY B 614 -26.25 -1.59 -12.90
CA GLY B 614 -26.05 -1.06 -11.57
C GLY B 614 -26.67 -1.81 -10.40
N ASN B 615 -27.67 -2.64 -10.68
CA ASN B 615 -28.33 -3.43 -9.65
C ASN B 615 -29.12 -2.60 -8.65
N TRP B 616 -30.08 -1.83 -9.17
CA TRP B 616 -30.96 -0.98 -8.36
C TRP B 616 -30.29 0.00 -7.38
N ASP B 617 -29.12 0.51 -7.74
CA ASP B 617 -28.38 1.42 -6.89
C ASP B 617 -28.04 2.73 -7.58
N PRO B 618 -28.67 3.82 -7.17
CA PRO B 618 -28.48 5.16 -7.73
C PRO B 618 -27.04 5.70 -7.73
N ASN B 619 -26.13 5.02 -7.05
CA ASN B 619 -24.72 5.44 -7.04
C ASN B 619 -24.00 4.79 -8.19
N ASN B 620 -24.62 3.72 -8.69
CA ASN B 620 -24.08 2.96 -9.80
C ASN B 620 -25.15 2.83 -10.90
N ALA B 621 -25.86 3.92 -11.16
CA ALA B 621 -26.86 3.95 -12.21
C ALA B 621 -26.08 4.43 -13.42
N ILE B 622 -26.58 4.15 -14.61
CA ILE B 622 -25.87 4.58 -15.82
C ILE B 622 -26.31 5.95 -16.26
N GLY B 623 -25.34 6.85 -16.37
CA GLY B 623 -25.62 8.21 -16.77
C GLY B 623 -24.43 9.10 -16.46
N PRO B 624 -24.54 10.43 -16.70
CA PRO B 624 -25.73 11.08 -17.25
C PRO B 624 -26.00 10.65 -18.68
N MET B 625 -27.28 10.60 -19.06
CA MET B 625 -27.65 10.23 -20.41
C MET B 625 -27.53 11.47 -21.30
N TYR B 626 -27.42 11.27 -22.62
CA TYR B 626 -27.27 12.37 -23.56
C TYR B 626 -28.58 13.03 -23.94
N ASN B 627 -28.53 14.27 -24.39
CA ASN B 627 -29.75 15.00 -24.76
C ASN B 627 -29.52 16.14 -25.76
N GLN B 628 -28.62 15.93 -26.70
CA GLN B 628 -28.31 16.98 -27.68
C GLN B 628 -28.27 16.59 -29.19
N VAL B 629 -27.42 15.64 -29.58
CA VAL B 629 -27.31 15.27 -30.98
C VAL B 629 -28.37 14.30 -31.53
N VAL B 630 -28.26 13.03 -31.17
CA VAL B 630 -29.21 12.06 -31.68
C VAL B 630 -30.64 12.45 -31.25
N TYR B 631 -30.82 12.75 -29.97
CA TYR B 631 -32.11 13.18 -29.41
C TYR B 631 -31.88 14.48 -28.66
N GLN B 632 -32.94 15.26 -28.44
CA GLN B 632 -32.79 16.53 -27.73
C GLN B 632 -33.67 16.60 -26.50
N TYR B 633 -33.16 17.30 -25.49
CA TYR B 633 -33.86 17.52 -24.24
C TYR B 633 -35.27 18.06 -24.53
N PRO B 634 -36.29 17.68 -23.75
CA PRO B 634 -36.29 16.76 -22.60
C PRO B 634 -36.44 15.29 -22.97
N THR B 635 -35.65 14.84 -23.94
CA THR B 635 -35.64 13.46 -24.39
C THR B 635 -34.19 13.00 -24.33
N TRP B 636 -33.88 12.14 -23.36
CA TRP B 636 -32.52 11.64 -23.19
C TRP B 636 -32.38 10.26 -23.87
N TYR B 637 -31.13 9.84 -24.07
CA TYR B 637 -30.81 8.55 -24.68
C TYR B 637 -29.42 8.13 -24.25
N TYR B 638 -29.12 6.84 -24.32
CA TYR B 638 -27.80 6.33 -23.96
C TYR B 638 -27.55 4.92 -24.48
N ASP B 639 -26.31 4.64 -24.87
CA ASP B 639 -25.93 3.33 -25.40
C ASP B 639 -25.25 2.52 -24.32
N VAL B 640 -25.96 1.52 -23.80
CA VAL B 640 -25.43 0.69 -22.73
C VAL B 640 -25.40 -0.81 -23.01
N SER B 641 -24.28 -1.44 -22.66
CA SER B 641 -24.06 -2.89 -22.80
C SER B 641 -25.05 -3.66 -21.92
N VAL B 642 -25.45 -4.85 -22.36
CA VAL B 642 -26.40 -5.68 -21.62
C VAL B 642 -26.21 -7.15 -21.97
N PRO B 643 -26.57 -8.05 -21.04
CA PRO B 643 -26.42 -9.48 -21.32
C PRO B 643 -27.39 -9.82 -22.43
N ALA B 644 -26.89 -10.50 -23.45
CA ALA B 644 -27.65 -10.89 -24.62
C ALA B 644 -28.77 -11.88 -24.36
N GLY B 645 -29.86 -11.68 -25.11
CA GLY B 645 -31.02 -12.55 -25.03
C GLY B 645 -31.64 -12.70 -23.66
N GLN B 646 -31.48 -11.68 -22.82
CA GLN B 646 -32.04 -11.75 -21.47
C GLN B 646 -33.16 -10.76 -21.26
N THR B 647 -33.97 -11.04 -20.25
CA THR B 647 -35.07 -10.16 -19.91
C THR B 647 -34.63 -9.31 -18.72
N ILE B 648 -34.52 -8.01 -18.94
CA ILE B 648 -34.12 -7.11 -17.88
C ILE B 648 -35.31 -6.26 -17.40
N GLU B 649 -35.18 -5.76 -16.18
CA GLU B 649 -36.18 -4.90 -15.57
C GLU B 649 -35.34 -3.69 -15.27
N PHE B 650 -35.91 -2.50 -15.46
CA PHE B 650 -35.17 -1.27 -15.22
C PHE B 650 -36.10 -0.11 -14.85
N LYS B 651 -35.54 1.09 -14.88
CA LYS B 651 -36.26 2.31 -14.54
C LYS B 651 -35.30 3.50 -14.67
N PHE B 652 -35.84 4.71 -14.68
CA PHE B 652 -35.02 5.91 -14.79
C PHE B 652 -35.13 6.71 -13.50
N LEU B 653 -34.11 7.51 -13.23
CA LEU B 653 -34.06 8.35 -12.04
C LEU B 653 -33.35 9.67 -12.33
N LYS B 654 -34.00 10.78 -12.02
CA LYS B 654 -33.36 12.07 -12.19
C LYS B 654 -32.47 12.10 -10.95
N LYS B 655 -31.43 12.91 -10.97
CA LYS B 655 -30.59 12.93 -9.79
C LYS B 655 -30.01 14.30 -9.52
N GLN B 656 -30.46 14.88 -8.41
CA GLN B 656 -30.04 16.19 -7.94
C GLN B 656 -28.93 16.03 -6.90
N GLY B 657 -27.69 15.93 -7.35
CA GLY B 657 -26.61 15.77 -6.40
C GLY B 657 -26.78 14.48 -5.61
N SER B 658 -27.55 14.54 -4.53
CA SER B 658 -27.78 13.38 -3.69
C SER B 658 -29.28 13.10 -3.54
N THR B 659 -30.06 13.56 -4.50
CA THR B 659 -31.49 13.34 -4.44
C THR B 659 -31.89 12.49 -5.63
N VAL B 660 -32.33 11.26 -5.33
CA VAL B 660 -32.75 10.28 -6.33
C VAL B 660 -34.24 10.43 -6.59
N THR B 661 -34.58 10.97 -7.75
CA THR B 661 -35.99 11.13 -8.09
C THR B 661 -36.38 9.92 -8.94
N TRP B 662 -37.03 8.97 -8.28
CA TRP B 662 -37.46 7.74 -8.90
C TRP B 662 -38.69 7.88 -9.76
N GLU B 663 -38.66 7.21 -10.90
CA GLU B 663 -39.77 7.21 -11.81
C GLU B 663 -40.88 6.46 -11.10
N GLY B 664 -42.13 6.71 -11.47
CA GLY B 664 -43.21 6.02 -10.81
C GLY B 664 -43.46 4.62 -11.34
N GLY B 665 -44.73 4.20 -11.26
CA GLY B 665 -45.17 2.91 -11.73
C GLY B 665 -44.47 1.69 -11.18
N ALA B 666 -43.83 0.95 -12.07
CA ALA B 666 -43.09 -0.26 -11.72
C ALA B 666 -41.95 -0.38 -12.69
N ASN B 667 -41.01 -1.28 -12.36
CA ASN B 667 -39.85 -1.53 -13.20
C ASN B 667 -40.27 -1.85 -14.62
N ARG B 668 -39.50 -1.37 -15.58
CA ARG B 668 -39.79 -1.62 -16.97
C ARG B 668 -39.03 -2.86 -17.41
N THR B 669 -39.72 -3.80 -18.03
CA THR B 669 -39.09 -5.02 -18.51
C THR B 669 -38.84 -4.93 -20.01
N PHE B 670 -37.81 -5.64 -20.47
CA PHE B 670 -37.40 -5.67 -21.87
C PHE B 670 -36.59 -6.95 -22.03
N THR B 671 -36.69 -7.59 -23.19
CA THR B 671 -35.92 -8.82 -23.44
C THR B 671 -34.90 -8.55 -24.55
N THR B 672 -33.65 -8.35 -24.14
CA THR B 672 -32.53 -8.06 -25.05
C THR B 672 -32.27 -9.09 -26.16
N PRO B 673 -31.75 -8.64 -27.31
CA PRO B 673 -31.45 -9.53 -28.44
C PRO B 673 -30.19 -10.38 -28.18
N THR B 674 -29.97 -11.39 -29.01
CA THR B 674 -28.81 -12.27 -28.87
C THR B 674 -27.59 -11.74 -29.58
N SER B 675 -27.82 -10.85 -30.53
CA SER B 675 -26.74 -10.23 -31.29
C SER B 675 -27.27 -8.91 -31.84
N GLY B 676 -26.39 -8.14 -32.48
CA GLY B 676 -26.81 -6.88 -33.04
C GLY B 676 -27.17 -5.84 -31.99
N THR B 677 -28.13 -5.00 -32.32
CA THR B 677 -28.55 -3.93 -31.44
C THR B 677 -30.07 -3.94 -31.31
N ALA B 678 -30.58 -3.07 -30.46
CA ALA B 678 -32.01 -2.91 -30.23
C ALA B 678 -32.18 -1.54 -29.57
N THR B 679 -33.35 -0.91 -29.76
CA THR B 679 -33.63 0.41 -29.21
C THR B 679 -34.90 0.41 -28.34
N VAL B 680 -34.79 0.99 -27.15
CA VAL B 680 -35.90 1.07 -26.21
C VAL B 680 -36.37 2.51 -26.13
N ASN B 681 -37.64 2.73 -26.44
CA ASN B 681 -38.23 4.08 -26.41
C ASN B 681 -39.38 4.06 -25.41
N VAL B 682 -39.20 4.73 -24.27
CA VAL B 682 -40.23 4.77 -23.23
C VAL B 682 -40.57 6.20 -22.82
N ASN B 683 -41.80 6.38 -22.34
CA ASN B 683 -42.28 7.67 -21.89
C ASN B 683 -42.30 7.61 -20.37
N TRP B 684 -41.89 8.70 -19.74
CA TRP B 684 -41.80 8.81 -18.29
C TRP B 684 -43.05 8.38 -17.51
N GLN B 685 -42.86 7.44 -16.57
CA GLN B 685 -43.92 6.98 -15.69
C GLN B 685 -43.92 7.99 -14.55
N PRO B 686 -45.05 8.68 -14.35
CA PRO B 686 -45.21 9.69 -13.28
C PRO B 686 -44.66 9.26 -11.93
C1 GAL C . 20.87 5.17 28.41
C2 GAL C . 21.96 4.15 28.77
C3 GAL C . 21.31 2.78 28.84
C4 GAL C . 20.33 2.80 30.02
C5 GAL C . 19.24 3.86 29.78
C6 GAL C . 18.34 4.04 31.03
O1 GAL C . 21.42 6.46 28.28
O2 GAL C . 23.00 4.14 27.80
O3 GAL C . 22.31 1.78 29.05
O4 GAL C . 19.77 1.50 30.30
O5 GAL C . 19.84 5.12 29.42
O6 GAL C . 19.12 4.26 32.20
C1 GLC C . 19.26 0.76 29.18
C2 GLC C . 17.74 0.88 29.13
C3 GLC C . 17.15 0.19 30.35
C4 GLC C . 17.48 -1.30 30.25
C5 GLC C . 19.00 -1.51 30.26
C6 GLC C . 19.31 -2.97 29.91
O2 GLC C . 17.31 2.22 29.08
O3 GLC C . 15.74 0.38 30.35
O4 GLC C . 16.79 -2.03 31.27
O5 GLC C . 19.60 -0.64 29.26
O6 GLC C . 20.72 -3.15 29.82
C1 GLD C . 17.35 -2.04 32.60
C2 GLD C . 16.25 -2.51 33.56
C3 GLD C . 15.27 -1.35 33.80
C4 GLD C . 16.03 -0.25 34.55
C5 GLD C . 17.09 0.32 33.60
C6 GLD C . 18.02 1.29 34.35
O2 GLD C . 15.57 -3.62 33.00
O3 GLD C . 14.13 -1.79 34.54
O5 GLD C . 17.88 -0.76 33.02
C1 GAL D . -9.09 14.07 -31.01
C2 GAL D . -7.65 14.42 -31.32
C3 GAL D . -7.34 13.83 -32.69
C4 GAL D . -7.42 12.28 -32.71
C5 GAL D . -8.51 11.65 -31.75
C6 GAL D . -7.90 10.62 -30.78
O1 GAL D . -9.48 14.66 -29.78
O2 GAL D . -7.47 15.83 -31.32
O3 GAL D . -6.05 14.26 -33.10
O4 GAL D . -7.63 11.83 -34.05
O5 GAL D . -9.22 12.65 -30.96
O6 GAL D . -8.72 10.48 -29.62
C1 GLC D . -7.46 10.42 -34.29
C2 GLC D . -6.03 10.08 -34.66
C3 GLC D . -5.64 10.79 -35.96
C4 GLC D . -6.63 10.55 -37.14
C5 GLC D . -8.12 10.46 -36.71
C6 GLC D . -8.83 9.49 -37.63
O2 GLC D . -5.12 10.43 -33.62
O3 GLC D . -4.34 10.35 -36.37
O4 GLC D . -6.50 11.61 -38.08
O5 GLC D . -8.29 9.99 -35.36
O6 GLC D . -8.35 8.17 -37.36
C1 GLD D . -6.15 11.24 -39.43
C2 GLD D . -4.92 12.05 -39.89
C3 GLD D . -5.32 13.53 -40.14
C4 GLD D . -6.50 13.70 -41.10
C5 GLD D . -7.68 12.82 -40.65
C6 GLD D . -8.78 12.78 -41.71
O2 GLD D . -3.91 11.97 -38.89
O3 GLD D . -4.20 14.24 -40.66
O5 GLD D . -7.24 11.47 -40.36
C1 ACI E . 14.35 0.43 36.18
C2 ACI E . 13.95 1.68 36.94
C3 ACI E . 15.11 2.16 37.79
C4 ACI E . 15.33 1.16 38.92
C5 ACI E . 15.57 -0.25 38.38
C6 ACI E . 16.37 -1.32 39.13
C7 ACI E . 15.07 -0.61 37.09
N1 ACI E . 15.14 0.81 35.01
O2 ACI E . 13.60 2.71 36.01
O3 ACI E . 14.80 3.42 38.33
O4 ACI E . 16.44 1.58 39.73
O6 ACI E . 17.44 -0.73 39.87
CA CA F . 1.86 12.39 49.80
CA CA G . 14.07 -12.56 34.50
C1 ACI H . -7.49 15.49 -42.40
C2 ACI H . -6.39 15.87 -43.43
C3 ACI H . -6.35 17.37 -43.75
C4 ACI H . -7.74 17.77 -44.22
C5 ACI H . -8.68 17.71 -43.04
C6 ACI H . -9.72 18.79 -42.72
C7 ACI H . -8.56 16.61 -42.15
N1 ACI H . -6.89 15.10 -41.13
O2 ACI H . -5.12 15.48 -42.94
O3 ACI H . -5.41 17.64 -44.78
O4 ACI H . -7.71 19.08 -44.77
O6 ACI H . -10.33 19.25 -43.92
CA CA I . 7.02 -2.22 -51.02
CA CA J . -17.73 8.46 -33.93
#